data_4HSJ
# 
_entry.id   4HSJ 
# 
_audit_conform.dict_name       mmcif_pdbx.dic 
_audit_conform.dict_version    5.379 
_audit_conform.dict_location   http://mmcif.pdb.org/dictionaries/ascii/mmcif_pdbx.dic 
# 
loop_
_database_2.database_id 
_database_2.database_code 
_database_2.pdbx_database_accession 
_database_2.pdbx_DOI 
PDB   4HSJ         pdb_00004hsj 10.2210/pdb4hsj/pdb 
RCSB  RCSB075866   ?            ?                   
WWPDB D_1000075866 ?            ?                   
# 
loop_
_pdbx_database_related.db_name 
_pdbx_database_related.db_id 
_pdbx_database_related.details 
_pdbx_database_related.content_type 
PDB 4HSK . unspecified 
PDB 4HSL . unspecified 
PDB 4HSM . unspecified 
# 
_pdbx_database_status.entry_id                        4HSJ 
_pdbx_database_status.deposit_site                    RCSB 
_pdbx_database_status.process_site                    RCSB 
_pdbx_database_status.recvd_initial_deposition_date   2012-10-30 
_pdbx_database_status.status_code                     REL 
_pdbx_database_status.status_code_sf                  REL 
_pdbx_database_status.status_code_mr                  ? 
_pdbx_database_status.SG_entry                        ? 
_pdbx_database_status.status_code_cs                  ? 
_pdbx_database_status.methods_development_category    ? 
_pdbx_database_status.pdb_format_compatible           Y 
_pdbx_database_status.status_code_nmr_data            ? 
# 
loop_
_audit_author.name 
_audit_author.pdbx_ordinal 
'Liu, F.'     1 
'Chen, L.'    2 
'Davis, C.I.' 3 
'Liu, A.'     4 
# 
_citation.id                        primary 
_citation.title                     'An Iron Reservoir to the Catalytic Metal: THE RUBREDOXIN IRON IN AN EXTRADIOL DIOXYGENASE.' 
_citation.journal_abbrev            J.Biol.Chem. 
_citation.journal_volume            290 
_citation.page_first                15621 
_citation.page_last                 15634 
_citation.year                      2015 
_citation.journal_id_ASTM           JBCHA3 
_citation.country                   US 
_citation.journal_id_ISSN           0021-9258 
_citation.journal_id_CSD            0071 
_citation.book_publisher            ? 
_citation.pdbx_database_id_PubMed   25918158 
_citation.pdbx_database_id_DOI      10.1074/jbc.M115.650259 
# 
loop_
_citation_author.citation_id 
_citation_author.name 
_citation_author.ordinal 
_citation_author.identifier_ORCID 
primary 'Liu, F.'       1 ? 
primary 'Geng, J.'      2 ? 
primary 'Gumpper, R.H.' 3 ? 
primary 'Barman, A.'    4 ? 
primary 'Davis, I.'     5 ? 
primary 'Ozarowski, A.' 6 ? 
primary 'Hamelberg, D.' 7 ? 
primary 'Liu, A.'       8 ? 
# 
_cell.length_a           58.585 
_cell.length_b           58.585 
_cell.length_c           230.974 
_cell.angle_alpha        90.000 
_cell.angle_beta         90.000 
_cell.angle_gamma        120.000 
_cell.entry_id           4HSJ 
_cell.pdbx_unique_axis   ? 
_cell.Z_PDB              12 
_cell.length_a_esd       ? 
_cell.length_b_esd       ? 
_cell.length_c_esd       ? 
_cell.angle_alpha_esd    ? 
_cell.angle_beta_esd     ? 
_cell.angle_gamma_esd    ? 
# 
_symmetry.space_group_name_H-M             'P 65 2 2' 
_symmetry.entry_id                         4HSJ 
_symmetry.pdbx_full_space_group_name_H-M   ? 
_symmetry.Int_Tables_number                179 
_symmetry.cell_setting                     ? 
_symmetry.space_group_name_Hall            ? 
# 
loop_
_entity.id 
_entity.type 
_entity.src_method 
_entity.pdbx_description 
_entity.formula_weight 
_entity.pdbx_number_of_molecules 
_entity.pdbx_ec 
_entity.pdbx_mutation 
_entity.pdbx_fragment 
_entity.details 
1 polymer     man '3-hydroxyanthranilate 3,4-dioxygenase' 20056.635 1   1.13.11.6 ? ? ? 
2 non-polymer syn 'FE (II) ION'                           55.845    2   ?         ? ? ? 
3 non-polymer syn 'PYRIDINE-2-CARBOXYLIC ACID'            123.109   1   ?         ? ? ? 
4 water       nat water                                   18.015    139 ?         ? ? ? 
# 
_entity_name_com.entity_id   1 
_entity_name_com.name        '3-hydroxyanthranilate oxygenase, 3-HAO, 3-hydroxyanthranilic acid dioxygenase, HAD' 
# 
_entity_poly.entity_id                      1 
_entity_poly.type                           'polypeptide(L)' 
_entity_poly.nstd_linkage                   no 
_entity_poly.nstd_monomer                   no 
_entity_poly.pdbx_seq_one_letter_code       
;MLTYGAPFNFPRWIDEHAHLLKPPVGNRQVWQDSDFIVTVVGGPNHRTDYHDDPLEEFFYQLRGNAYLNLWVDGRRERAD
LKEGDIFLLPPHVRHSPQRPEAGSACLVIERQRPAGMLDGFEWYCDACGHLVHRVEVQLKSIVTDLPPLFESFYASEDKR
RCPHCGQVHPGRAA
;
_entity_poly.pdbx_seq_one_letter_code_can   
;MLTYGAPFNFPRWIDEHAHLLKPPVGNRQVWQDSDFIVTVVGGPNHRTDYHDDPLEEFFYQLRGNAYLNLWVDGRRERAD
LKEGDIFLLPPHVRHSPQRPEAGSACLVIERQRPAGMLDGFEWYCDACGHLVHRVEVQLKSIVTDLPPLFESFYASEDKR
RCPHCGQVHPGRAA
;
_entity_poly.pdbx_strand_id                 A 
_entity_poly.pdbx_target_identifier         ? 
# 
loop_
_entity_poly_seq.entity_id 
_entity_poly_seq.num 
_entity_poly_seq.mon_id 
_entity_poly_seq.hetero 
1 1   MET n 
1 2   LEU n 
1 3   THR n 
1 4   TYR n 
1 5   GLY n 
1 6   ALA n 
1 7   PRO n 
1 8   PHE n 
1 9   ASN n 
1 10  PHE n 
1 11  PRO n 
1 12  ARG n 
1 13  TRP n 
1 14  ILE n 
1 15  ASP n 
1 16  GLU n 
1 17  HIS n 
1 18  ALA n 
1 19  HIS n 
1 20  LEU n 
1 21  LEU n 
1 22  LYS n 
1 23  PRO n 
1 24  PRO n 
1 25  VAL n 
1 26  GLY n 
1 27  ASN n 
1 28  ARG n 
1 29  GLN n 
1 30  VAL n 
1 31  TRP n 
1 32  GLN n 
1 33  ASP n 
1 34  SER n 
1 35  ASP n 
1 36  PHE n 
1 37  ILE n 
1 38  VAL n 
1 39  THR n 
1 40  VAL n 
1 41  VAL n 
1 42  GLY n 
1 43  GLY n 
1 44  PRO n 
1 45  ASN n 
1 46  HIS n 
1 47  ARG n 
1 48  THR n 
1 49  ASP n 
1 50  TYR n 
1 51  HIS n 
1 52  ASP n 
1 53  ASP n 
1 54  PRO n 
1 55  LEU n 
1 56  GLU n 
1 57  GLU n 
1 58  PHE n 
1 59  PHE n 
1 60  TYR n 
1 61  GLN n 
1 62  LEU n 
1 63  ARG n 
1 64  GLY n 
1 65  ASN n 
1 66  ALA n 
1 67  TYR n 
1 68  LEU n 
1 69  ASN n 
1 70  LEU n 
1 71  TRP n 
1 72  VAL n 
1 73  ASP n 
1 74  GLY n 
1 75  ARG n 
1 76  ARG n 
1 77  GLU n 
1 78  ARG n 
1 79  ALA n 
1 80  ASP n 
1 81  LEU n 
1 82  LYS n 
1 83  GLU n 
1 84  GLY n 
1 85  ASP n 
1 86  ILE n 
1 87  PHE n 
1 88  LEU n 
1 89  LEU n 
1 90  PRO n 
1 91  PRO n 
1 92  HIS n 
1 93  VAL n 
1 94  ARG n 
1 95  HIS n 
1 96  SER n 
1 97  PRO n 
1 98  GLN n 
1 99  ARG n 
1 100 PRO n 
1 101 GLU n 
1 102 ALA n 
1 103 GLY n 
1 104 SER n 
1 105 ALA n 
1 106 CYS n 
1 107 LEU n 
1 108 VAL n 
1 109 ILE n 
1 110 GLU n 
1 111 ARG n 
1 112 GLN n 
1 113 ARG n 
1 114 PRO n 
1 115 ALA n 
1 116 GLY n 
1 117 MET n 
1 118 LEU n 
1 119 ASP n 
1 120 GLY n 
1 121 PHE n 
1 122 GLU n 
1 123 TRP n 
1 124 TYR n 
1 125 CYS n 
1 126 ASP n 
1 127 ALA n 
1 128 CYS n 
1 129 GLY n 
1 130 HIS n 
1 131 LEU n 
1 132 VAL n 
1 133 HIS n 
1 134 ARG n 
1 135 VAL n 
1 136 GLU n 
1 137 VAL n 
1 138 GLN n 
1 139 LEU n 
1 140 LYS n 
1 141 SER n 
1 142 ILE n 
1 143 VAL n 
1 144 THR n 
1 145 ASP n 
1 146 LEU n 
1 147 PRO n 
1 148 PRO n 
1 149 LEU n 
1 150 PHE n 
1 151 GLU n 
1 152 SER n 
1 153 PHE n 
1 154 TYR n 
1 155 ALA n 
1 156 SER n 
1 157 GLU n 
1 158 ASP n 
1 159 LYS n 
1 160 ARG n 
1 161 ARG n 
1 162 CYS n 
1 163 PRO n 
1 164 HIS n 
1 165 CYS n 
1 166 GLY n 
1 167 GLN n 
1 168 VAL n 
1 169 HIS n 
1 170 PRO n 
1 171 GLY n 
1 172 ARG n 
1 173 ALA n 
1 174 ALA n 
# 
_entity_src_gen.entity_id                          1 
_entity_src_gen.pdbx_src_id                        1 
_entity_src_gen.pdbx_alt_source_flag               sample 
_entity_src_gen.pdbx_seq_type                      ? 
_entity_src_gen.pdbx_beg_seq_num                   ? 
_entity_src_gen.pdbx_end_seq_num                   ? 
_entity_src_gen.gene_src_common_name               ? 
_entity_src_gen.gene_src_genus                     ? 
_entity_src_gen.pdbx_gene_src_gene                 'nbaC, Ralstonia metallidurans, Rmet_5193' 
_entity_src_gen.gene_src_species                   ? 
_entity_src_gen.gene_src_strain                    'CH34 / ATCC 43123 / DSM 2839' 
_entity_src_gen.gene_src_tissue                    ? 
_entity_src_gen.gene_src_tissue_fraction           ? 
_entity_src_gen.gene_src_details                   ? 
_entity_src_gen.pdbx_gene_src_fragment             ? 
_entity_src_gen.pdbx_gene_src_scientific_name      'Cupriavidus metallidurans' 
_entity_src_gen.pdbx_gene_src_ncbi_taxonomy_id     266264 
_entity_src_gen.pdbx_gene_src_variant              ? 
_entity_src_gen.pdbx_gene_src_cell_line            ? 
_entity_src_gen.pdbx_gene_src_atcc                 ? 
_entity_src_gen.pdbx_gene_src_organ                ? 
_entity_src_gen.pdbx_gene_src_organelle            ? 
_entity_src_gen.pdbx_gene_src_cell                 ? 
_entity_src_gen.pdbx_gene_src_cellular_location    ? 
_entity_src_gen.host_org_common_name               ? 
_entity_src_gen.pdbx_host_org_scientific_name      'Escherichia coli' 
_entity_src_gen.pdbx_host_org_ncbi_taxonomy_id     511693 
_entity_src_gen.host_org_genus                     ? 
_entity_src_gen.pdbx_host_org_gene                 ? 
_entity_src_gen.pdbx_host_org_organ                ? 
_entity_src_gen.host_org_species                   ? 
_entity_src_gen.pdbx_host_org_tissue               ? 
_entity_src_gen.pdbx_host_org_tissue_fraction      ? 
_entity_src_gen.pdbx_host_org_strain               'BL21 (DH5 alpha)' 
_entity_src_gen.pdbx_host_org_variant              ? 
_entity_src_gen.pdbx_host_org_cell_line            ? 
_entity_src_gen.pdbx_host_org_atcc                 ? 
_entity_src_gen.pdbx_host_org_culture_collection   ? 
_entity_src_gen.pdbx_host_org_cell                 ? 
_entity_src_gen.pdbx_host_org_organelle            ? 
_entity_src_gen.pdbx_host_org_cellular_location    ? 
_entity_src_gen.pdbx_host_org_vector_type          plasmid 
_entity_src_gen.pdbx_host_org_vector               ? 
_entity_src_gen.host_org_details                   ? 
_entity_src_gen.expression_system_id               ? 
_entity_src_gen.plasmid_name                       ? 
_entity_src_gen.plasmid_details                    ? 
_entity_src_gen.pdbx_description                   ? 
# 
_struct_ref.id                         1 
_struct_ref.db_name                    UNP 
_struct_ref.db_code                    3HAO_RALME 
_struct_ref.pdbx_db_accession          Q1LCS4 
_struct_ref.entity_id                  1 
_struct_ref.pdbx_seq_one_letter_code   
;MLTYGAPFNFPRWIDEHAHLLKPPVGNRQVWQDSDFIVTVVGGPNHRTDYHDDPLEEFFYQLRGNAYLNLWVDGRRERAD
LKEGDIFLLPPHVRHSPQRPEAGSACLVIERQRPAGMLDGFEWYCDACGHLVHRVEVQLKSIVTDLPPLFESFYASEDKR
RCPHCGQVHPGRAA
;
_struct_ref.pdbx_align_begin           1 
_struct_ref.pdbx_db_isoform            ? 
# 
_struct_ref_seq.align_id                      1 
_struct_ref_seq.ref_id                        1 
_struct_ref_seq.pdbx_PDB_id_code              4HSJ 
_struct_ref_seq.pdbx_strand_id                A 
_struct_ref_seq.seq_align_beg                 1 
_struct_ref_seq.pdbx_seq_align_beg_ins_code   ? 
_struct_ref_seq.seq_align_end                 174 
_struct_ref_seq.pdbx_seq_align_end_ins_code   ? 
_struct_ref_seq.pdbx_db_accession             Q1LCS4 
_struct_ref_seq.db_align_beg                  1 
_struct_ref_seq.pdbx_db_align_beg_ins_code    ? 
_struct_ref_seq.db_align_end                  174 
_struct_ref_seq.pdbx_db_align_end_ins_code    ? 
_struct_ref_seq.pdbx_auth_seq_align_beg       1 
_struct_ref_seq.pdbx_auth_seq_align_end       174 
# 
loop_
_chem_comp.id 
_chem_comp.type 
_chem_comp.mon_nstd_flag 
_chem_comp.name 
_chem_comp.pdbx_synonyms 
_chem_comp.formula 
_chem_comp.formula_weight 
6PC non-polymer         . 'PYRIDINE-2-CARBOXYLIC ACID' 'PICOLINIC ACID' 'C6 H5 N O2'     123.109 
ALA 'L-peptide linking' y ALANINE                      ?                'C3 H7 N O2'     89.093  
ARG 'L-peptide linking' y ARGININE                     ?                'C6 H15 N4 O2 1' 175.209 
ASN 'L-peptide linking' y ASPARAGINE                   ?                'C4 H8 N2 O3'    132.118 
ASP 'L-peptide linking' y 'ASPARTIC ACID'              ?                'C4 H7 N O4'     133.103 
CYS 'L-peptide linking' y CYSTEINE                     ?                'C3 H7 N O2 S'   121.158 
FE2 non-polymer         . 'FE (II) ION'                ?                'Fe 2'           55.845  
GLN 'L-peptide linking' y GLUTAMINE                    ?                'C5 H10 N2 O3'   146.144 
GLU 'L-peptide linking' y 'GLUTAMIC ACID'              ?                'C5 H9 N O4'     147.129 
GLY 'peptide linking'   y GLYCINE                      ?                'C2 H5 N O2'     75.067  
HIS 'L-peptide linking' y HISTIDINE                    ?                'C6 H10 N3 O2 1' 156.162 
HOH non-polymer         . WATER                        ?                'H2 O'           18.015  
ILE 'L-peptide linking' y ISOLEUCINE                   ?                'C6 H13 N O2'    131.173 
LEU 'L-peptide linking' y LEUCINE                      ?                'C6 H13 N O2'    131.173 
LYS 'L-peptide linking' y LYSINE                       ?                'C6 H15 N2 O2 1' 147.195 
MET 'L-peptide linking' y METHIONINE                   ?                'C5 H11 N O2 S'  149.211 
PHE 'L-peptide linking' y PHENYLALANINE                ?                'C9 H11 N O2'    165.189 
PRO 'L-peptide linking' y PROLINE                      ?                'C5 H9 N O2'     115.130 
SER 'L-peptide linking' y SERINE                       ?                'C3 H7 N O3'     105.093 
THR 'L-peptide linking' y THREONINE                    ?                'C4 H9 N O3'     119.119 
TRP 'L-peptide linking' y TRYPTOPHAN                   ?                'C11 H12 N2 O2'  204.225 
TYR 'L-peptide linking' y TYROSINE                     ?                'C9 H11 N O3'    181.189 
VAL 'L-peptide linking' y VALINE                       ?                'C5 H11 N O2'    117.146 
# 
_exptl.crystals_number   1 
_exptl.entry_id          4HSJ 
_exptl.method            'X-RAY DIFFRACTION' 
# 
_exptl_crystal.id                    1 
_exptl_crystal.density_Matthews      2.85 
_exptl_crystal.density_meas          ? 
_exptl_crystal.density_percent_sol   56.88 
_exptl_crystal.description           ? 
_exptl_crystal.F_000                 ? 
_exptl_crystal.preparation           ? 
# 
_exptl_crystal_grow.crystal_id      1 
_exptl_crystal_grow.method          'VAPOR DIFFUSION, HANGING DROP' 
_exptl_crystal_grow.pH              9.0 
_exptl_crystal_grow.temp            291 
_exptl_crystal_grow.temp_details    ? 
_exptl_crystal_grow.pdbx_details    'PEG 8000, 0.1M Tris-HCL , pH 9.0, VAPOR DIFFUSION, HANGING DROP, temperature 291K' 
_exptl_crystal_grow.pdbx_pH_range   ? 
# 
_diffrn.id                     1 
_diffrn.ambient_temp           100 
_diffrn.ambient_temp_details   ? 
_diffrn.crystal_id             1 
# 
_diffrn_detector.diffrn_id              1 
_diffrn_detector.detector               CCD 
_diffrn_detector.type                   'MARMOSAIC 300 mm CCD' 
_diffrn_detector.pdbx_collection_date   2012-10-24 
_diffrn_detector.details                ? 
# 
_diffrn_radiation.diffrn_id                        1 
_diffrn_radiation.wavelength_id                    1 
_diffrn_radiation.pdbx_diffrn_protocol             'SINGLE WAVELENGTH' 
_diffrn_radiation.monochromator                    ? 
_diffrn_radiation.pdbx_monochromatic_or_laue_m_l   M 
_diffrn_radiation.pdbx_scattering_type             x-ray 
# 
_diffrn_radiation_wavelength.id           1 
_diffrn_radiation_wavelength.wavelength   1.0 
_diffrn_radiation_wavelength.wt           1.0 
# 
_diffrn_source.diffrn_id                   1 
_diffrn_source.source                      SYNCHROTRON 
_diffrn_source.type                        'APS BEAMLINE 22-ID' 
_diffrn_source.pdbx_wavelength             ? 
_diffrn_source.pdbx_wavelength_list        1.0 
_diffrn_source.pdbx_synchrotron_site       APS 
_diffrn_source.pdbx_synchrotron_beamline   22-ID 
# 
_reflns.entry_id                     4HSJ 
_reflns.observed_criterion_sigma_F   0.0 
_reflns.observed_criterion_sigma_I   0.0 
_reflns.d_resolution_high            1.88 
_reflns.d_resolution_low             50 
_reflns.number_all                   20174 
_reflns.number_obs                   19992 
_reflns.percent_possible_obs         99.1 
_reflns.pdbx_Rmerge_I_obs            ? 
_reflns.pdbx_Rsym_value              0.065 
_reflns.pdbx_netI_over_sigmaI        78.88 
_reflns.B_iso_Wilson_estimate        ? 
_reflns.pdbx_redundancy              28.3 
_reflns.R_free_details               ? 
_reflns.limit_h_max                  ? 
_reflns.limit_h_min                  ? 
_reflns.limit_k_max                  ? 
_reflns.limit_k_min                  ? 
_reflns.limit_l_max                  ? 
_reflns.limit_l_min                  ? 
_reflns.observed_criterion_F_max     ? 
_reflns.observed_criterion_F_min     ? 
_reflns.pdbx_chi_squared             ? 
_reflns.pdbx_scaling_rejects         ? 
_reflns.pdbx_ordinal                 1 
_reflns.pdbx_diffrn_id               1 
# 
_reflns_shell.d_res_high             1.88 
_reflns_shell.d_res_low              1.91 
_reflns_shell.percent_possible_obs   ? 
_reflns_shell.percent_possible_all   90.3 
_reflns_shell.Rmerge_I_obs           ? 
_reflns_shell.meanI_over_sigI_obs    ? 
_reflns_shell.pdbx_Rsym_value        ? 
_reflns_shell.pdbx_redundancy        ? 
_reflns_shell.number_unique_all      ? 
_reflns_shell.number_measured_all    ? 
_reflns_shell.number_measured_obs    ? 
_reflns_shell.number_unique_obs      ? 
_reflns_shell.pdbx_chi_squared       ? 
_reflns_shell.pdbx_ordinal           1 
_reflns_shell.pdbx_diffrn_id         1 
# 
_refine.entry_id                                 4HSJ 
_refine.ls_d_res_high                            1.8830 
_refine.ls_d_res_low                             30.6670 
_refine.pdbx_ls_sigma_F                          1.350 
_refine.pdbx_data_cutoff_high_absF               ? 
_refine.pdbx_data_cutoff_low_absF                ? 
_refine.ls_percent_reflns_obs                    99.2900 
_refine.ls_number_reflns_obs                     19913 
_refine.ls_number_reflns_all                     20055 
_refine.pdbx_ls_cross_valid_method               ? 
_refine.pdbx_R_Free_selection_details            RANDOM 
_refine.details                                  ? 
_refine.ls_R_factor_all                          ? 
_refine.ls_R_factor_obs                          0.2087 
_refine.ls_R_factor_R_work                       0.2064 
_refine.ls_wR_factor_R_work                      ? 
_refine.ls_R_factor_R_free                       0.2524 
_refine.ls_wR_factor_R_free                      ? 
_refine.ls_percent_reflns_R_free                 5.1100 
_refine.ls_number_reflns_R_free                  1018 
_refine.ls_R_factor_R_free_error                 ? 
_refine.B_iso_mean                               28.7514 
_refine.solvent_model_param_bsol                 35.3940 
_refine.solvent_model_param_ksol                 0.3530 
_refine.pdbx_isotropic_thermal_model             ? 
_refine.aniso_B[1][1]                            1.0104 
_refine.aniso_B[2][2]                            1.0104 
_refine.aniso_B[3][3]                            -2.0208 
_refine.aniso_B[1][2]                            -0.0000 
_refine.aniso_B[1][3]                            -0.0000 
_refine.aniso_B[2][3]                            -0.0000 
_refine.correlation_coeff_Fo_to_Fc               ? 
_refine.correlation_coeff_Fo_to_Fc_free          ? 
_refine.overall_SU_R_Cruickshank_DPI             ? 
_refine.overall_SU_R_free                        ? 
_refine.pdbx_overall_ESU_R                       ? 
_refine.pdbx_overall_ESU_R_Free                  ? 
_refine.overall_SU_ML                            0.2300 
_refine.overall_SU_B                             ? 
_refine.solvent_model_details                    'FLAT BULK SOLVENT MODEL' 
_refine.pdbx_solvent_vdw_probe_radii             1.0000 
_refine.pdbx_solvent_ion_probe_radii             ? 
_refine.pdbx_solvent_shrinkage_radii             0.7300 
_refine.ls_number_parameters                     ? 
_refine.ls_number_restraints                     ? 
_refine.pdbx_starting_model                      1YFU 
_refine.pdbx_method_to_determine_struct          'MOLECULAR REPLACEMENT' 
_refine.pdbx_stereochemistry_target_values       ML 
_refine.pdbx_stereochem_target_val_spec_case     ? 
_refine.overall_FOM_work_R_set                   ? 
_refine.B_iso_max                                86.170 
_refine.B_iso_min                                14.540 
_refine.pdbx_overall_phase_error                 21.5800 
_refine.occupancy_max                            1.000 
_refine.occupancy_min                            1.000 
_refine.pdbx_ls_sigma_I                          ? 
_refine.ls_redundancy_reflns_obs                 ? 
_refine.ls_R_factor_R_free_error_details         ? 
_refine.pdbx_data_cutoff_high_rms_absF           ? 
_refine.overall_FOM_free_R_set                   ? 
_refine.pdbx_diffrn_id                           1 
_refine.pdbx_refine_id                           'X-RAY DIFFRACTION' 
_refine.pdbx_TLS_residual_ADP_flag               ? 
_refine.pdbx_overall_SU_R_free_Cruickshank_DPI   ? 
_refine.pdbx_overall_SU_R_Blow_DPI               ? 
_refine.pdbx_overall_SU_R_free_Blow_DPI          ? 
# 
_refine_hist.pdbx_refine_id                   'X-RAY DIFFRACTION' 
_refine_hist.cycle_id                         LAST 
_refine_hist.pdbx_number_atoms_protein        1409 
_refine_hist.pdbx_number_atoms_nucleic_acid   0 
_refine_hist.pdbx_number_atoms_ligand         11 
_refine_hist.number_atoms_solvent             139 
_refine_hist.number_atoms_total               1559 
_refine_hist.d_res_high                       1.8830 
_refine_hist.d_res_low                        30.6670 
# 
loop_
_refine_ls_restr.type 
_refine_ls_restr.dev_ideal 
_refine_ls_restr.dev_ideal_target 
_refine_ls_restr.number 
_refine_ls_restr.weight 
_refine_ls_restr.pdbx_restraint_function 
_refine_ls_restr.pdbx_refine_id 
f_bond_d             0.019 ? ? ? ? 'X-RAY DIFFRACTION' 
f_angle_d            1.255 ? ? ? ? 'X-RAY DIFFRACTION' 
f_chiral_restr       0.018 ? ? ? ? 'X-RAY DIFFRACTION' 
f_gen_planes_refined 0.006 ? ? ? ? 'X-RAY DIFFRACTION' 
# 
_struct.entry_id                  4HSJ 
_struct.title                     '1.88 angstrom x-ray crystal structure of piconlinic-bound 3-hydroxyanthranilate-3,4-dioxygenase' 
_struct.pdbx_model_details        ? 
_struct.pdbx_CASP_flag            ? 
_struct.pdbx_model_type_details   ? 
# 
_struct_keywords.entry_id        4HSJ 
_struct_keywords.pdbx_keywords   'Oxidoreductase/Oxidoreductase inhibitor' 
_struct_keywords.text            'bi-cupin, dioxygenase, OXIDOREDUCTASE, Oxidoreductase-Oxidoreductase inhibitor complex' 
# 
loop_
_struct_asym.id 
_struct_asym.pdbx_blank_PDB_chainid_flag 
_struct_asym.pdbx_modified 
_struct_asym.entity_id 
_struct_asym.details 
A N N 1 ? 
B N N 2 ? 
C N N 2 ? 
D N N 3 ? 
E N N 4 ? 
# 
_struct_biol.id        1 
_struct_biol.details   ? 
# 
loop_
_struct_conf.conf_type_id 
_struct_conf.id 
_struct_conf.pdbx_PDB_helix_id 
_struct_conf.beg_label_comp_id 
_struct_conf.beg_label_asym_id 
_struct_conf.beg_label_seq_id 
_struct_conf.pdbx_beg_PDB_ins_code 
_struct_conf.end_label_comp_id 
_struct_conf.end_label_asym_id 
_struct_conf.end_label_seq_id 
_struct_conf.pdbx_end_PDB_ins_code 
_struct_conf.beg_auth_comp_id 
_struct_conf.beg_auth_asym_id 
_struct_conf.beg_auth_seq_id 
_struct_conf.end_auth_comp_id 
_struct_conf.end_auth_asym_id 
_struct_conf.end_auth_seq_id 
_struct_conf.pdbx_PDB_helix_class 
_struct_conf.details 
_struct_conf.pdbx_PDB_helix_length 
HELX_P HELX_P1 1 ASN A 9   ? HIS A 17  ? ASN A 9   HIS A 17  1 ? 9  
HELX_P HELX_P2 2 ALA A 18  ? LEU A 21  ? ALA A 18  LEU A 21  5 ? 4  
HELX_P HELX_P3 3 SER A 141 ? LEU A 146 ? SER A 141 LEU A 146 1 ? 6  
HELX_P HELX_P4 4 LEU A 146 ? ALA A 155 ? LEU A 146 ALA A 155 1 ? 10 
HELX_P HELX_P5 5 SER A 156 ? ARG A 161 ? SER A 156 ARG A 161 1 ? 6  
# 
_struct_conf_type.id          HELX_P 
_struct_conf_type.criteria    ? 
_struct_conf_type.reference   ? 
# 
loop_
_struct_conn.id 
_struct_conn.conn_type_id 
_struct_conn.pdbx_leaving_atom_flag 
_struct_conn.pdbx_PDB_id 
_struct_conn.ptnr1_label_asym_id 
_struct_conn.ptnr1_label_comp_id 
_struct_conn.ptnr1_label_seq_id 
_struct_conn.ptnr1_label_atom_id 
_struct_conn.pdbx_ptnr1_label_alt_id 
_struct_conn.pdbx_ptnr1_PDB_ins_code 
_struct_conn.pdbx_ptnr1_standard_comp_id 
_struct_conn.ptnr1_symmetry 
_struct_conn.ptnr2_label_asym_id 
_struct_conn.ptnr2_label_comp_id 
_struct_conn.ptnr2_label_seq_id 
_struct_conn.ptnr2_label_atom_id 
_struct_conn.pdbx_ptnr2_label_alt_id 
_struct_conn.pdbx_ptnr2_PDB_ins_code 
_struct_conn.ptnr1_auth_asym_id 
_struct_conn.ptnr1_auth_comp_id 
_struct_conn.ptnr1_auth_seq_id 
_struct_conn.ptnr2_auth_asym_id 
_struct_conn.ptnr2_auth_comp_id 
_struct_conn.ptnr2_auth_seq_id 
_struct_conn.ptnr2_symmetry 
_struct_conn.pdbx_ptnr3_label_atom_id 
_struct_conn.pdbx_ptnr3_label_seq_id 
_struct_conn.pdbx_ptnr3_label_comp_id 
_struct_conn.pdbx_ptnr3_label_asym_id 
_struct_conn.pdbx_ptnr3_label_alt_id 
_struct_conn.pdbx_ptnr3_PDB_ins_code 
_struct_conn.details 
_struct_conn.pdbx_dist_value 
_struct_conn.pdbx_value_order 
_struct_conn.pdbx_role 
metalc1  metalc ? ? A HIS 51  ND1 ? ? ? 1_555 B FE2 . FE ? ? A HIS 51  A FE2 201 1_555 ? ? ? ? ? ? ? 2.111 ? ? 
metalc2  metalc ? ? A GLU 57  OE2 ? ? ? 1_555 B FE2 . FE ? ? A GLU 57  A FE2 201 1_555 ? ? ? ? ? ? ? 2.056 ? ? 
metalc3  metalc ? ? A GLU 57  OE1 ? ? ? 1_555 B FE2 . FE ? ? A GLU 57  A FE2 201 1_555 ? ? ? ? ? ? ? 2.642 ? ? 
metalc4  metalc ? ? A HIS 95  NE2 ? ? ? 1_555 B FE2 . FE ? ? A HIS 95  A FE2 201 1_555 ? ? ? ? ? ? ? 2.111 ? ? 
metalc5  metalc ? ? A CYS 125 SG  ? ? ? 1_555 C FE2 . FE ? ? A CYS 125 A FE2 202 1_555 ? ? ? ? ? ? ? 2.272 ? ? 
metalc6  metalc ? ? A CYS 128 SG  ? ? ? 1_555 C FE2 . FE ? ? A CYS 128 A FE2 202 1_555 ? ? ? ? ? ? ? 2.222 ? ? 
metalc7  metalc ? ? A CYS 162 SG  ? ? ? 1_555 C FE2 . FE ? ? A CYS 162 A FE2 202 1_555 ? ? ? ? ? ? ? 2.298 ? ? 
metalc8  metalc ? ? A CYS 165 SG  ? ? ? 1_555 C FE2 . FE ? ? A CYS 165 A FE2 202 1_555 ? ? ? ? ? ? ? 2.351 ? ? 
metalc9  metalc ? ? B FE2 .   FE  ? ? ? 1_555 D 6PC . N2 ? ? A FE2 201 A 6PC 203 1_555 ? ? ? ? ? ? ? 2.429 ? ? 
metalc10 metalc ? ? B FE2 .   FE  ? ? ? 1_555 D 6PC . O2 ? ? A FE2 201 A 6PC 203 1_555 ? ? ? ? ? ? ? 2.790 ? ? 
# 
_struct_conn_type.id          metalc 
_struct_conn_type.criteria    ? 
_struct_conn_type.reference   ? 
# 
loop_
_struct_mon_prot_cis.pdbx_id 
_struct_mon_prot_cis.label_comp_id 
_struct_mon_prot_cis.label_seq_id 
_struct_mon_prot_cis.label_asym_id 
_struct_mon_prot_cis.label_alt_id 
_struct_mon_prot_cis.pdbx_PDB_ins_code 
_struct_mon_prot_cis.auth_comp_id 
_struct_mon_prot_cis.auth_seq_id 
_struct_mon_prot_cis.auth_asym_id 
_struct_mon_prot_cis.pdbx_label_comp_id_2 
_struct_mon_prot_cis.pdbx_label_seq_id_2 
_struct_mon_prot_cis.pdbx_label_asym_id_2 
_struct_mon_prot_cis.pdbx_PDB_ins_code_2 
_struct_mon_prot_cis.pdbx_auth_comp_id_2 
_struct_mon_prot_cis.pdbx_auth_seq_id_2 
_struct_mon_prot_cis.pdbx_auth_asym_id_2 
_struct_mon_prot_cis.pdbx_PDB_model_num 
_struct_mon_prot_cis.pdbx_omega_angle 
1 PRO 23 A . ? PRO 23 A PRO 24 A ? PRO 24 A 1 4.41 
2 GLY 43 A . ? GLY 43 A PRO 44 A ? PRO 44 A 1 3.94 
# 
loop_
_struct_sheet.id 
_struct_sheet.type 
_struct_sheet.number_strands 
_struct_sheet.details 
A ? 5 ? 
B ? 3 ? 
C ? 3 ? 
# 
loop_
_struct_sheet_order.sheet_id 
_struct_sheet_order.range_id_1 
_struct_sheet_order.range_id_2 
_struct_sheet_order.offset 
_struct_sheet_order.sense 
A 1 2 ? anti-parallel 
A 2 3 ? anti-parallel 
A 3 4 ? anti-parallel 
A 4 5 ? anti-parallel 
B 1 2 ? anti-parallel 
B 2 3 ? anti-parallel 
C 1 2 ? anti-parallel 
C 2 3 ? anti-parallel 
# 
loop_
_struct_sheet_range.sheet_id 
_struct_sheet_range.id 
_struct_sheet_range.beg_label_comp_id 
_struct_sheet_range.beg_label_asym_id 
_struct_sheet_range.beg_label_seq_id 
_struct_sheet_range.pdbx_beg_PDB_ins_code 
_struct_sheet_range.end_label_comp_id 
_struct_sheet_range.end_label_asym_id 
_struct_sheet_range.end_label_seq_id 
_struct_sheet_range.pdbx_end_PDB_ins_code 
_struct_sheet_range.beg_auth_comp_id 
_struct_sheet_range.beg_auth_asym_id 
_struct_sheet_range.beg_auth_seq_id 
_struct_sheet_range.end_auth_comp_id 
_struct_sheet_range.end_auth_asym_id 
_struct_sheet_range.end_auth_seq_id 
A 1 ASN A 27  ? GLN A 29  ? ASN A 27  GLN A 29  
A 2 PHE A 36  ? VAL A 41  ? PHE A 36  VAL A 41  
A 3 ALA A 105 ? ARG A 111 ? ALA A 105 ARG A 111 
A 4 GLU A 57  ? ARG A 63  ? GLU A 57  ARG A 63  
A 5 ILE A 86  ? LEU A 89  ? ILE A 86  LEU A 89  
B 1 TYR A 50  ? ASP A 52  ? TYR A 50  ASP A 52  
B 2 ASP A 119 ? TYR A 124 ? ASP A 119 TYR A 124 
B 3 LEU A 131 ? VAL A 137 ? LEU A 131 VAL A 137 
C 1 ARG A 75  ? LEU A 81  ? ARG A 75  LEU A 81  
C 2 ALA A 66  ? VAL A 72  ? ALA A 66  VAL A 72  
C 3 HIS A 95  ? GLN A 98  ? HIS A 95  GLN A 98  
# 
loop_
_pdbx_struct_sheet_hbond.sheet_id 
_pdbx_struct_sheet_hbond.range_id_1 
_pdbx_struct_sheet_hbond.range_id_2 
_pdbx_struct_sheet_hbond.range_1_label_atom_id 
_pdbx_struct_sheet_hbond.range_1_label_comp_id 
_pdbx_struct_sheet_hbond.range_1_label_asym_id 
_pdbx_struct_sheet_hbond.range_1_label_seq_id 
_pdbx_struct_sheet_hbond.range_1_PDB_ins_code 
_pdbx_struct_sheet_hbond.range_1_auth_atom_id 
_pdbx_struct_sheet_hbond.range_1_auth_comp_id 
_pdbx_struct_sheet_hbond.range_1_auth_asym_id 
_pdbx_struct_sheet_hbond.range_1_auth_seq_id 
_pdbx_struct_sheet_hbond.range_2_label_atom_id 
_pdbx_struct_sheet_hbond.range_2_label_comp_id 
_pdbx_struct_sheet_hbond.range_2_label_asym_id 
_pdbx_struct_sheet_hbond.range_2_label_seq_id 
_pdbx_struct_sheet_hbond.range_2_PDB_ins_code 
_pdbx_struct_sheet_hbond.range_2_auth_atom_id 
_pdbx_struct_sheet_hbond.range_2_auth_comp_id 
_pdbx_struct_sheet_hbond.range_2_auth_asym_id 
_pdbx_struct_sheet_hbond.range_2_auth_seq_id 
A 1 2 N ARG A 28  ? N ARG A 28  O VAL A 40  ? O VAL A 40  
A 2 3 N ILE A 37  ? N ILE A 37  O GLU A 110 ? O GLU A 110 
A 3 4 O ILE A 109 ? O ILE A 109 N PHE A 58  ? N PHE A 58  
A 4 5 N GLU A 57  ? N GLU A 57  O LEU A 89  ? O LEU A 89  
B 1 2 N TYR A 50  ? N TYR A 50  O GLU A 122 ? O GLU A 122 
B 2 3 N TRP A 123 ? N TRP A 123 O VAL A 132 ? O VAL A 132 
C 1 2 O GLU A 77  ? O GLU A 77  N LEU A 70  ? N LEU A 70  
C 2 3 N TYR A 67  ? N TYR A 67  O GLN A 98  ? O GLN A 98  
# 
loop_
_struct_site.id 
_struct_site.pdbx_evidence_code 
_struct_site.pdbx_auth_asym_id 
_struct_site.pdbx_auth_comp_id 
_struct_site.pdbx_auth_seq_id 
_struct_site.pdbx_auth_ins_code 
_struct_site.pdbx_num_residues 
_struct_site.details 
AC1 Software ? ?   ?   ? 4 'BINDING SITE FOR RESIDUE FE A 201'  
AC2 Software ? ?   ?   ? 4 'BINDING SITE FOR RESIDUE FE A 202'  
AC3 Software A 6PC 203 ? 7 'BINDING SITE FOR RESIDUE 6PC A 203' 
# 
loop_
_struct_site_gen.id 
_struct_site_gen.site_id 
_struct_site_gen.pdbx_num_res 
_struct_site_gen.label_comp_id 
_struct_site_gen.label_asym_id 
_struct_site_gen.label_seq_id 
_struct_site_gen.pdbx_auth_ins_code 
_struct_site_gen.auth_comp_id 
_struct_site_gen.auth_asym_id 
_struct_site_gen.auth_seq_id 
_struct_site_gen.label_atom_id 
_struct_site_gen.label_alt_id 
_struct_site_gen.symmetry 
_struct_site_gen.details 
1  AC1 4 HIS A 51  ? HIS A 51  . ? 1_555 ? 
2  AC1 4 GLU A 57  ? GLU A 57  . ? 1_555 ? 
3  AC1 4 HIS A 95  ? HIS A 95  . ? 1_555 ? 
4  AC1 4 6PC D .   ? 6PC A 203 . ? 1_555 ? 
5  AC2 4 CYS A 125 ? CYS A 125 . ? 1_555 ? 
6  AC2 4 CYS A 128 ? CYS A 128 . ? 1_555 ? 
7  AC2 4 CYS A 162 ? CYS A 162 . ? 1_555 ? 
8  AC2 4 CYS A 165 ? CYS A 165 . ? 1_555 ? 
9  AC3 7 HIS A 51  ? HIS A 51  . ? 1_555 ? 
10 AC3 7 GLU A 57  ? GLU A 57  . ? 1_555 ? 
11 AC3 7 PHE A 59  ? PHE A 59  . ? 1_555 ? 
12 AC3 7 HIS A 95  ? HIS A 95  . ? 1_555 ? 
13 AC3 7 PRO A 97  ? PRO A 97  . ? 1_555 ? 
14 AC3 7 GLU A 110 ? GLU A 110 . ? 1_555 ? 
15 AC3 7 FE2 B .   ? FE2 A 201 . ? 1_555 ? 
# 
_atom_sites.entry_id                    4HSJ 
_atom_sites.fract_transf_matrix[1][1]   -0.01052857 
_atom_sites.fract_transf_matrix[1][2]   -0.01154401 
_atom_sites.fract_transf_matrix[1][3]   0.01201485 
_atom_sites.fract_transf_matrix[2][1]   -0.00335619 
_atom_sites.fract_transf_matrix[2][2]   -0.01880808 
_atom_sites.fract_transf_matrix[2][3]   -0.00484522 
_atom_sites.fract_transf_matrix[3][1]   0.00362746 
_atom_sites.fract_transf_matrix[3][2]   -0.00117528 
_atom_sites.fract_transf_matrix[3][3]   0.00204951 
_atom_sites.fract_transf_vector[1]      -0.395038 
_atom_sites.fract_transf_vector[2]      -0.470057 
_atom_sites.fract_transf_vector[3]      0.017593 
# 
loop_
_atom_type.symbol 
C  
FE 
N  
O  
S  
# 
loop_
_atom_site.group_PDB 
_atom_site.id 
_atom_site.type_symbol 
_atom_site.label_atom_id 
_atom_site.label_alt_id 
_atom_site.label_comp_id 
_atom_site.label_asym_id 
_atom_site.label_entity_id 
_atom_site.label_seq_id 
_atom_site.pdbx_PDB_ins_code 
_atom_site.Cartn_x 
_atom_site.Cartn_y 
_atom_site.Cartn_z 
_atom_site.occupancy 
_atom_site.B_iso_or_equiv 
_atom_site.pdbx_formal_charge 
_atom_site.auth_seq_id 
_atom_site.auth_comp_id 
_atom_site.auth_asym_id 
_atom_site.auth_atom_id 
_atom_site.pdbx_PDB_model_num 
ATOM   1    N  N   . MET A 1 1   ? 29.799  12.390  0.617   1.00 43.21 ? 1   MET A N   1 
ATOM   2    C  CA  . MET A 1 1   ? 28.964  13.365  1.316   1.00 44.01 ? 1   MET A CA  1 
ATOM   3    C  C   . MET A 1 1   ? 27.677  12.731  1.822   1.00 39.65 ? 1   MET A C   1 
ATOM   4    O  O   . MET A 1 1   ? 27.265  11.671  1.335   1.00 33.55 ? 1   MET A O   1 
ATOM   5    C  CB  . MET A 1 1   ? 28.599  14.539  0.405   1.00 49.23 ? 1   MET A CB  1 
ATOM   6    C  CG  . MET A 1 1   ? 29.536  14.752  -0.776  1.00 59.48 ? 1   MET A CG  1 
ATOM   7    S  SD  . MET A 1 1   ? 29.233  16.332  -1.599  1.00 86.17 ? 1   MET A SD  1 
ATOM   8    C  CE  . MET A 1 1   ? 29.361  17.452  -0.203  1.00 71.48 ? 1   MET A CE  1 
ATOM   9    N  N   . LEU A 1 2   ? 27.040  13.399  2.785   1.00 37.61 ? 2   LEU A N   1 
ATOM   10   C  CA  . LEU A 1 2   ? 25.745  12.961  3.298   1.00 35.31 ? 2   LEU A CA  1 
ATOM   11   C  C   . LEU A 1 2   ? 24.648  13.434  2.361   1.00 32.54 ? 2   LEU A C   1 
ATOM   12   O  O   . LEU A 1 2   ? 23.952  14.433  2.615   1.00 30.66 ? 2   LEU A O   1 
ATOM   13   C  CB  . LEU A 1 2   ? 25.515  13.430  4.735   1.00 30.13 ? 2   LEU A CB  1 
ATOM   14   C  CG  . LEU A 1 2   ? 26.594  12.989  5.734   1.00 31.71 ? 2   LEU A CG  1 
ATOM   15   C  CD1 . LEU A 1 2   ? 26.128  13.145  7.181   1.00 28.71 ? 2   LEU A CD1 1 
ATOM   16   C  CD2 . LEU A 1 2   ? 27.052  11.556  5.474   1.00 31.97 ? 2   LEU A CD2 1 
ATOM   17   N  N   . THR A 1 3   ? 24.524  12.691  1.265   1.00 27.88 ? 3   THR A N   1 
ATOM   18   C  CA  . THR A 1 3   ? 23.498  12.882  0.244   1.00 28.84 ? 3   THR A CA  1 
ATOM   19   C  C   . THR A 1 3   ? 22.096  13.039  0.823   1.00 29.90 ? 3   THR A C   1 
ATOM   20   O  O   . THR A 1 3   ? 21.267  13.788  0.282   1.00 27.92 ? 3   THR A O   1 
ATOM   21   C  CB  . THR A 1 3   ? 23.497  11.678  -0.721  1.00 28.28 ? 3   THR A CB  1 
ATOM   22   O  OG1 . THR A 1 3   ? 24.843  11.334  -1.062  1.00 32.47 ? 3   THR A OG1 1 
ATOM   23   C  CG2 . THR A 1 3   ? 22.716  11.998  -1.997  1.00 32.95 ? 3   THR A CG2 1 
ATOM   24   N  N   . TYR A 1 4   ? 21.827  12.344  1.927   1.00 26.08 ? 4   TYR A N   1 
ATOM   25   C  CA  . TYR A 1 4   ? 20.478  12.325  2.483   1.00 28.54 ? 4   TYR A CA  1 
ATOM   26   C  C   . TYR A 1 4   ? 20.326  13.257  3.684   1.00 29.35 ? 4   TYR A C   1 
ATOM   27   O  O   . TYR A 1 4   ? 19.272  13.281  4.332   1.00 26.38 ? 4   TYR A O   1 
ATOM   28   C  CB  . TYR A 1 4   ? 20.037  10.888  2.812   1.00 24.39 ? 4   TYR A CB  1 
ATOM   29   C  CG  . TYR A 1 4   ? 20.173  9.945   1.634   1.00 25.73 ? 4   TYR A CG  1 
ATOM   30   C  CD1 . TYR A 1 4   ? 19.528  10.201  0.430   1.00 24.11 ? 4   TYR A CD1 1 
ATOM   31   C  CD2 . TYR A 1 4   ? 20.963  8.800   1.726   1.00 19.68 ? 4   TYR A CD2 1 
ATOM   32   C  CE1 . TYR A 1 4   ? 19.666  9.351   -0.649  1.00 24.28 ? 4   TYR A CE1 1 
ATOM   33   C  CE2 . TYR A 1 4   ? 21.099  7.942   0.661   1.00 23.34 ? 4   TYR A CE2 1 
ATOM   34   C  CZ  . TYR A 1 4   ? 20.460  8.220   -0.525  1.00 25.26 ? 4   TYR A CZ  1 
ATOM   35   O  OH  . TYR A 1 4   ? 20.609  7.350   -1.588  1.00 28.66 ? 4   TYR A OH  1 
ATOM   36   N  N   . GLY A 1 5   ? 21.365  14.050  3.952   1.00 25.53 ? 5   GLY A N   1 
ATOM   37   C  CA  . GLY A 1 5   ? 21.310  15.033  5.019   1.00 23.21 ? 5   GLY A CA  1 
ATOM   38   C  C   . GLY A 1 5   ? 21.700  14.451  6.362   1.00 26.65 ? 5   GLY A C   1 
ATOM   39   O  O   . GLY A 1 5   ? 22.066  13.271  6.457   1.00 25.26 ? 5   GLY A O   1 
ATOM   40   N  N   . ALA A 1 6   ? 21.606  15.274  7.403   1.00 21.60 ? 6   ALA A N   1 
ATOM   41   C  CA  . ALA A 1 6   ? 22.007  14.881  8.745   1.00 26.04 ? 6   ALA A CA  1 
ATOM   42   C  C   . ALA A 1 6   ? 20.881  14.105  9.426   1.00 23.45 ? 6   ALA A C   1 
ATOM   43   O  O   . ALA A 1 6   ? 19.756  14.068  8.913   1.00 24.63 ? 6   ALA A O   1 
ATOM   44   C  CB  . ALA A 1 6   ? 22.377  16.116  9.566   1.00 28.57 ? 6   ALA A CB  1 
ATOM   45   N  N   . PRO A 1 7   ? 21.180  13.468  10.566  1.00 21.13 ? 7   PRO A N   1 
ATOM   46   C  CA  . PRO A 1 7   ? 20.068  12.886  11.327  1.00 18.32 ? 7   PRO A CA  1 
ATOM   47   C  C   . PRO A 1 7   ? 19.096  13.972  11.805  1.00 26.67 ? 7   PRO A C   1 
ATOM   48   O  O   . PRO A 1 7   ? 19.491  15.139  11.939  1.00 23.22 ? 7   PRO A O   1 
ATOM   49   C  CB  . PRO A 1 7   ? 20.759  12.245  12.525  1.00 20.58 ? 7   PRO A CB  1 
ATOM   50   C  CG  . PRO A 1 7   ? 22.161  11.911  12.010  1.00 20.89 ? 7   PRO A CG  1 
ATOM   51   C  CD  . PRO A 1 7   ? 22.500  13.071  11.101  1.00 21.33 ? 7   PRO A CD  1 
ATOM   52   N  N   . PHE A 1 8   ? 17.846  13.600  12.050  1.00 18.55 ? 8   PHE A N   1 
ATOM   53   C  CA  . PHE A 1 8   ? 16.852  14.573  12.523  1.00 22.91 ? 8   PHE A CA  1 
ATOM   54   C  C   . PHE A 1 8   ? 15.789  13.877  13.347  1.00 22.62 ? 8   PHE A C   1 
ATOM   55   O  O   . PHE A 1 8   ? 15.599  12.669  13.226  1.00 19.85 ? 8   PHE A O   1 
ATOM   56   C  CB  . PHE A 1 8   ? 16.213  15.331  11.349  1.00 22.05 ? 8   PHE A CB  1 
ATOM   57   C  CG  . PHE A 1 8   ? 15.529  14.440  10.349  1.00 22.55 ? 8   PHE A CG  1 
ATOM   58   C  CD1 . PHE A 1 8   ? 14.197  14.068  10.526  1.00 22.44 ? 8   PHE A CD1 1 
ATOM   59   C  CD2 . PHE A 1 8   ? 16.219  13.949  9.249   1.00 21.60 ? 8   PHE A CD2 1 
ATOM   60   C  CE1 . PHE A 1 8   ? 13.566  13.237  9.613   1.00 21.43 ? 8   PHE A CE1 1 
ATOM   61   C  CE2 . PHE A 1 8   ? 15.584  13.120  8.327   1.00 23.57 ? 8   PHE A CE2 1 
ATOM   62   C  CZ  . PHE A 1 8   ? 14.255  12.764  8.518   1.00 23.02 ? 8   PHE A CZ  1 
ATOM   63   N  N   . ASN A 1 9   ? 15.109  14.638  14.197  1.00 20.24 ? 9   ASN A N   1 
ATOM   64   C  CA  . ASN A 1 9   ? 14.148  14.063  15.132  1.00 24.01 ? 9   ASN A CA  1 
ATOM   65   C  C   . ASN A 1 9   ? 12.906  13.564  14.392  1.00 22.77 ? 9   ASN A C   1 
ATOM   66   O  O   . ASN A 1 9   ? 12.255  14.328  13.679  1.00 23.28 ? 9   ASN A O   1 
ATOM   67   C  CB  . ASN A 1 9   ? 13.786  15.099  16.212  1.00 24.98 ? 9   ASN A CB  1 
ATOM   68   C  CG  . ASN A 1 9   ? 12.874  14.543  17.269  1.00 27.10 ? 9   ASN A CG  1 
ATOM   69   O  OD1 . ASN A 1 9   ? 11.641  14.638  17.157  1.00 26.31 ? 9   ASN A OD1 1 
ATOM   70   N  ND2 . ASN A 1 9   ? 13.459  13.956  18.314  1.00 25.98 ? 9   ASN A ND2 1 
ATOM   71   N  N   . PHE A 1 10  ? 12.569  12.283  14.566  1.00 18.56 ? 10  PHE A N   1 
ATOM   72   C  CA  . PHE A 1 10  ? 11.494  11.676  13.775  1.00 22.07 ? 10  PHE A CA  1 
ATOM   73   C  C   . PHE A 1 10  ? 10.097  12.116  14.259  1.00 21.47 ? 10  PHE A C   1 
ATOM   74   O  O   . PHE A 1 10  ? 9.265   12.485  13.432  1.00 23.69 ? 10  PHE A O   1 
ATOM   75   C  CB  . PHE A 1 10  ? 11.631  10.144  13.782  1.00 19.54 ? 10  PHE A CB  1 
ATOM   76   C  CG  . PHE A 1 10  ? 10.871  9.435   12.681  1.00 21.96 ? 10  PHE A CG  1 
ATOM   77   C  CD1 . PHE A 1 10  ? 10.463  10.098  11.531  1.00 21.34 ? 10  PHE A CD1 1 
ATOM   78   C  CD2 . PHE A 1 10  ? 10.583  8.076   12.804  1.00 20.16 ? 10  PHE A CD2 1 
ATOM   79   C  CE1 . PHE A 1 10  ? 9.774   9.415   10.518  1.00 21.51 ? 10  PHE A CE1 1 
ATOM   80   C  CE2 . PHE A 1 10  ? 9.887   7.395   11.813  1.00 21.47 ? 10  PHE A CE2 1 
ATOM   81   C  CZ  . PHE A 1 10  ? 9.492   8.068   10.657  1.00 20.91 ? 10  PHE A CZ  1 
ATOM   82   N  N   . PRO A 1 11  ? 9.839   12.088  15.589  1.00 24.85 ? 11  PRO A N   1 
ATOM   83   C  CA  . PRO A 1 11  ? 8.513   12.562  16.019  1.00 26.67 ? 11  PRO A CA  1 
ATOM   84   C  C   . PRO A 1 11  ? 8.217   13.983  15.558  1.00 27.44 ? 11  PRO A C   1 
ATOM   85   O  O   . PRO A 1 11  ? 7.122   14.250  15.066  1.00 26.04 ? 11  PRO A O   1 
ATOM   86   C  CB  . PRO A 1 11  ? 8.611   12.527  17.548  1.00 28.93 ? 11  PRO A CB  1 
ATOM   87   C  CG  . PRO A 1 11  ? 9.556   11.406  17.828  1.00 28.16 ? 11  PRO A CG  1 
ATOM   88   C  CD  . PRO A 1 11  ? 10.588  11.497  16.723  1.00 27.28 ? 11  PRO A CD  1 
ATOM   89   N  N   . ARG A 1 12  ? 9.185   14.881  15.700  1.00 26.55 ? 12  ARG A N   1 
ATOM   90   C  CA  . ARG A 1 12  ? 9.021   16.246  15.217  1.00 31.04 ? 12  ARG A CA  1 
ATOM   91   C  C   . ARG A 1 12  ? 8.693   16.301  13.716  1.00 29.04 ? 12  ARG A C   1 
ATOM   92   O  O   . ARG A 1 12  ? 7.806   17.043  13.303  1.00 26.08 ? 12  ARG A O   1 
ATOM   93   C  CB  . ARG A 1 12  ? 10.261  17.084  15.548  1.00 31.15 ? 12  ARG A CB  1 
ATOM   94   C  CG  . ARG A 1 12  ? 10.170  18.560  15.169  1.00 37.20 ? 12  ARG A CG  1 
ATOM   95   C  CD  . ARG A 1 12  ? 11.104  19.434  16.040  1.00 42.44 ? 12  ARG A CD  1 
ATOM   96   N  NE  . ARG A 1 12  ? 12.172  18.672  16.695  1.00 49.30 ? 12  ARG A NE  1 
ATOM   97   C  CZ  . ARG A 1 12  ? 12.211  18.399  18.001  1.00 47.75 ? 12  ARG A CZ  1 
ATOM   98   N  NH1 . ARG A 1 12  ? 11.238  18.830  18.797  1.00 51.05 ? 12  ARG A NH1 1 
ATOM   99   N  NH2 . ARG A 1 12  ? 13.219  17.699  18.512  1.00 44.46 ? 12  ARG A NH2 1 
ATOM   100  N  N   . TRP A 1 13  ? 9.393   15.506  12.908  1.00 25.47 ? 13  TRP A N   1 
ATOM   101  C  CA  . TRP A 1 13  ? 9.147   15.456  11.468  1.00 22.82 ? 13  TRP A CA  1 
ATOM   102  C  C   . TRP A 1 13  ? 7.722   15.001  11.199  1.00 24.12 ? 13  TRP A C   1 
ATOM   103  O  O   . TRP A 1 13  ? 7.034   15.559  10.346  1.00 24.16 ? 13  TRP A O   1 
ATOM   104  C  CB  . TRP A 1 13  ? 10.135  14.482  10.811  1.00 21.63 ? 13  TRP A CB  1 
ATOM   105  C  CG  . TRP A 1 13  ? 10.052  14.383  9.308   1.00 22.02 ? 13  TRP A CG  1 
ATOM   106  C  CD1 . TRP A 1 13  ? 10.816  15.059  8.398   1.00 25.54 ? 13  TRP A CD1 1 
ATOM   107  C  CD2 . TRP A 1 13  ? 9.176   13.535  8.543   1.00 24.09 ? 13  TRP A CD2 1 
ATOM   108  N  NE1 . TRP A 1 13  ? 10.471  14.687  7.119   1.00 23.64 ? 13  TRP A NE1 1 
ATOM   109  C  CE2 . TRP A 1 13  ? 9.457   13.759  7.181   1.00 23.69 ? 13  TRP A CE2 1 
ATOM   110  C  CE3 . TRP A 1 13  ? 8.178   12.613  8.881   1.00 24.67 ? 13  TRP A CE3 1 
ATOM   111  C  CZ2 . TRP A 1 13  ? 8.782   13.092  6.150   1.00 25.16 ? 13  TRP A CZ2 1 
ATOM   112  C  CZ3 . TRP A 1 13  ? 7.497   11.953  7.855   1.00 23.00 ? 13  TRP A CZ3 1 
ATOM   113  C  CH2 . TRP A 1 13  ? 7.803   12.198  6.510   1.00 24.36 ? 13  TRP A CH2 1 
ATOM   114  N  N   . ILE A 1 14  ? 7.283   13.982  11.928  1.00 21.87 ? 14  ILE A N   1 
ATOM   115  C  CA  . ILE A 1 14  ? 5.934   13.438  11.746  1.00 22.65 ? 14  ILE A CA  1 
ATOM   116  C  C   . ILE A 1 14  ? 4.871   14.484  12.098  1.00 27.46 ? 14  ILE A C   1 
ATOM   117  O  O   . ILE A 1 14  ? 3.885   14.655  11.365  1.00 28.37 ? 14  ILE A O   1 
ATOM   118  C  CB  . ILE A 1 14  ? 5.739   12.187  12.610  1.00 20.65 ? 14  ILE A CB  1 
ATOM   119  C  CG1 . ILE A 1 14  ? 6.629   11.059  12.071  1.00 20.65 ? 14  ILE A CG1 1 
ATOM   120  C  CG2 . ILE A 1 14  ? 4.277   11.727  12.596  1.00 23.71 ? 14  ILE A CG2 1 
ATOM   121  C  CD1 . ILE A 1 14  ? 6.619   9.778   12.940  1.00 23.10 ? 14  ILE A CD1 1 
ATOM   122  N  N   . ASP A 1 15  ? 5.076   15.176  13.218  1.00 24.89 ? 15  ASP A N   1 
ATOM   123  C  CA  . ASP A 1 15  ? 4.180   16.261  13.625  1.00 31.02 ? 15  ASP A CA  1 
ATOM   124  C  C   . ASP A 1 15  ? 4.142   17.371  12.559  1.00 33.17 ? 15  ASP A C   1 
ATOM   125  O  O   . ASP A 1 15  ? 3.069   17.845  12.173  1.00 33.00 ? 15  ASP A O   1 
ATOM   126  C  CB  . ASP A 1 15  ? 4.603   16.817  14.994  1.00 28.69 ? 15  ASP A CB  1 
ATOM   127  C  CG  . ASP A 1 15  ? 4.378   15.827  16.126  1.00 33.67 ? 15  ASP A CG  1 
ATOM   128  O  OD1 . ASP A 1 15  ? 3.627   14.845  15.925  1.00 37.41 ? 15  ASP A OD1 1 
ATOM   129  O  OD2 . ASP A 1 15  ? 4.937   16.033  17.225  1.00 37.87 ? 15  ASP A OD2 1 
ATOM   130  N  N   . GLU A 1 16  ? 5.313   17.772  12.067  1.00 27.33 ? 16  GLU A N   1 
ATOM   131  C  CA  . GLU A 1 16  ? 5.403   18.823  11.055  1.00 31.03 ? 16  GLU A CA  1 
ATOM   132  C  C   . GLU A 1 16  ? 4.748   18.463  9.733   1.00 34.47 ? 16  GLU A C   1 
ATOM   133  O  O   . GLU A 1 16  ? 4.331   19.353  8.987   1.00 32.23 ? 16  GLU A O   1 
ATOM   134  C  CB  . GLU A 1 16  ? 6.863   19.212  10.796  1.00 34.28 ? 16  GLU A CB  1 
ATOM   135  C  CG  . GLU A 1 16  ? 7.508   19.982  11.932  1.00 39.40 ? 16  GLU A CG  1 
ATOM   136  C  CD  . GLU A 1 16  ? 8.996   20.225  11.706  1.00 45.82 ? 16  GLU A CD  1 
ATOM   137  O  OE1 . GLU A 1 16  ? 9.579   19.622  10.767  1.00 45.62 ? 16  GLU A OE1 1 
ATOM   138  O  OE2 . GLU A 1 16  ? 9.578   21.020  12.477  1.00 51.28 ? 16  GLU A OE2 1 
ATOM   139  N  N   . HIS A 1 17  ? 4.679   17.165  9.428   1.00 29.00 ? 17  HIS A N   1 
ATOM   140  C  CA  . HIS A 1 17  ? 4.068   16.714  8.179   1.00 28.13 ? 17  HIS A CA  1 
ATOM   141  C  C   . HIS A 1 17  ? 2.664   16.129  8.380   1.00 28.86 ? 17  HIS A C   1 
ATOM   142  O  O   . HIS A 1 17  ? 2.113   15.516  7.472   1.00 29.48 ? 17  HIS A O   1 
ATOM   143  C  CB  . HIS A 1 17  ? 4.973   15.689  7.476   1.00 26.91 ? 17  HIS A CB  1 
ATOM   144  C  CG  . HIS A 1 17  ? 6.275   16.257  7.004   1.00 28.59 ? 17  HIS A CG  1 
ATOM   145  N  ND1 . HIS A 1 17  ? 7.347   16.461  7.845   1.00 26.57 ? 17  HIS A ND1 1 
ATOM   146  C  CD2 . HIS A 1 17  ? 6.676   16.673  5.777   1.00 34.82 ? 17  HIS A CD2 1 
ATOM   147  C  CE1 . HIS A 1 17  ? 8.352   16.980  7.162   1.00 33.20 ? 17  HIS A CE1 1 
ATOM   148  N  NE2 . HIS A 1 17  ? 7.973   17.114  5.902   1.00 35.26 ? 17  HIS A NE2 1 
ATOM   149  N  N   . ALA A 1 18  ? 2.086   16.330  9.561   1.00 26.50 ? 18  ALA A N   1 
ATOM   150  C  CA  . ALA A 1 18  ? 0.777   15.750  9.887   1.00 31.34 ? 18  ALA A CA  1 
ATOM   151  C  C   . ALA A 1 18  ? -0.325  16.092  8.877   1.00 29.95 ? 18  ALA A C   1 
ATOM   152  O  O   . ALA A 1 18  ? -1.218  15.282  8.630   1.00 28.35 ? 18  ALA A O   1 
ATOM   153  C  CB  . ALA A 1 18  ? 0.355   16.158  11.293  1.00 29.78 ? 18  ALA A CB  1 
ATOM   154  N  N   . HIS A 1 19  ? -0.259  17.283  8.290   1.00 30.37 ? 19  HIS A N   1 
ATOM   155  C  CA  . HIS A 1 19  ? -1.260  17.710  7.304   1.00 32.97 ? 19  HIS A CA  1 
ATOM   156  C  C   . HIS A 1 19  ? -1.175  16.911  6.000   1.00 32.99 ? 19  HIS A C   1 
ATOM   157  O  O   . HIS A 1 19  ? -2.078  16.959  5.167   1.00 32.82 ? 19  HIS A O   1 
ATOM   158  C  CB  . HIS A 1 19  ? -1.137  19.215  7.015   1.00 35.92 ? 19  HIS A CB  1 
ATOM   159  C  CG  . HIS A 1 19  ? 0.177   19.615  6.415   1.00 38.22 ? 19  HIS A CG  1 
ATOM   160  N  ND1 . HIS A 1 19  ? 1.327   19.768  7.167   1.00 40.80 ? 19  HIS A ND1 1 
ATOM   161  C  CD2 . HIS A 1 19  ? 0.525   19.901  5.137   1.00 39.95 ? 19  HIS A CD2 1 
ATOM   162  C  CE1 . HIS A 1 19  ? 2.321   20.127  6.376   1.00 38.29 ? 19  HIS A CE1 1 
ATOM   163  N  NE2 . HIS A 1 19  ? 1.864   20.213  5.138   1.00 37.08 ? 19  HIS A NE2 1 
ATOM   164  N  N   . LEU A 1 20  ? -0.081  16.179  5.824   1.00 31.50 ? 20  LEU A N   1 
ATOM   165  C  CA  . LEU A 1 20  ? 0.100   15.357  4.634   1.00 28.23 ? 20  LEU A CA  1 
ATOM   166  C  C   . LEU A 1 20  ? -0.204  13.898  4.937   1.00 28.60 ? 20  LEU A C   1 
ATOM   167  O  O   . LEU A 1 20  ? -0.321  13.081  4.023   1.00 31.70 ? 20  LEU A O   1 
ATOM   168  C  CB  . LEU A 1 20  ? 1.534   15.491  4.114   1.00 29.17 ? 20  LEU A CB  1 
ATOM   169  C  CG  . LEU A 1 20  ? 1.922   16.898  3.657   1.00 35.99 ? 20  LEU A CG  1 
ATOM   170  C  CD1 . LEU A 1 20  ? 3.364   16.955  3.195   1.00 36.78 ? 20  LEU A CD1 1 
ATOM   171  C  CD2 . LEU A 1 20  ? 0.986   17.363  2.549   1.00 40.30 ? 20  LEU A CD2 1 
ATOM   172  N  N   . LEU A 1 21  ? -0.324  13.577  6.224   1.00 25.18 ? 21  LEU A N   1 
ATOM   173  C  CA  . LEU A 1 21  ? -0.602  12.201  6.675   1.00 24.87 ? 21  LEU A CA  1 
ATOM   174  C  C   . LEU A 1 21  ? -2.103  11.993  6.946   1.00 27.12 ? 21  LEU A C   1 
ATOM   175  O  O   . LEU A 1 21  ? -2.510  11.388  7.954   1.00 24.62 ? 21  LEU A O   1 
ATOM   176  C  CB  . LEU A 1 21  ? 0.221   11.885  7.927   1.00 24.84 ? 21  LEU A CB  1 
ATOM   177  C  CG  . LEU A 1 21  ? 1.736   12.075  7.766   1.00 24.45 ? 21  LEU A CG  1 
ATOM   178  C  CD1 . LEU A 1 21  ? 2.475   11.802  9.071   1.00 21.31 ? 21  LEU A CD1 1 
ATOM   179  C  CD2 . LEU A 1 21  ? 2.262   11.171  6.663   1.00 21.45 ? 21  LEU A CD2 1 
ATOM   180  N  N   . LYS A 1 22  ? -2.911  12.496  6.027   1.00 26.48 ? 22  LYS A N   1 
ATOM   181  C  CA  . LYS A 1 22  ? -4.364  12.408  6.108   1.00 25.46 ? 22  LYS A CA  1 
ATOM   182  C  C   . LYS A 1 22  ? -4.887  12.692  4.709   1.00 28.77 ? 22  LYS A C   1 
ATOM   183  O  O   . LYS A 1 22  ? -4.138  13.222  3.872   1.00 28.69 ? 22  LYS A O   1 
ATOM   184  C  CB  . LYS A 1 22  ? -4.903  13.408  7.135   1.00 29.94 ? 22  LYS A CB  1 
ATOM   185  C  CG  . LYS A 1 22  ? -4.792  14.868  6.731   1.00 32.76 ? 22  LYS A CG  1 
ATOM   186  C  CD  . LYS A 1 22  ? -5.239  15.772  7.885   1.00 35.49 ? 22  LYS A CD  1 
ATOM   187  C  CE  . LYS A 1 22  ? -5.685  17.140  7.369   1.00 42.35 ? 22  LYS A CE  1 
ATOM   188  N  NZ  . LYS A 1 22  ? -4.700  17.770  6.431   1.00 47.81 ? 22  LYS A NZ  1 
ATOM   189  N  N   . PRO A 1 23  ? -6.142  12.298  4.422   1.00 29.02 ? 23  PRO A N   1 
ATOM   190  C  CA  . PRO A 1 23  ? -6.700  12.568  3.093   1.00 32.64 ? 23  PRO A CA  1 
ATOM   191  C  C   . PRO A 1 23  ? -6.529  14.040  2.703   1.00 28.52 ? 23  PRO A C   1 
ATOM   192  O  O   . PRO A 1 23  ? -6.615  14.909  3.577   1.00 29.31 ? 23  PRO A O   1 
ATOM   193  C  CB  . PRO A 1 23  ? -8.182  12.210  3.264   1.00 31.11 ? 23  PRO A CB  1 
ATOM   194  C  CG  . PRO A 1 23  ? -8.159  11.089  4.292   1.00 29.41 ? 23  PRO A CG  1 
ATOM   195  C  CD  . PRO A 1 23  ? -7.030  11.443  5.239   1.00 27.47 ? 23  PRO A CD  1 
ATOM   196  N  N   . PRO A 1 24  ? -6.281  14.319  1.411   1.00 30.39 ? 24  PRO A N   1 
ATOM   197  C  CA  . PRO A 1 24  ? -6.245  13.350  0.312   1.00 30.54 ? 24  PRO A CA  1 
ATOM   198  C  C   . PRO A 1 24  ? -4.873  12.709  0.042   1.00 34.21 ? 24  PRO A C   1 
ATOM   199  O  O   . PRO A 1 24  ? -4.822  11.765  -0.744  1.00 37.15 ? 24  PRO A O   1 
ATOM   200  C  CB  . PRO A 1 24  ? -6.653  14.197  -0.895  1.00 35.93 ? 24  PRO A CB  1 
ATOM   201  C  CG  . PRO A 1 24  ? -6.078  15.560  -0.583  1.00 38.12 ? 24  PRO A CG  1 
ATOM   202  C  CD  . PRO A 1 24  ? -6.152  15.709  0.929   1.00 35.91 ? 24  PRO A CD  1 
ATOM   203  N  N   . VAL A 1 25  ? -3.795  13.191  0.657   1.00 33.65 ? 25  VAL A N   1 
ATOM   204  C  CA  . VAL A 1 25  ? -2.461  12.672  0.328   1.00 32.85 ? 25  VAL A CA  1 
ATOM   205  C  C   . VAL A 1 25  ? -2.152  11.355  1.060   1.00 34.22 ? 25  VAL A C   1 
ATOM   206  O  O   . VAL A 1 25  ? -1.892  10.325  0.425   1.00 40.01 ? 25  VAL A O   1 
ATOM   207  C  CB  . VAL A 1 25  ? -1.346  13.715  0.590   1.00 36.40 ? 25  VAL A CB  1 
ATOM   208  C  CG1 . VAL A 1 25  ? -0.059  13.299  -0.120  1.00 39.48 ? 25  VAL A CG1 1 
ATOM   209  C  CG2 . VAL A 1 25  ? -1.777  15.099  0.106   1.00 36.13 ? 25  VAL A CG2 1 
ATOM   210  N  N   . GLY A 1 26  ? -2.164  11.395  2.388   1.00 27.46 ? 26  GLY A N   1 
ATOM   211  C  CA  . GLY A 1 26  ? -2.144  10.181  3.192   1.00 25.64 ? 26  GLY A CA  1 
ATOM   212  C  C   . GLY A 1 26  ? -0.764  9.652   3.558   1.00 28.31 ? 26  GLY A C   1 
ATOM   213  O  O   . GLY A 1 26  ? -0.591  9.006   4.600   1.00 25.08 ? 26  GLY A O   1 
ATOM   214  N  N   . ASN A 1 27  ? 0.226   9.904   2.706   1.00 25.73 ? 27  ASN A N   1 
ATOM   215  C  CA  . ASN A 1 27  ? 1.580   9.426   3.008   1.00 25.59 ? 27  ASN A CA  1 
ATOM   216  C  C   . ASN A 1 27  ? 2.647   10.420  2.580   1.00 30.32 ? 27  ASN A C   1 
ATOM   217  O  O   . ASN A 1 27  ? 2.395   11.302  1.758   1.00 28.35 ? 27  ASN A O   1 
ATOM   218  C  CB  . ASN A 1 27  ? 1.830   8.054   2.377   1.00 25.52 ? 27  ASN A CB  1 
ATOM   219  C  CG  . ASN A 1 27  ? 1.757   8.090   0.865   1.00 36.11 ? 27  ASN A CG  1 
ATOM   220  O  OD1 . ASN A 1 27  ? 0.687   7.918   0.276   1.00 41.12 ? 27  ASN A OD1 1 
ATOM   221  N  ND2 . ASN A 1 27  ? 2.896   8.330   0.224   1.00 37.96 ? 27  ASN A ND2 1 
ATOM   222  N  N   . ARG A 1 28  ? 3.841   10.280  3.144   1.00 28.31 ? 28  ARG A N   1 
ATOM   223  C  CA  . ARG A 1 28  ? 4.941   11.163  2.786   1.00 23.57 ? 28  ARG A CA  1 
ATOM   224  C  C   . ARG A 1 28  ? 6.234   10.370  2.807   1.00 21.36 ? 28  ARG A C   1 
ATOM   225  O  O   . ARG A 1 28  ? 6.589   9.793   3.832   1.00 21.05 ? 28  ARG A O   1 
ATOM   226  C  CB  . ARG A 1 28  ? 5.000   12.323  3.778   1.00 28.28 ? 28  ARG A CB  1 
ATOM   227  C  CG  . ARG A 1 28  ? 6.207   13.229  3.643   1.00 30.81 ? 28  ARG A CG  1 
ATOM   228  C  CD  . ARG A 1 28  ? 6.116   14.131  2.423   1.00 36.32 ? 28  ARG A CD  1 
ATOM   229  N  NE  . ARG A 1 28  ? 7.175   15.137  2.475   1.00 41.99 ? 28  ARG A NE  1 
ATOM   230  C  CZ  . ARG A 1 28  ? 7.181   16.252  1.753   1.00 47.23 ? 28  ARG A CZ  1 
ATOM   231  N  NH1 . ARG A 1 28  ? 6.182   16.505  0.918   1.00 46.21 ? 28  ARG A NH1 1 
ATOM   232  N  NH2 . ARG A 1 28  ? 8.189   17.112  1.870   1.00 50.96 ? 28  ARG A NH2 1 
ATOM   233  N  N   . GLN A 1 29  ? 6.924   10.326  1.668   1.00 19.70 ? 29  GLN A N   1 
ATOM   234  C  CA  . GLN A 1 29  ? 8.232   9.679   1.597   1.00 21.03 ? 29  GLN A CA  1 
ATOM   235  C  C   . GLN A 1 29  ? 9.286   10.551  2.278   1.00 22.36 ? 29  GLN A C   1 
ATOM   236  O  O   . GLN A 1 29  ? 9.296   11.782  2.111   1.00 22.08 ? 29  GLN A O   1 
ATOM   237  C  CB  . GLN A 1 29  ? 8.587   9.424   0.131   1.00 24.16 ? 29  GLN A CB  1 
ATOM   238  C  CG  . GLN A 1 29  ? 9.833   8.585   -0.077  1.00 26.31 ? 29  GLN A CG  1 
ATOM   239  C  CD  . GLN A 1 29  ? 9.952   8.121   -1.511  1.00 31.79 ? 29  GLN A CD  1 
ATOM   240  O  OE1 . GLN A 1 29  ? 8.958   7.712   -2.124  1.00 28.69 ? 29  GLN A OE1 1 
ATOM   241  N  NE2 . GLN A 1 29  ? 11.164  8.183   -2.061  1.00 30.32 ? 29  GLN A NE2 1 
ATOM   242  N  N   . VAL A 1 30  ? 10.166  9.933   3.065   1.00 18.43 ? 30  VAL A N   1 
ATOM   243  C  CA  . VAL A 1 30  ? 11.097  10.706  3.869   1.00 19.34 ? 30  VAL A CA  1 
ATOM   244  C  C   . VAL A 1 30  ? 12.266  11.255  3.036   1.00 24.52 ? 30  VAL A C   1 
ATOM   245  O  O   . VAL A 1 30  ? 12.528  12.465  3.031   1.00 23.37 ? 30  VAL A O   1 
ATOM   246  C  CB  . VAL A 1 30  ? 11.619  9.891   5.068   1.00 18.48 ? 30  VAL A CB  1 
ATOM   247  C  CG1 . VAL A 1 30  ? 12.575  10.729  5.869   1.00 19.97 ? 30  VAL A CG1 1 
ATOM   248  C  CG2 . VAL A 1 30  ? 10.440  9.457   5.963   1.00 20.02 ? 30  VAL A CG2 1 
ATOM   249  N  N   . TRP A 1 31  ? 12.959  10.368  2.330   1.00 21.60 ? 31  TRP A N   1 
ATOM   250  C  CA  . TRP A 1 31  ? 14.080  10.771  1.490   1.00 23.83 ? 31  TRP A CA  1 
ATOM   251  C  C   . TRP A 1 31  ? 13.754  10.472  0.044   1.00 24.19 ? 31  TRP A C   1 
ATOM   252  O  O   . TRP A 1 31  ? 13.114  9.454   -0.247  1.00 26.55 ? 31  TRP A O   1 
ATOM   253  C  CB  . TRP A 1 31  ? 15.355  10.013  1.890   1.00 21.04 ? 31  TRP A CB  1 
ATOM   254  C  CG  . TRP A 1 31  ? 15.866  10.381  3.256   1.00 19.98 ? 31  TRP A CG  1 
ATOM   255  C  CD1 . TRP A 1 31  ? 16.530  11.529  3.607   1.00 22.10 ? 31  TRP A CD1 1 
ATOM   256  C  CD2 . TRP A 1 31  ? 15.758  9.596   4.454   1.00 20.13 ? 31  TRP A CD2 1 
ATOM   257  N  NE1 . TRP A 1 31  ? 16.831  11.505  4.956   1.00 23.11 ? 31  TRP A NE1 1 
ATOM   258  C  CE2 . TRP A 1 31  ? 16.369  10.330  5.497   1.00 20.15 ? 31  TRP A CE2 1 
ATOM   259  C  CE3 . TRP A 1 31  ? 15.191  8.351   4.749   1.00 19.57 ? 31  TRP A CE3 1 
ATOM   260  C  CZ2 . TRP A 1 31  ? 16.444  9.847   6.816   1.00 19.98 ? 31  TRP A CZ2 1 
ATOM   261  C  CZ3 . TRP A 1 31  ? 15.262  7.871   6.055   1.00 17.44 ? 31  TRP A CZ3 1 
ATOM   262  C  CH2 . TRP A 1 31  ? 15.883  8.616   7.072   1.00 21.07 ? 31  TRP A CH2 1 
ATOM   263  N  N   . GLN A 1 32  ? 14.196  11.344  -0.863  1.00 25.10 ? 32  GLN A N   1 
ATOM   264  C  CA  . GLN A 1 32  ? 14.019  11.119  -2.298  1.00 27.18 ? 32  GLN A CA  1 
ATOM   265  C  C   . GLN A 1 32  ? 15.274  10.511  -2.919  1.00 28.56 ? 32  GLN A C   1 
ATOM   266  O  O   . GLN A 1 32  ? 16.379  10.733  -2.427  1.00 27.67 ? 32  GLN A O   1 
ATOM   267  C  CB  . GLN A 1 32  ? 13.708  12.437  -3.022  1.00 34.73 ? 32  GLN A CB  1 
ATOM   268  C  CG  . GLN A 1 32  ? 12.392  13.080  -2.621  1.00 32.68 ? 32  GLN A CG  1 
ATOM   269  C  CD  . GLN A 1 32  ? 11.193  12.246  -3.036  1.00 39.17 ? 32  GLN A CD  1 
ATOM   270  O  OE1 . GLN A 1 32  ? 11.245  11.513  -4.026  1.00 45.38 ? 32  GLN A OE1 1 
ATOM   271  N  NE2 . GLN A 1 32  ? 10.103  12.352  -2.276  1.00 41.19 ? 32  GLN A NE2 1 
ATOM   272  N  N   . ASP A 1 33  ? 15.079  9.750   -3.995  1.00 26.23 ? 33  ASP A N   1 
ATOM   273  C  CA  . ASP A 1 33  ? 16.162  9.222   -4.824  1.00 35.67 ? 33  ASP A CA  1 
ATOM   274  C  C   . ASP A 1 33  ? 17.139  8.338   -4.049  1.00 32.11 ? 33  ASP A C   1 
ATOM   275  O  O   . ASP A 1 33  ? 18.337  8.315   -4.342  1.00 33.93 ? 33  ASP A O   1 
ATOM   276  C  CB  . ASP A 1 33  ? 16.917  10.364  -5.514  1.00 38.08 ? 33  ASP A CB  1 
ATOM   277  C  CG  . ASP A 1 33  ? 16.027  11.182  -6.438  1.00 42.10 ? 33  ASP A CG  1 
ATOM   278  O  OD1 . ASP A 1 33  ? 15.145  10.591  -7.108  1.00 47.83 ? 33  ASP A OD1 1 
ATOM   279  O  OD2 . ASP A 1 33  ? 16.216  12.418  -6.489  1.00 48.49 ? 33  ASP A OD2 1 
ATOM   280  N  N   . SER A 1 34  ? 16.620  7.634   -3.048  1.00 27.40 ? 34  SER A N   1 
ATOM   281  C  CA  . SER A 1 34  ? 17.422  6.710   -2.256  1.00 25.07 ? 34  SER A CA  1 
ATOM   282  C  C   . SER A 1 34  ? 17.043  5.306   -2.664  1.00 24.90 ? 34  SER A C   1 
ATOM   283  O  O   . SER A 1 34  ? 15.977  5.098   -3.260  1.00 23.05 ? 34  SER A O   1 
ATOM   284  C  CB  . SER A 1 34  ? 17.128  6.892   -0.770  1.00 24.54 ? 34  SER A CB  1 
ATOM   285  O  OG  . SER A 1 34  ? 15.736  6.806   -0.547  1.00 23.69 ? 34  SER A OG  1 
ATOM   286  N  N   . ASP A 1 35  ? 17.891  4.339   -2.336  1.00 18.70 ? 35  ASP A N   1 
ATOM   287  C  CA  . ASP A 1 35  ? 17.594  2.942   -2.636  1.00 19.18 ? 35  ASP A CA  1 
ATOM   288  C  C   . ASP A 1 35  ? 16.504  2.412   -1.700  1.00 23.17 ? 35  ASP A C   1 
ATOM   289  O  O   . ASP A 1 35  ? 15.584  1.705   -2.133  1.00 21.97 ? 35  ASP A O   1 
ATOM   290  C  CB  . ASP A 1 35  ? 18.850  2.079   -2.479  1.00 22.46 ? 35  ASP A CB  1 
ATOM   291  C  CG  . ASP A 1 35  ? 18.596  0.622   -2.827  1.00 22.57 ? 35  ASP A CG  1 
ATOM   292  O  OD1 . ASP A 1 35  ? 18.022  0.354   -3.911  1.00 25.30 ? 35  ASP A OD1 1 
ATOM   293  O  OD2 . ASP A 1 35  ? 18.952  -0.265  -2.024  1.00 23.66 ? 35  ASP A OD2 1 
ATOM   294  N  N   . PHE A 1 36  ? 16.627  2.731   -0.415  1.00 17.35 ? 36  PHE A N   1 
ATOM   295  C  CA  . PHE A 1 36  ? 15.586  2.395   0.555   1.00 20.22 ? 36  PHE A CA  1 
ATOM   296  C  C   . PHE A 1 36  ? 14.478  3.434   0.400   1.00 19.78 ? 36  PHE A C   1 
ATOM   297  O  O   . PHE A 1 36  ? 14.752  4.635   0.473   1.00 20.52 ? 36  PHE A O   1 
ATOM   298  C  CB  . PHE A 1 36  ? 16.125  2.476   1.984   1.00 19.22 ? 36  PHE A CB  1 
ATOM   299  C  CG  . PHE A 1 36  ? 17.116  1.411   2.330   1.00 24.41 ? 36  PHE A CG  1 
ATOM   300  C  CD1 . PHE A 1 36  ? 17.565  0.505   1.374   1.00 30.08 ? 36  PHE A CD1 1 
ATOM   301  C  CD2 . PHE A 1 36  ? 17.619  1.332   3.619   1.00 25.92 ? 36  PHE A CD2 1 
ATOM   302  C  CE1 . PHE A 1 36  ? 18.490  -0.458  1.702   1.00 27.10 ? 36  PHE A CE1 1 
ATOM   303  C  CE2 . PHE A 1 36  ? 18.526  0.363   3.960   1.00 22.14 ? 36  PHE A CE2 1 
ATOM   304  C  CZ  . PHE A 1 36  ? 18.967  -0.532  3.017   1.00 25.93 ? 36  PHE A CZ  1 
ATOM   305  N  N   . ILE A 1 37  ? 13.248  2.976   0.172   1.00 16.76 ? 37  ILE A N   1 
ATOM   306  C  CA  . ILE A 1 37  ? 12.099  3.868   0.049   1.00 19.25 ? 37  ILE A CA  1 
ATOM   307  C  C   . ILE A 1 37  ? 11.471  3.904   1.428   1.00 21.00 ? 37  ILE A C   1 
ATOM   308  O  O   . ILE A 1 37  ? 10.903  2.906   1.865   1.00 17.88 ? 37  ILE A O   1 
ATOM   309  C  CB  . ILE A 1 37  ? 11.061  3.328   -0.967  1.00 18.69 ? 37  ILE A CB  1 
ATOM   310  C  CG1 . ILE A 1 37  ? 11.739  3.040   -2.304  1.00 24.81 ? 37  ILE A CG1 1 
ATOM   311  C  CG2 . ILE A 1 37  ? 9.912   4.324   -1.178  1.00 22.56 ? 37  ILE A CG2 1 
ATOM   312  C  CD1 . ILE A 1 37  ? 12.449  4.241   -2.822  1.00 28.16 ? 37  ILE A CD1 1 
ATOM   313  N  N   . VAL A 1 38  ? 11.603  5.040   2.114   1.00 16.24 ? 38  VAL A N   1 
ATOM   314  C  CA  . VAL A 1 38  ? 11.161  5.176   3.494   1.00 16.33 ? 38  VAL A CA  1 
ATOM   315  C  C   . VAL A 1 38  ? 9.957   6.116   3.548   1.00 17.98 ? 38  VAL A C   1 
ATOM   316  O  O   . VAL A 1 38  ? 10.060  7.300   3.206   1.00 17.43 ? 38  VAL A O   1 
ATOM   317  C  CB  . VAL A 1 38  ? 12.294  5.717   4.390   1.00 17.04 ? 38  VAL A CB  1 
ATOM   318  C  CG1 . VAL A 1 38  ? 11.825  5.819   5.834   1.00 16.48 ? 38  VAL A CG1 1 
ATOM   319  C  CG2 . VAL A 1 38  ? 13.534  4.802   4.302   1.00 15.69 ? 38  VAL A CG2 1 
ATOM   320  N  N   . THR A 1 39  ? 8.811   5.587   3.966   1.00 17.19 ? 39  THR A N   1 
ATOM   321  C  CA  . THR A 1 39  ? 7.562   6.355   3.911   1.00 16.70 ? 39  THR A CA  1 
ATOM   322  C  C   . THR A 1 39  ? 6.886   6.353   5.282   1.00 18.20 ? 39  THR A C   1 
ATOM   323  O  O   . THR A 1 39  ? 7.024   5.393   6.044   1.00 19.70 ? 39  THR A O   1 
ATOM   324  C  CB  . THR A 1 39  ? 6.599   5.750   2.864   1.00 18.41 ? 39  THR A CB  1 
ATOM   325  O  OG1 . THR A 1 39  ? 7.288   5.550   1.622   1.00 19.89 ? 39  THR A OG1 1 
ATOM   326  C  CG2 . THR A 1 39  ? 5.387   6.659   2.615   1.00 21.76 ? 39  THR A CG2 1 
ATOM   327  N  N   . VAL A 1 40  ? 6.185   7.434   5.608   1.00 17.05 ? 40  VAL A N   1 
ATOM   328  C  CA  . VAL A 1 40  ? 5.280   7.427   6.758   1.00 15.86 ? 40  VAL A CA  1 
ATOM   329  C  C   . VAL A 1 40  ? 3.859   7.497   6.209   1.00 17.65 ? 40  VAL A C   1 
ATOM   330  O  O   . VAL A 1 40  ? 3.547   8.367   5.377   1.00 19.83 ? 40  VAL A O   1 
ATOM   331  C  CB  . VAL A 1 40  ? 5.573   8.576   7.740   1.00 18.10 ? 40  VAL A CB  1 
ATOM   332  C  CG1 . VAL A 1 40  ? 4.576   8.557   8.904   1.00 19.81 ? 40  VAL A CG1 1 
ATOM   333  C  CG2 . VAL A 1 40  ? 6.995   8.452   8.282   1.00 17.57 ? 40  VAL A CG2 1 
ATOM   334  N  N   . VAL A 1 41  ? 3.018   6.548   6.616   1.00 18.04 ? 41  VAL A N   1 
ATOM   335  C  CA  . VAL A 1 41  ? 1.655   6.484   6.108   1.00 17.98 ? 41  VAL A CA  1 
ATOM   336  C  C   . VAL A 1 41  ? 0.685   6.750   7.247   1.00 17.85 ? 41  VAL A C   1 
ATOM   337  O  O   . VAL A 1 41  ? 0.795   6.139   8.310   1.00 18.72 ? 41  VAL A O   1 
ATOM   338  C  CB  . VAL A 1 41  ? 1.340   5.116   5.478   1.00 19.56 ? 41  VAL A CB  1 
ATOM   339  C  CG1 . VAL A 1 41  ? 0.000   5.169   4.760   1.00 23.92 ? 41  VAL A CG1 1 
ATOM   340  C  CG2 . VAL A 1 41  ? 2.452   4.708   4.495   1.00 24.33 ? 41  VAL A CG2 1 
ATOM   341  N  N   . GLY A 1 42  ? -0.255  7.664   7.017   1.00 18.63 ? 42  GLY A N   1 
ATOM   342  C  CA  . GLY A 1 42  ? -1.220  8.051   8.030   1.00 20.32 ? 42  GLY A CA  1 
ATOM   343  C  C   . GLY A 1 42  ? -2.581  7.469   7.709   1.00 20.12 ? 42  GLY A C   1 
ATOM   344  O  O   . GLY A 1 42  ? -2.688  6.366   7.182   1.00 22.29 ? 42  GLY A O   1 
ATOM   345  N  N   . GLY A 1 43  ? -3.628  8.218   8.018   1.00 21.57 ? 43  GLY A N   1 
ATOM   346  C  CA  . GLY A 1 43  ? -4.977  7.734   7.793   1.00 21.71 ? 43  GLY A CA  1 
ATOM   347  C  C   . GLY A 1 43  ? -5.940  8.868   8.061   1.00 23.91 ? 43  GLY A C   1 
ATOM   348  O  O   . GLY A 1 43  ? -5.516  9.962   8.445   1.00 21.28 ? 43  GLY A O   1 
ATOM   349  N  N   . PRO A 1 44  ? -7.242  8.615   7.872   1.00 23.22 ? 44  PRO A N   1 
ATOM   350  C  CA  . PRO A 1 44  ? -7.792  7.308   7.509   1.00 23.29 ? 44  PRO A CA  1 
ATOM   351  C  C   . PRO A 1 44  ? -7.665  7.013   6.023   1.00 24.72 ? 44  PRO A C   1 
ATOM   352  O  O   . PRO A 1 44  ? -7.691  7.939   5.202   1.00 23.77 ? 44  PRO A O   1 
ATOM   353  C  CB  . PRO A 1 44  ? -9.286  7.428   7.890   1.00 22.48 ? 44  PRO A CB  1 
ATOM   354  C  CG  . PRO A 1 44  ? -9.397  8.702   8.689   1.00 24.66 ? 44  PRO A CG  1 
ATOM   355  C  CD  . PRO A 1 44  ? -8.303  9.590   8.163   1.00 26.18 ? 44  PRO A CD  1 
ATOM   356  N  N   . ASN A 1 45  ? -7.500  5.732   5.698   1.00 21.89 ? 45  ASN A N   1 
ATOM   357  C  CA  . ASN A 1 45  ? -7.593  5.254   4.321   1.00 24.20 ? 45  ASN A CA  1 
ATOM   358  C  C   . ASN A 1 45  ? -8.024  3.798   4.304   1.00 25.77 ? 45  ASN A C   1 
ATOM   359  O  O   . ASN A 1 45  ? -7.462  2.976   5.019   1.00 25.43 ? 45  ASN A O   1 
ATOM   360  C  CB  . ASN A 1 45  ? -6.252  5.385   3.588   1.00 26.65 ? 45  ASN A CB  1 
ATOM   361  C  CG  . ASN A 1 45  ? -6.356  5.011   2.113   1.00 32.83 ? 45  ASN A CG  1 
ATOM   362  O  OD1 . ASN A 1 45  ? -7.029  5.694   1.339   1.00 35.89 ? 45  ASN A OD1 1 
ATOM   363  N  ND2 . ASN A 1 45  ? -5.693  3.929   1.720   1.00 34.65 ? 45  ASN A ND2 1 
ATOM   364  N  N   . HIS A 1 46  ? -9.031  3.490   3.494   1.00 24.81 ? 46  HIS A N   1 
ATOM   365  C  CA  . HIS A 1 46  ? -9.429  2.116   3.232   1.00 22.79 ? 46  HIS A CA  1 
ATOM   366  C  C   . HIS A 1 46  ? -9.261  1.882   1.731   1.00 26.32 ? 46  HIS A C   1 
ATOM   367  O  O   . HIS A 1 46  ? -9.378  2.823   0.935   1.00 29.05 ? 46  HIS A O   1 
ATOM   368  C  CB  . HIS A 1 46  ? -10.894 1.888   3.632   1.00 26.85 ? 46  HIS A CB  1 
ATOM   369  C  CG  . HIS A 1 46  ? -11.116 1.797   5.116   1.00 24.83 ? 46  HIS A CG  1 
ATOM   370  N  ND1 . HIS A 1 46  ? -11.565 2.864   5.871   1.00 27.45 ? 46  HIS A ND1 1 
ATOM   371  C  CD2 . HIS A 1 46  ? -10.957 0.767   5.978   1.00 25.66 ? 46  HIS A CD2 1 
ATOM   372  C  CE1 . HIS A 1 46  ? -11.666 2.492   7.136   1.00 23.54 ? 46  HIS A CE1 1 
ATOM   373  N  NE2 . HIS A 1 46  ? -11.305 1.225   7.232   1.00 26.70 ? 46  HIS A NE2 1 
ATOM   374  N  N   . ARG A 1 47  ? -8.991  0.644   1.335   1.00 26.28 ? 47  ARG A N   1 
ATOM   375  C  CA  . ARG A 1 47  ? -8.795  0.356   -0.088  1.00 27.47 ? 47  ARG A CA  1 
ATOM   376  C  C   . ARG A 1 47  ? -9.120  -1.088  -0.415  1.00 26.07 ? 47  ARG A C   1 
ATOM   377  O  O   . ARG A 1 47  ? -9.152  -1.935  0.480   1.00 23.70 ? 47  ARG A O   1 
ATOM   378  C  CB  . ARG A 1 47  ? -7.360  0.681   -0.507  1.00 27.74 ? 47  ARG A CB  1 
ATOM   379  C  CG  . ARG A 1 47  ? -6.318  -0.080  0.280   1.00 24.70 ? 47  ARG A CG  1 
ATOM   380  C  CD  . ARG A 1 47  ? -4.965  0.632   0.234   1.00 27.26 ? 47  ARG A CD  1 
ATOM   381  N  NE  . ARG A 1 47  ? -4.316  0.538   -1.077  1.00 30.15 ? 47  ARG A NE  1 
ATOM   382  C  CZ  . ARG A 1 47  ? -3.118  1.048   -1.350  1.00 33.98 ? 47  ARG A CZ  1 
ATOM   383  N  NH1 . ARG A 1 47  ? -2.452  1.689   -0.405  1.00 28.47 ? 47  ARG A NH1 1 
ATOM   384  N  NH2 . ARG A 1 47  ? -2.587  0.922   -2.562  1.00 30.95 ? 47  ARG A NH2 1 
ATOM   385  N  N   . THR A 1 48  ? -9.337  -1.362  -1.704  1.00 26.45 ? 48  THR A N   1 
ATOM   386  C  CA  . THR A 1 48  ? -9.748  -2.685  -2.168  1.00 25.16 ? 48  THR A CA  1 
ATOM   387  C  C   . THR A 1 48  ? -8.692  -3.398  -3.010  1.00 24.91 ? 48  THR A C   1 
ATOM   388  O  O   . THR A 1 48  ? -8.866  -4.566  -3.356  1.00 26.24 ? 48  THR A O   1 
ATOM   389  C  CB  . THR A 1 48  ? -11.043 -2.599  -3.001  1.00 28.41 ? 48  THR A CB  1 
ATOM   390  O  OG1 . THR A 1 48  ? -10.855 -1.649  -4.055  1.00 28.06 ? 48  THR A OG1 1 
ATOM   391  C  CG2 . THR A 1 48  ? -12.190 -2.158  -2.135  1.00 33.46 ? 48  THR A CG2 1 
ATOM   392  N  N   . ASP A 1 49  ? -7.598  -2.719  -3.336  1.00 22.99 ? 49  ASP A N   1 
ATOM   393  C  CA  . ASP A 1 49  ? -6.558  -3.345  -4.141  1.00 23.19 ? 49  ASP A CA  1 
ATOM   394  C  C   . ASP A 1 49  ? -5.622  -4.186  -3.278  1.00 22.96 ? 49  ASP A C   1 
ATOM   395  O  O   . ASP A 1 49  ? -5.325  -3.812  -2.140  1.00 21.97 ? 49  ASP A O   1 
ATOM   396  C  CB  . ASP A 1 49  ? -5.749  -2.286  -4.910  1.00 26.19 ? 49  ASP A CB  1 
ATOM   397  C  CG  . ASP A 1 49  ? -4.996  -1.337  -3.990  1.00 25.44 ? 49  ASP A CG  1 
ATOM   398  O  OD1 . ASP A 1 49  ? -3.756  -1.469  -3.868  1.00 26.96 ? 49  ASP A OD1 1 
ATOM   399  O  OD2 . ASP A 1 49  ? -5.641  -0.456  -3.387  1.00 25.71 ? 49  ASP A OD2 1 
ATOM   400  N  N   . TYR A 1 50  ? -5.165  -5.313  -3.818  1.00 19.13 ? 50  TYR A N   1 
ATOM   401  C  CA  . TYR A 1 50  ? -4.081  -6.083  -3.209  1.00 21.75 ? 50  TYR A CA  1 
ATOM   402  C  C   . TYR A 1 50  ? -2.776  -5.793  -3.935  1.00 23.01 ? 50  TYR A C   1 
ATOM   403  O  O   . TYR A 1 50  ? -2.752  -5.735  -5.166  1.00 23.42 ? 50  TYR A O   1 
ATOM   404  C  CB  . TYR A 1 50  ? -4.371  -7.588  -3.277  1.00 21.53 ? 50  TYR A CB  1 
ATOM   405  C  CG  . TYR A 1 50  ? -5.455  -8.042  -2.321  1.00 24.48 ? 50  TYR A CG  1 
ATOM   406  C  CD1 . TYR A 1 50  ? -5.137  -8.523  -1.051  1.00 23.28 ? 50  TYR A CD1 1 
ATOM   407  C  CD2 . TYR A 1 50  ? -6.795  -7.987  -2.688  1.00 25.18 ? 50  TYR A CD2 1 
ATOM   408  C  CE1 . TYR A 1 50  ? -6.130  -8.935  -0.178  1.00 23.50 ? 50  TYR A CE1 1 
ATOM   409  C  CE2 . TYR A 1 50  ? -7.788  -8.394  -1.818  1.00 25.70 ? 50  TYR A CE2 1 
ATOM   410  C  CZ  . TYR A 1 50  ? -7.451  -8.868  -0.570  1.00 26.79 ? 50  TYR A CZ  1 
ATOM   411  O  OH  . TYR A 1 50  ? -8.446  -9.274  0.290   1.00 29.71 ? 50  TYR A OH  1 
ATOM   412  N  N   . HIS A 1 51  ? -1.691  -5.618  -3.179  1.00 19.15 ? 51  HIS A N   1 
ATOM   413  C  CA  . HIS A 1 51  ? -0.367  -5.363  -3.768  1.00 19.39 ? 51  HIS A CA  1 
ATOM   414  C  C   . HIS A 1 51  ? 0.455   -6.642  -3.782  1.00 21.22 ? 51  HIS A C   1 
ATOM   415  O  O   . HIS A 1 51  ? 0.538   -7.335  -2.764  1.00 20.10 ? 51  HIS A O   1 
ATOM   416  C  CB  . HIS A 1 51  ? 0.396   -4.283  -2.960  1.00 20.31 ? 51  HIS A CB  1 
ATOM   417  C  CG  . HIS A 1 51  ? 1.724   -3.893  -3.548  1.00 23.42 ? 51  HIS A CG  1 
ATOM   418  N  ND1 . HIS A 1 51  ? 2.714   -3.278  -2.804  1.00 22.11 ? 51  HIS A ND1 1 
ATOM   419  C  CD2 . HIS A 1 51  ? 2.215   -4.005  -4.805  1.00 19.72 ? 51  HIS A CD2 1 
ATOM   420  C  CE1 . HIS A 1 51  ? 3.764   -3.050  -3.572  1.00 22.10 ? 51  HIS A CE1 1 
ATOM   421  N  NE2 . HIS A 1 51  ? 3.488   -3.476  -4.794  1.00 20.61 ? 51  HIS A NE2 1 
ATOM   422  N  N   . ASP A 1 52  ? 1.046   -6.943  -4.936  1.00 20.87 ? 52  ASP A N   1 
ATOM   423  C  CA  . ASP A 1 52  ? 2.004   -8.028  -5.116  1.00 19.75 ? 52  ASP A CA  1 
ATOM   424  C  C   . ASP A 1 52  ? 3.371   -7.363  -5.303  1.00 22.53 ? 52  ASP A C   1 
ATOM   425  O  O   . ASP A 1 52  ? 3.730   -6.937  -6.399  1.00 19.69 ? 52  ASP A O   1 
ATOM   426  C  CB  . ASP A 1 52  ? 1.583   -8.863  -6.342  1.00 21.00 ? 52  ASP A CB  1 
ATOM   427  C  CG  . ASP A 1 52  ? 2.576   -9.946  -6.712  1.00 26.55 ? 52  ASP A CG  1 
ATOM   428  O  OD1 . ASP A 1 52  ? 3.571   -10.161 -5.989  1.00 24.06 ? 52  ASP A OD1 1 
ATOM   429  O  OD2 . ASP A 1 52  ? 2.353   -10.598 -7.761  1.00 23.82 ? 52  ASP A OD2 1 
ATOM   430  N  N   . ASP A 1 53  ? 4.117   -7.228  -4.204  1.00 19.84 ? 53  ASP A N   1 
ATOM   431  C  CA  . ASP A 1 53  ? 5.417   -6.549  -4.225  1.00 17.41 ? 53  ASP A CA  1 
ATOM   432  C  C   . ASP A 1 53  ? 6.486   -7.628  -4.419  1.00 17.90 ? 53  ASP A C   1 
ATOM   433  O  O   . ASP A 1 53  ? 6.529   -8.600  -3.653  1.00 21.95 ? 53  ASP A O   1 
ATOM   434  C  CB  . ASP A 1 53  ? 5.603   -5.812  -2.877  1.00 21.12 ? 53  ASP A CB  1 
ATOM   435  C  CG  . ASP A 1 53  ? 6.824   -4.914  -2.846  1.00 19.81 ? 53  ASP A CG  1 
ATOM   436  O  OD1 . ASP A 1 53  ? 7.785   -5.153  -3.624  1.00 18.69 ? 53  ASP A OD1 1 
ATOM   437  O  OD2 . ASP A 1 53  ? 6.840   -3.976  -2.007  1.00 16.31 ? 53  ASP A OD2 1 
ATOM   438  N  N   . PRO A 1 54  ? 7.356   -7.471  -5.438  1.00 17.48 ? 54  PRO A N   1 
ATOM   439  C  CA  . PRO A 1 54  ? 8.376   -8.494  -5.709  1.00 21.55 ? 54  PRO A CA  1 
ATOM   440  C  C   . PRO A 1 54  ? 9.508   -8.504  -4.672  1.00 21.48 ? 54  PRO A C   1 
ATOM   441  O  O   . PRO A 1 54  ? 10.358  -9.396  -4.701  1.00 22.21 ? 54  PRO A O   1 
ATOM   442  C  CB  . PRO A 1 54  ? 8.919   -8.088  -7.083  1.00 21.79 ? 54  PRO A CB  1 
ATOM   443  C  CG  . PRO A 1 54  ? 8.716   -6.585  -7.130  1.00 22.36 ? 54  PRO A CG  1 
ATOM   444  C  CD  . PRO A 1 54  ? 7.379   -6.386  -6.441  1.00 19.96 ? 54  PRO A CD  1 
ATOM   445  N  N   . LEU A 1 55  ? 9.513   -7.520  -3.779  1.00 18.81 ? 55  LEU A N   1 
ATOM   446  C  CA  . LEU A 1 55  ? 10.493  -7.458  -2.689  1.00 21.31 ? 55  LEU A CA  1 
ATOM   447  C  C   . LEU A 1 55  ? 9.796   -7.333  -1.325  1.00 18.13 ? 55  LEU A C   1 
ATOM   448  O  O   . LEU A 1 55  ? 8.575   -7.157  -1.243  1.00 18.45 ? 55  LEU A O   1 
ATOM   449  C  CB  . LEU A 1 55  ? 11.451  -6.286  -2.906  1.00 20.03 ? 55  LEU A CB  1 
ATOM   450  C  CG  . LEU A 1 55  ? 12.188  -6.288  -4.250  1.00 21.66 ? 55  LEU A CG  1 
ATOM   451  C  CD1 . LEU A 1 55  ? 12.746  -4.902  -4.542  1.00 25.90 ? 55  LEU A CD1 1 
ATOM   452  C  CD2 . LEU A 1 55  ? 13.292  -7.331  -4.240  1.00 26.87 ? 55  LEU A CD2 1 
ATOM   453  N  N   . GLU A 1 56  ? 10.568  -7.431  -0.248  1.00 17.67 ? 56  GLU A N   1 
ATOM   454  C  CA  . GLU A 1 56  ? 10.001  -7.373  1.100   1.00 18.36 ? 56  GLU A CA  1 
ATOM   455  C  C   . GLU A 1 56  ? 9.482   -5.988  1.465   1.00 18.33 ? 56  GLU A C   1 
ATOM   456  O  O   . GLU A 1 56  ? 9.904   -4.974  0.883   1.00 18.11 ? 56  GLU A O   1 
ATOM   457  C  CB  . GLU A 1 56  ? 11.067  -7.797  2.128   1.00 19.33 ? 56  GLU A CB  1 
ATOM   458  C  CG  . GLU A 1 56  ? 11.444  -9.259  2.017   1.00 20.38 ? 56  GLU A CG  1 
ATOM   459  C  CD  . GLU A 1 56  ? 12.651  -9.626  2.833   1.00 22.06 ? 56  GLU A CD  1 
ATOM   460  O  OE1 . GLU A 1 56  ? 13.149  -8.754  3.593   1.00 20.04 ? 56  GLU A OE1 1 
ATOM   461  O  OE2 . GLU A 1 56  ? 13.116  -10.785 2.701   1.00 21.57 ? 56  GLU A OE2 1 
ATOM   462  N  N   . GLU A 1 57  ? 8.569   -5.944  2.440   1.00 16.83 ? 57  GLU A N   1 
ATOM   463  C  CA  . GLU A 1 57  ? 8.115   -4.672  3.003   1.00 14.55 ? 57  GLU A CA  1 
ATOM   464  C  C   . GLU A 1 57  ? 8.217   -4.731  4.524   1.00 17.22 ? 57  GLU A C   1 
ATOM   465  O  O   . GLU A 1 57  ? 7.708   -5.656  5.155   1.00 18.01 ? 57  GLU A O   1 
ATOM   466  C  CB  . GLU A 1 57  ? 6.664   -4.328  2.569   1.00 19.53 ? 57  GLU A CB  1 
ATOM   467  C  CG  . GLU A 1 57  ? 6.491   -4.149  1.050   1.00 20.82 ? 57  GLU A CG  1 
ATOM   468  C  CD  . GLU A 1 57  ? 5.097   -3.632  0.620   1.00 21.63 ? 57  GLU A CD  1 
ATOM   469  O  OE1 . GLU A 1 57  ? 4.294   -3.234  1.469   1.00 20.67 ? 57  GLU A OE1 1 
ATOM   470  O  OE2 . GLU A 1 57  ? 4.781   -3.608  -0.589  1.00 19.66 ? 57  GLU A OE2 1 
ATOM   471  N  N   . PHE A 1 58  ? 8.873   -3.735  5.107   1.00 17.15 ? 58  PHE A N   1 
ATOM   472  C  CA  . PHE A 1 58  ? 9.003   -3.646  6.564   1.00 15.69 ? 58  PHE A CA  1 
ATOM   473  C  C   . PHE A 1 58  ? 8.022   -2.624  7.109   1.00 16.52 ? 58  PHE A C   1 
ATOM   474  O  O   . PHE A 1 58  ? 7.861   -1.545  6.522   1.00 17.31 ? 58  PHE A O   1 
ATOM   475  C  CB  . PHE A 1 58  ? 10.435  -3.224  6.932   1.00 17.65 ? 58  PHE A CB  1 
ATOM   476  C  CG  . PHE A 1 58  ? 10.598  -2.839  8.376   1.00 15.45 ? 58  PHE A CG  1 
ATOM   477  C  CD1 . PHE A 1 58  ? 10.746  -3.816  9.352   1.00 17.38 ? 58  PHE A CD1 1 
ATOM   478  C  CD2 . PHE A 1 58  ? 10.615  -1.496  8.755   1.00 16.70 ? 58  PHE A CD2 1 
ATOM   479  C  CE1 . PHE A 1 58  ? 10.887  -3.451  10.714  1.00 16.08 ? 58  PHE A CE1 1 
ATOM   480  C  CE2 . PHE A 1 58  ? 10.761  -1.125  10.083  1.00 16.87 ? 58  PHE A CE2 1 
ATOM   481  C  CZ  . PHE A 1 58  ? 10.900  -2.103  11.068  1.00 15.01 ? 58  PHE A CZ  1 
ATOM   482  N  N   . PHE A 1 59  ? 7.359   -2.952  8.223   1.00 16.75 ? 59  PHE A N   1 
ATOM   483  C  CA  . PHE A 1 59  ? 6.361   -2.064  8.828   1.00 15.27 ? 59  PHE A CA  1 
ATOM   484  C  C   . PHE A 1 59  ? 6.680   -1.842  10.291  1.00 15.86 ? 59  PHE A C   1 
ATOM   485  O  O   . PHE A 1 59  ? 7.042   -2.780  11.000  1.00 15.61 ? 59  PHE A O   1 
ATOM   486  C  CB  . PHE A 1 59  ? 4.959   -2.696  8.798   1.00 19.29 ? 59  PHE A CB  1 
ATOM   487  C  CG  . PHE A 1 59  ? 4.404   -2.909  7.418   1.00 18.04 ? 59  PHE A CG  1 
ATOM   488  C  CD1 . PHE A 1 59  ? 3.511   -2.000  6.870   1.00 17.40 ? 59  PHE A CD1 1 
ATOM   489  C  CD2 . PHE A 1 59  ? 4.747   -4.038  6.691   1.00 16.52 ? 59  PHE A CD2 1 
ATOM   490  C  CE1 . PHE A 1 59  ? 2.965   -2.212  5.578   1.00 18.41 ? 59  PHE A CE1 1 
ATOM   491  C  CE2 . PHE A 1 59  ? 4.230   -4.256  5.417   1.00 18.21 ? 59  PHE A CE2 1 
ATOM   492  C  CZ  . PHE A 1 59  ? 3.333   -3.340  4.860   1.00 21.72 ? 59  PHE A CZ  1 
ATOM   493  N  N   . TYR A 1 60  ? 6.505   -0.613  10.754  1.00 16.50 ? 60  TYR A N   1 
ATOM   494  C  CA  . TYR A 1 60  ? 6.591   -0.330  12.188  1.00 15.81 ? 60  TYR A CA  1 
ATOM   495  C  C   . TYR A 1 60  ? 5.489   0.672   12.502  1.00 18.06 ? 60  TYR A C   1 
ATOM   496  O  O   . TYR A 1 60  ? 5.577   1.850   12.157  1.00 17.21 ? 60  TYR A O   1 
ATOM   497  C  CB  . TYR A 1 60  ? 7.985   0.192   12.548  1.00 16.07 ? 60  TYR A CB  1 
ATOM   498  C  CG  . TYR A 1 60  ? 8.219   0.523   14.013  1.00 19.98 ? 60  TYR A CG  1 
ATOM   499  C  CD1 . TYR A 1 60  ? 7.270   0.229   14.998  1.00 19.45 ? 60  TYR A CD1 1 
ATOM   500  C  CD2 . TYR A 1 60  ? 9.393   1.152   14.405  1.00 23.21 ? 60  TYR A CD2 1 
ATOM   501  C  CE1 . TYR A 1 60  ? 7.498   0.552   16.343  1.00 21.59 ? 60  TYR A CE1 1 
ATOM   502  C  CE2 . TYR A 1 60  ? 9.632   1.469   15.719  1.00 22.55 ? 60  TYR A CE2 1 
ATOM   503  C  CZ  . TYR A 1 60  ? 8.685   1.170   16.689  1.00 24.21 ? 60  TYR A CZ  1 
ATOM   504  O  OH  . TYR A 1 60  ? 8.942   1.498   18.003  1.00 24.40 ? 60  TYR A OH  1 
ATOM   505  N  N   . GLN A 1 61  ? 4.426   0.184   13.135  1.00 16.34 ? 61  GLN A N   1 
ATOM   506  C  CA  . GLN A 1 61  ? 3.257   1.017   13.418  1.00 18.29 ? 61  GLN A CA  1 
ATOM   507  C  C   . GLN A 1 61  ? 3.543   1.895   14.641  1.00 19.04 ? 61  GLN A C   1 
ATOM   508  O  O   . GLN A 1 61  ? 3.460   1.439   15.785  1.00 20.74 ? 61  GLN A O   1 
ATOM   509  C  CB  . GLN A 1 61  ? 2.020   0.144   13.656  1.00 17.18 ? 61  GLN A CB  1 
ATOM   510  C  CG  . GLN A 1 61  ? 0.698   0.948   13.733  1.00 15.44 ? 61  GLN A CG  1 
ATOM   511  C  CD  . GLN A 1 61  ? 0.261   1.514   12.388  1.00 18.21 ? 61  GLN A CD  1 
ATOM   512  O  OE1 . GLN A 1 61  ? 0.422   0.878   11.342  1.00 16.85 ? 61  GLN A OE1 1 
ATOM   513  N  NE2 . GLN A 1 61  ? -0.291  2.718   12.411  1.00 19.33 ? 61  GLN A NE2 1 
ATOM   514  N  N   . LEU A 1 62  ? 3.868   3.155   14.378  1.00 18.07 ? 62  LEU A N   1 
ATOM   515  C  CA  . LEU A 1 62  ? 4.393   4.068   15.388  1.00 19.74 ? 62  LEU A CA  1 
ATOM   516  C  C   . LEU A 1 62  ? 3.280   4.624   16.253  1.00 20.56 ? 62  LEU A C   1 
ATOM   517  O  O   . LEU A 1 62  ? 3.424   4.725   17.480  1.00 21.01 ? 62  LEU A O   1 
ATOM   518  C  CB  . LEU A 1 62  ? 5.123   5.228   14.702  1.00 18.56 ? 62  LEU A CB  1 
ATOM   519  C  CG  . LEU A 1 62  ? 6.269   4.856   13.748  1.00 20.43 ? 62  LEU A CG  1 
ATOM   520  C  CD1 . LEU A 1 62  ? 6.777   6.079   12.982  1.00 21.84 ? 62  LEU A CD1 1 
ATOM   521  C  CD2 . LEU A 1 62  ? 7.399   4.251   14.553  1.00 21.66 ? 62  LEU A CD2 1 
ATOM   522  N  N   . ARG A 1 63  ? 2.182   5.011   15.601  1.00 18.36 ? 63  ARG A N   1 
ATOM   523  C  CA  . ARG A 1 63  ? 1.042   5.618   16.285  1.00 19.83 ? 63  ARG A CA  1 
ATOM   524  C  C   . ARG A 1 63  ? -0.247  5.030   15.730  1.00 19.96 ? 63  ARG A C   1 
ATOM   525  O  O   . ARG A 1 63  ? -0.378  4.876   14.511  1.00 19.33 ? 63  ARG A O   1 
ATOM   526  C  CB  . ARG A 1 63  ? 1.004   7.126   16.035  1.00 19.99 ? 63  ARG A CB  1 
ATOM   527  C  CG  . ARG A 1 63  ? 2.328   7.852   16.274  1.00 24.58 ? 63  ARG A CG  1 
ATOM   528  C  CD  . ARG A 1 63  ? 2.202   9.359   15.987  1.00 27.96 ? 63  ARG A CD  1 
ATOM   529  N  NE  . ARG A 1 63  ? 3.462   10.069  16.234  1.00 29.60 ? 63  ARG A NE  1 
ATOM   530  C  CZ  . ARG A 1 63  ? 3.613   11.388  16.170  1.00 30.79 ? 63  ARG A CZ  1 
ATOM   531  N  NH1 . ARG A 1 63  ? 2.578   12.164  15.880  1.00 30.51 ? 63  ARG A NH1 1 
ATOM   532  N  NH2 . ARG A 1 63  ? 4.801   11.927  16.417  1.00 33.31 ? 63  ARG A NH2 1 
ATOM   533  N  N   . GLY A 1 64  ? -1.198  4.722   16.611  1.00 19.99 ? 64  GLY A N   1 
ATOM   534  C  CA  . GLY A 1 64  ? -2.493  4.216   16.166  1.00 18.93 ? 64  GLY A CA  1 
ATOM   535  C  C   . GLY A 1 64  ? -2.378  2.790   15.687  1.00 21.81 ? 64  GLY A C   1 
ATOM   536  O  O   . GLY A 1 64  ? -1.319  2.177   15.831  1.00 20.42 ? 64  GLY A O   1 
ATOM   537  N  N   . ASN A 1 65  ? -3.458  2.266   15.104  1.00 19.38 ? 65  ASN A N   1 
ATOM   538  C  CA  . ASN A 1 65  ? -3.527  0.873   14.683  1.00 20.92 ? 65  ASN A CA  1 
ATOM   539  C  C   . ASN A 1 65  ? -3.960  0.777   13.229  1.00 17.93 ? 65  ASN A C   1 
ATOM   540  O  O   . ASN A 1 65  ? -4.669  1.647   12.741  1.00 23.03 ? 65  ASN A O   1 
ATOM   541  C  CB  . ASN A 1 65  ? -4.535  0.113   15.555  1.00 24.76 ? 65  ASN A CB  1 
ATOM   542  C  CG  . ASN A 1 65  ? -4.329  0.376   17.036  1.00 23.92 ? 65  ASN A CG  1 
ATOM   543  O  OD1 . ASN A 1 65  ? -3.529  -0.298  17.680  1.00 22.81 ? 65  ASN A OD1 1 
ATOM   544  N  ND2 . ASN A 1 65  ? -5.042  1.372   17.578  1.00 24.62 ? 65  ASN A ND2 1 
ATOM   545  N  N   . ALA A 1 66  ? -3.516  -0.280  12.553  1.00 19.41 ? 66  ALA A N   1 
ATOM   546  C  CA  . ALA A 1 66  ? -3.938  -0.560  11.189  1.00 20.83 ? 66  ALA A CA  1 
ATOM   547  C  C   . ALA A 1 66  ? -3.989  -2.067  11.017  1.00 21.01 ? 66  ALA A C   1 
ATOM   548  O  O   . ALA A 1 66  ? -3.661  -2.815  11.945  1.00 21.31 ? 66  ALA A O   1 
ATOM   549  C  CB  . ALA A 1 66  ? -2.964  0.071   10.189  1.00 21.15 ? 66  ALA A CB  1 
ATOM   550  N  N   . TYR A 1 67  ? -4.380  -2.526  9.831   1.00 19.57 ? 67  TYR A N   1 
ATOM   551  C  CA  . TYR A 1 67  ? -4.331  -3.955  9.543   1.00 21.24 ? 67  TYR A CA  1 
ATOM   552  C  C   . TYR A 1 67  ? -4.129  -4.222  8.053   1.00 19.35 ? 67  TYR A C   1 
ATOM   553  O  O   . TYR A 1 67  ? -4.449  -3.376  7.212   1.00 22.42 ? 67  TYR A O   1 
ATOM   554  C  CB  . TYR A 1 67  ? -5.579  -4.686  10.079  1.00 23.23 ? 67  TYR A CB  1 
ATOM   555  C  CG  . TYR A 1 67  ? -6.909  -4.193  9.530   1.00 23.76 ? 67  TYR A CG  1 
ATOM   556  C  CD1 . TYR A 1 67  ? -7.563  -3.114  10.119  1.00 22.58 ? 67  TYR A CD1 1 
ATOM   557  C  CD2 . TYR A 1 67  ? -7.518  -4.821  8.444   1.00 23.86 ? 67  TYR A CD2 1 
ATOM   558  C  CE1 . TYR A 1 67  ? -8.778  -2.662  9.642   1.00 24.50 ? 67  TYR A CE1 1 
ATOM   559  C  CE2 . TYR A 1 67  ? -8.752  -4.369  7.950   1.00 24.41 ? 67  TYR A CE2 1 
ATOM   560  C  CZ  . TYR A 1 67  ? -9.364  -3.287  8.557   1.00 23.63 ? 67  TYR A CZ  1 
ATOM   561  O  OH  . TYR A 1 67  ? -10.576 -2.821  8.105   1.00 27.94 ? 67  TYR A OH  1 
ATOM   562  N  N   . LEU A 1 68  ? -3.586  -5.389  7.732   1.00 18.94 ? 68  LEU A N   1 
ATOM   563  C  CA  . LEU A 1 68  ? -3.379  -5.765  6.345   1.00 20.34 ? 68  LEU A CA  1 
ATOM   564  C  C   . LEU A 1 68  ? -4.311  -6.920  6.004   1.00 22.68 ? 68  LEU A C   1 
ATOM   565  O  O   . LEU A 1 68  ? -4.243  -7.982  6.632   1.00 23.98 ? 68  LEU A O   1 
ATOM   566  C  CB  . LEU A 1 68  ? -1.933  -6.224  6.127   1.00 19.39 ? 68  LEU A CB  1 
ATOM   567  C  CG  . LEU A 1 68  ? -0.808  -5.266  6.505   1.00 22.45 ? 68  LEU A CG  1 
ATOM   568  C  CD1 . LEU A 1 68  ? 0.546   -5.924  6.301   1.00 23.83 ? 68  LEU A CD1 1 
ATOM   569  C  CD2 . LEU A 1 68  ? -0.890  -4.028  5.667   1.00 22.58 ? 68  LEU A CD2 1 
ATOM   570  N  N   . ASN A 1 69  ? -5.179  -6.741  5.013   1.00 20.12 ? 69  ASN A N   1 
ATOM   571  C  CA  . ASN A 1 69  ? -5.889  -7.896  4.484   1.00 21.06 ? 69  ASN A CA  1 
ATOM   572  C  C   . ASN A 1 69  ? -4.931  -8.657  3.573   1.00 23.42 ? 69  ASN A C   1 
ATOM   573  O  O   . ASN A 1 69  ? -4.330  -8.066  2.677   1.00 22.70 ? 69  ASN A O   1 
ATOM   574  C  CB  . ASN A 1 69  ? -7.168  -7.453  3.743   1.00 20.90 ? 69  ASN A CB  1 
ATOM   575  C  CG  . ASN A 1 69  ? -8.221  -6.884  4.691   1.00 24.75 ? 69  ASN A CG  1 
ATOM   576  O  OD1 . ASN A 1 69  ? -8.325  -7.310  5.841   1.00 28.74 ? 69  ASN A OD1 1 
ATOM   577  N  ND2 . ASN A 1 69  ? -8.981  -5.910  4.227   1.00 22.26 ? 69  ASN A ND2 1 
ATOM   578  N  N   . LEU A 1 70  ? -4.783  -9.964  3.803   1.00 18.88 ? 70  LEU A N   1 
ATOM   579  C  CA  . LEU A 1 70  ? -3.819  -10.770 3.080   1.00 20.65 ? 70  LEU A CA  1 
ATOM   580  C  C   . LEU A 1 70  ? -4.483  -11.938 2.361   1.00 25.12 ? 70  LEU A C   1 
ATOM   581  O  O   . LEU A 1 70  ? -5.596  -12.347 2.705   1.00 25.40 ? 70  LEU A O   1 
ATOM   582  C  CB  . LEU A 1 70  ? -2.793  -11.359 4.056   1.00 22.01 ? 70  LEU A CB  1 
ATOM   583  C  CG  . LEU A 1 70  ? -2.074  -10.395 4.993   1.00 22.67 ? 70  LEU A CG  1 
ATOM   584  C  CD1 . LEU A 1 70  ? -1.214  -11.169 5.994   1.00 25.58 ? 70  LEU A CD1 1 
ATOM   585  C  CD2 . LEU A 1 70  ? -1.221  -9.410  4.186   1.00 21.85 ? 70  LEU A CD2 1 
ATOM   586  N  N   . TRP A 1 71  ? -3.782  -12.474 1.372   1.00 27.06 ? 71  TRP A N   1 
ATOM   587  C  CA  . TRP A 1 71  ? -4.045  -13.830 0.910   1.00 31.33 ? 71  TRP A CA  1 
ATOM   588  C  C   . TRP A 1 71  ? -2.882  -14.672 1.423   1.00 31.67 ? 71  TRP A C   1 
ATOM   589  O  O   . TRP A 1 71  ? -1.725  -14.426 1.067   1.00 29.21 ? 71  TRP A O   1 
ATOM   590  C  CB  . TRP A 1 71  ? -4.123  -13.891 -0.618  1.00 30.09 ? 71  TRP A CB  1 
ATOM   591  C  CG  . TRP A 1 71  ? -5.440  -13.400 -1.183  1.00 30.48 ? 71  TRP A CG  1 
ATOM   592  C  CD1 . TRP A 1 71  ? -5.689  -12.184 -1.759  1.00 30.15 ? 71  TRP A CD1 1 
ATOM   593  C  CD2 . TRP A 1 71  ? -6.680  -14.123 -1.227  1.00 32.59 ? 71  TRP A CD2 1 
ATOM   594  N  NE1 . TRP A 1 71  ? -7.012  -12.102 -2.150  1.00 29.93 ? 71  TRP A NE1 1 
ATOM   595  C  CE2 . TRP A 1 71  ? -7.640  -13.282 -1.834  1.00 32.77 ? 71  TRP A CE2 1 
ATOM   596  C  CE3 . TRP A 1 71  ? -7.077  -15.396 -0.798  1.00 35.52 ? 71  TRP A CE3 1 
ATOM   597  C  CZ2 . TRP A 1 71  ? -8.967  -13.678 -2.030  1.00 37.04 ? 71  TRP A CZ2 1 
ATOM   598  C  CZ3 . TRP A 1 71  ? -8.401  -15.789 -0.995  1.00 35.40 ? 71  TRP A CZ3 1 
ATOM   599  C  CH2 . TRP A 1 71  ? -9.323  -14.935 -1.608  1.00 34.90 ? 71  TRP A CH2 1 
ATOM   600  N  N   . VAL A 1 72  ? -3.174  -15.637 2.290   1.00 32.63 ? 72  VAL A N   1 
ATOM   601  C  CA  . VAL A 1 72  ? -2.143  -16.547 2.787   1.00 34.72 ? 72  VAL A CA  1 
ATOM   602  C  C   . VAL A 1 72  ? -2.585  -17.976 2.524   1.00 39.49 ? 72  VAL A C   1 
ATOM   603  O  O   . VAL A 1 72  ? -3.630  -18.402 3.026   1.00 35.73 ? 72  VAL A O   1 
ATOM   604  C  CB  . VAL A 1 72  ? -1.887  -16.372 4.301   1.00 34.27 ? 72  VAL A CB  1 
ATOM   605  C  CG1 . VAL A 1 72  ? -0.889  -17.416 4.796   1.00 38.74 ? 72  VAL A CG1 1 
ATOM   606  C  CG2 . VAL A 1 72  ? -1.363  -14.982 4.589   1.00 32.66 ? 72  VAL A CG2 1 
ATOM   607  N  N   . ASP A 1 73  ? -1.813  -18.698 1.712   1.00 38.35 ? 73  ASP A N   1 
ATOM   608  C  CA  . ASP A 1 73  ? -2.087  -20.109 1.446   1.00 44.05 ? 73  ASP A CA  1 
ATOM   609  C  C   . ASP A 1 73  ? -3.504  -20.305 0.874   1.00 46.07 ? 73  ASP A C   1 
ATOM   610  O  O   . ASP A 1 73  ? -4.220  -21.239 1.246   1.00 46.08 ? 73  ASP A O   1 
ATOM   611  C  CB  . ASP A 1 73  ? -1.872  -20.916 2.736   1.00 44.39 ? 73  ASP A CB  1 
ATOM   612  C  CG  . ASP A 1 73  ? -1.841  -22.413 2.508   1.00 52.97 ? 73  ASP A CG  1 
ATOM   613  O  OD1 . ASP A 1 73  ? -1.621  -22.850 1.356   1.00 57.45 ? 73  ASP A OD1 1 
ATOM   614  O  OD2 . ASP A 1 73  ? -2.028  -23.156 3.500   1.00 53.05 ? 73  ASP A OD2 1 
ATOM   615  N  N   . GLY A 1 74  ? -3.909  -19.400 -0.019  1.00 45.45 ? 74  GLY A N   1 
ATOM   616  C  CA  . GLY A 1 74  ? -5.200  -19.494 -0.686  1.00 40.54 ? 74  GLY A CA  1 
ATOM   617  C  C   . GLY A 1 74  ? -6.407  -19.064 0.135   1.00 43.54 ? 74  GLY A C   1 
ATOM   618  O  O   . GLY A 1 74  ? -7.548  -19.221 -0.309  1.00 42.09 ? 74  GLY A O   1 
ATOM   619  N  N   . ARG A 1 75  ? -6.171  -18.520 1.327   1.00 37.30 ? 75  ARG A N   1 
ATOM   620  C  CA  . ARG A 1 75  ? -7.267  -18.084 2.188   1.00 37.50 ? 75  ARG A CA  1 
ATOM   621  C  C   . ARG A 1 75  ? -7.140  -16.613 2.566   1.00 34.16 ? 75  ARG A C   1 
ATOM   622  O  O   . ARG A 1 75  ? -6.029  -16.099 2.701   1.00 32.06 ? 75  ARG A O   1 
ATOM   623  C  CB  . ARG A 1 75  ? -7.315  -18.935 3.463   1.00 39.82 ? 75  ARG A CB  1 
ATOM   624  N  N   . ARG A 1 76  ? -8.271  -15.934 2.729   1.00 29.69 ? 76  ARG A N   1 
ATOM   625  C  CA  . ARG A 1 76  ? -8.247  -14.564 3.230   1.00 32.57 ? 76  ARG A CA  1 
ATOM   626  C  C   . ARG A 1 76  ? -7.835  -14.556 4.699   1.00 32.98 ? 76  ARG A C   1 
ATOM   627  O  O   . ARG A 1 76  ? -8.420  -15.261 5.519   1.00 32.12 ? 76  ARG A O   1 
ATOM   628  C  CB  . ARG A 1 76  ? -9.606  -13.897 3.062   1.00 36.19 ? 76  ARG A CB  1 
ATOM   629  C  CG  . ARG A 1 76  ? -10.016 -13.712 1.606   1.00 39.18 ? 76  ARG A CG  1 
ATOM   630  C  CD  . ARG A 1 76  ? -11.340 -12.983 1.516   1.00 42.03 ? 76  ARG A CD  1 
ATOM   631  N  NE  . ARG A 1 76  ? -11.555 -12.364 0.210   1.00 44.84 ? 76  ARG A NE  1 
ATOM   632  C  CZ  . ARG A 1 76  ? -12.499 -12.732 -0.650  1.00 49.08 ? 76  ARG A CZ  1 
ATOM   633  N  NH1 . ARG A 1 76  ? -13.329 -13.730 -0.354  1.00 54.27 ? 76  ARG A NH1 1 
ATOM   634  N  NH2 . ARG A 1 76  ? -12.620 -12.098 -1.811  1.00 41.27 ? 76  ARG A NH2 1 
ATOM   635  N  N   . GLU A 1 77  ? -6.815  -13.768 5.026   1.00 30.25 ? 77  GLU A N   1 
ATOM   636  C  CA  . GLU A 1 77  ? -6.323  -13.679 6.398   1.00 27.16 ? 77  GLU A CA  1 
ATOM   637  C  C   . GLU A 1 77  ? -6.084  -12.212 6.718   1.00 29.87 ? 77  GLU A C   1 
ATOM   638  O  O   . GLU A 1 77  ? -6.093  -11.363 5.817   1.00 27.16 ? 77  GLU A O   1 
ATOM   639  C  CB  . GLU A 1 77  ? -5.022  -14.469 6.570   1.00 30.11 ? 77  GLU A CB  1 
ATOM   640  C  CG  . GLU A 1 77  ? -5.118  -15.966 6.266   1.00 36.05 ? 77  GLU A CG  1 
ATOM   641  C  CD  . GLU A 1 77  ? -5.802  -16.776 7.368   1.00 44.69 ? 77  GLU A CD  1 
ATOM   642  O  OE1 . GLU A 1 77  ? -5.936  -16.260 8.503   1.00 45.41 ? 77  GLU A OE1 1 
ATOM   643  O  OE2 . GLU A 1 77  ? -6.198  -17.938 7.093   1.00 43.57 ? 77  GLU A OE2 1 
ATOM   644  N  N   . ARG A 1 78  ? -5.890  -11.899 7.994   1.00 26.52 ? 78  ARG A N   1 
ATOM   645  C  CA  . ARG A 1 78  ? -5.663  -10.510 8.387   1.00 25.29 ? 78  ARG A CA  1 
ATOM   646  C  C   . ARG A 1 78  ? -4.463  -10.452 9.316   1.00 32.11 ? 78  ARG A C   1 
ATOM   647  O  O   . ARG A 1 78  ? -4.368  -11.239 10.260  1.00 28.74 ? 78  ARG A O   1 
ATOM   648  C  CB  . ARG A 1 78  ? -6.899  -9.933  9.089   1.00 30.59 ? 78  ARG A CB  1 
ATOM   649  C  CG  . ARG A 1 78  ? -6.839  -8.419  9.335   1.00 30.34 ? 78  ARG A CG  1 
ATOM   650  C  CD  . ARG A 1 78  ? -7.998  -7.932  10.209  1.00 32.62 ? 78  ARG A CD  1 
ATOM   651  N  NE  . ARG A 1 78  ? -7.788  -8.299  11.610  1.00 33.82 ? 78  ARG A NE  1 
ATOM   652  C  CZ  . ARG A 1 78  ? -8.533  -9.174  12.282  1.00 42.73 ? 78  ARG A CZ  1 
ATOM   653  N  NH1 . ARG A 1 78  ? -9.571  -9.764  11.692  1.00 37.30 ? 78  ARG A NH1 1 
ATOM   654  N  NH2 . ARG A 1 78  ? -8.248  -9.449  13.555  1.00 35.94 ? 78  ARG A NH2 1 
ATOM   655  N  N   . ALA A 1 79  ? -3.532  -9.547  9.030   1.00 24.06 ? 79  ALA A N   1 
ATOM   656  C  CA  . ALA A 1 79  ? -2.441  -9.278  9.963   1.00 27.79 ? 79  ALA A CA  1 
ATOM   657  C  C   . ALA A 1 79  ? -2.695  -7.913  10.592  1.00 26.72 ? 79  ALA A C   1 
ATOM   658  O  O   . ALA A 1 79  ? -2.718  -6.897  9.893   1.00 23.51 ? 79  ALA A O   1 
ATOM   659  C  CB  . ALA A 1 79  ? -1.097  -9.307  9.256   1.00 24.30 ? 79  ALA A CB  1 
ATOM   660  N  N   . ASP A 1 80  ? -2.915  -7.892  11.905  1.00 24.83 ? 80  ASP A N   1 
ATOM   661  C  CA  . ASP A 1 80  ? -3.135  -6.637  12.622  1.00 25.02 ? 80  ASP A CA  1 
ATOM   662  C  C   . ASP A 1 80  ? -1.809  -5.920  12.894  1.00 23.53 ? 80  ASP A C   1 
ATOM   663  O  O   . ASP A 1 80  ? -0.843  -6.538  13.334  1.00 21.92 ? 80  ASP A O   1 
ATOM   664  C  CB  . ASP A 1 80  ? -3.845  -6.901  13.952  1.00 27.61 ? 80  ASP A CB  1 
ATOM   665  C  CG  . ASP A 1 80  ? -5.328  -7.211  13.782  1.00 33.85 ? 80  ASP A CG  1 
ATOM   666  O  OD1 . ASP A 1 80  ? -6.003  -6.527  12.984  1.00 32.82 ? 80  ASP A OD1 1 
ATOM   667  O  OD2 . ASP A 1 80  ? -5.820  -8.134  14.463  1.00 39.67 ? 80  ASP A OD2 1 
ATOM   668  N  N   . LEU A 1 81  ? -1.774  -4.618  12.632  1.00 19.92 ? 81  LEU A N   1 
ATOM   669  C  CA  . LEU A 1 81  ? -0.623  -3.795  12.994  1.00 23.09 ? 81  LEU A CA  1 
ATOM   670  C  C   . LEU A 1 81  ? -1.033  -2.911  14.150  1.00 17.99 ? 81  LEU A C   1 
ATOM   671  O  O   . LEU A 1 81  ? -1.430  -1.764  13.947  1.00 19.97 ? 81  LEU A O   1 
ATOM   672  C  CB  . LEU A 1 81  ? -0.165  -2.926  11.815  1.00 21.06 ? 81  LEU A CB  1 
ATOM   673  C  CG  . LEU A 1 81  ? 0.362   -3.694  10.606  1.00 18.87 ? 81  LEU A CG  1 
ATOM   674  C  CD1 . LEU A 1 81  ? 0.758   -2.723  9.491   1.00 22.10 ? 81  LEU A CD1 1 
ATOM   675  C  CD2 . LEU A 1 81  ? 1.555   -4.545  11.017  1.00 21.79 ? 81  LEU A CD2 1 
ATOM   676  N  N   . LYS A 1 82  ? -0.970  -3.447  15.368  1.00 19.48 ? 82  LYS A N   1 
ATOM   677  C  CA  . LYS A 1 82  ? -1.338  -2.654  16.534  1.00 22.74 ? 82  LYS A CA  1 
ATOM   678  C  C   . LYS A 1 82  ? -0.220  -1.675  16.827  1.00 21.77 ? 82  LYS A C   1 
ATOM   679  O  O   . LYS A 1 82  ? 0.927   -1.924  16.466  1.00 20.46 ? 82  LYS A O   1 
ATOM   680  C  CB  . LYS A 1 82  ? -1.605  -3.553  17.749  1.00 23.64 ? 82  LYS A CB  1 
ATOM   681  C  CG  . LYS A 1 82  ? -2.651  -4.641  17.475  1.00 27.81 ? 82  LYS A CG  1 
ATOM   682  C  CD  . LYS A 1 82  ? -3.204  -5.251  18.763  1.00 37.99 ? 82  LYS A CD  1 
ATOM   683  C  CE  . LYS A 1 82  ? -4.083  -6.475  18.461  1.00 43.83 ? 82  LYS A CE  1 
ATOM   684  N  NZ  . LYS A 1 82  ? -4.957  -6.256  17.276  1.00 36.47 ? 82  LYS A NZ  1 
ATOM   685  N  N   . GLU A 1 83  ? -0.552  -0.556  17.461  1.00 22.32 ? 83  GLU A N   1 
ATOM   686  C  CA  . GLU A 1 83  ? 0.477   0.427   17.803  1.00 20.57 ? 83  GLU A CA  1 
ATOM   687  C  C   . GLU A 1 83  ? 1.637   -0.238  18.519  1.00 25.59 ? 83  GLU A C   1 
ATOM   688  O  O   . GLU A 1 83  ? 1.442   -0.995  19.485  1.00 22.77 ? 83  GLU A O   1 
ATOM   689  C  CB  . GLU A 1 83  ? -0.097  1.543   18.670  1.00 22.06 ? 83  GLU A CB  1 
ATOM   690  C  CG  . GLU A 1 83  ? 0.893   2.652   18.928  1.00 22.74 ? 83  GLU A CG  1 
ATOM   691  C  CD  . GLU A 1 83  ? 0.335   3.747   19.797  1.00 29.72 ? 83  GLU A CD  1 
ATOM   692  O  OE1 . GLU A 1 83  ? 0.660   3.757   21.006  1.00 34.02 ? 83  GLU A OE1 1 
ATOM   693  O  OE2 . GLU A 1 83  ? -0.417  4.606   19.279  1.00 25.07 ? 83  GLU A OE2 1 
ATOM   694  N  N   . GLY A 1 84  ? 2.842   0.011   18.012  1.00 20.59 ? 84  GLY A N   1 
ATOM   695  C  CA  . GLY A 1 84  ? 4.039   -0.605  18.548  1.00 21.95 ? 84  GLY A CA  1 
ATOM   696  C  C   . GLY A 1 84  ? 4.483   -1.860  17.816  1.00 22.59 ? 84  GLY A C   1 
ATOM   697  O  O   . GLY A 1 84  ? 5.578   -2.340  18.072  1.00 22.34 ? 84  GLY A O   1 
ATOM   698  N  N   . ASP A 1 85  ? 3.660   -2.408  16.918  1.00 18.88 ? 85  ASP A N   1 
ATOM   699  C  CA  . ASP A 1 85  ? 4.031   -3.657  16.241  1.00 16.60 ? 85  ASP A CA  1 
ATOM   700  C  C   . ASP A 1 85  ? 5.034   -3.411  15.108  1.00 17.90 ? 85  ASP A C   1 
ATOM   701  O  O   . ASP A 1 85  ? 4.949   -2.387  14.412  1.00 18.74 ? 85  ASP A O   1 
ATOM   702  C  CB  . ASP A 1 85  ? 2.810   -4.341  15.602  1.00 17.81 ? 85  ASP A CB  1 
ATOM   703  C  CG  . ASP A 1 85  ? 1.971   -5.127  16.590  1.00 26.55 ? 85  ASP A CG  1 
ATOM   704  O  OD1 . ASP A 1 85  ? 2.431   -5.374  17.727  1.00 22.50 ? 85  ASP A OD1 1 
ATOM   705  O  OD2 . ASP A 1 85  ? 0.836   -5.509  16.207  1.00 25.24 ? 85  ASP A OD2 1 
ATOM   706  N  N   . ILE A 1 86  ? 5.945   -4.364  14.913  1.00 18.43 ? 86  ILE A N   1 
ATOM   707  C  CA  . ILE A 1 86  ? 6.730   -4.452  13.681  1.00 15.67 ? 86  ILE A CA  1 
ATOM   708  C  C   . ILE A 1 86  ? 6.383   -5.745  12.936  1.00 19.02 ? 86  ILE A C   1 
ATOM   709  O  O   . ILE A 1 86  ? 5.830   -6.696  13.516  1.00 19.61 ? 86  ILE A O   1 
ATOM   710  C  CB  . ILE A 1 86  ? 8.246   -4.333  13.916  1.00 19.07 ? 86  ILE A CB  1 
ATOM   711  C  CG1 . ILE A 1 86  ? 8.753   -5.461  14.831  1.00 16.95 ? 86  ILE A CG1 1 
ATOM   712  C  CG2 . ILE A 1 86  ? 8.558   -2.936  14.523  1.00 17.41 ? 86  ILE A CG2 1 
ATOM   713  C  CD1 . ILE A 1 86  ? 10.301  -5.623  14.815  1.00 21.62 ? 86  ILE A CD1 1 
ATOM   714  N  N   . PHE A 1 87  ? 6.701   -5.775  11.650  1.00 15.46 ? 87  PHE A N   1 
ATOM   715  C  CA  . PHE A 1 87  ? 6.270   -6.872  10.788  1.00 17.97 ? 87  PHE A CA  1 
ATOM   716  C  C   . PHE A 1 87  ? 7.123   -6.826  9.539   1.00 19.66 ? 87  PHE A C   1 
ATOM   717  O  O   . PHE A 1 87  ? 7.407   -5.729  9.036   1.00 18.23 ? 87  PHE A O   1 
ATOM   718  C  CB  . PHE A 1 87  ? 4.803   -6.639  10.411  1.00 17.39 ? 87  PHE A CB  1 
ATOM   719  C  CG  . PHE A 1 87  ? 4.231   -7.668  9.464   1.00 19.25 ? 87  PHE A CG  1 
ATOM   720  C  CD1 . PHE A 1 87  ? 4.308   -9.027  9.758   1.00 21.25 ? 87  PHE A CD1 1 
ATOM   721  C  CD2 . PHE A 1 87  ? 3.573   -7.269  8.306   1.00 20.52 ? 87  PHE A CD2 1 
ATOM   722  C  CE1 . PHE A 1 87  ? 3.760   -9.985  8.899   1.00 20.92 ? 87  PHE A CE1 1 
ATOM   723  C  CE2 . PHE A 1 87  ? 3.026   -8.207  7.431   1.00 19.73 ? 87  PHE A CE2 1 
ATOM   724  C  CZ  . PHE A 1 87  ? 3.115   -9.578  7.730   1.00 21.73 ? 87  PHE A CZ  1 
ATOM   725  N  N   . LEU A 1 88  ? 7.554   -7.994  9.050   1.00 16.88 ? 88  LEU A N   1 
ATOM   726  C  CA  . LEU A 1 88  ? 8.256   -8.076  7.766   1.00 14.54 ? 88  LEU A CA  1 
ATOM   727  C  C   . LEU A 1 88  ? 7.425   -8.951  6.818   1.00 18.46 ? 88  LEU A C   1 
ATOM   728  O  O   . LEU A 1 88  ? 7.146   -10.109 7.125   1.00 17.44 ? 88  LEU A O   1 
ATOM   729  C  CB  . LEU A 1 88  ? 9.653   -8.668  7.935   1.00 18.15 ? 88  LEU A CB  1 
ATOM   730  C  CG  . LEU A 1 88  ? 10.597  -8.606  6.726   1.00 17.96 ? 88  LEU A CG  1 
ATOM   731  C  CD1 . LEU A 1 88  ? 10.858  -7.157  6.302   1.00 16.46 ? 88  LEU A CD1 1 
ATOM   732  C  CD2 . LEU A 1 88  ? 11.899  -9.316  7.076   1.00 20.54 ? 88  LEU A CD2 1 
ATOM   733  N  N   . LEU A 1 89  ? 7.007   -8.389  5.686   1.00 18.07 ? 89  LEU A N   1 
ATOM   734  C  CA  . LEU A 1 89  ? 6.172   -9.134  4.713   1.00 14.92 ? 89  LEU A CA  1 
ATOM   735  C  C   . LEU A 1 89  ? 7.081   -9.733  3.644   1.00 18.22 ? 89  LEU A C   1 
ATOM   736  O  O   . LEU A 1 89  ? 7.935   -9.033  3.107   1.00 18.34 ? 89  LEU A O   1 
ATOM   737  C  CB  . LEU A 1 89  ? 5.160   -8.168  4.087   1.00 18.08 ? 89  LEU A CB  1 
ATOM   738  C  CG  . LEU A 1 89  ? 4.074   -8.743  3.169   1.00 17.22 ? 89  LEU A CG  1 
ATOM   739  C  CD1 . LEU A 1 89  ? 3.050   -9.521  3.975   1.00 19.81 ? 89  LEU A CD1 1 
ATOM   740  C  CD2 . LEU A 1 89  ? 3.410   -7.610  2.435   1.00 20.39 ? 89  LEU A CD2 1 
ATOM   741  N  N   . PRO A 1 90  ? 6.945   -11.044 3.363   1.00 17.50 ? 90  PRO A N   1 
ATOM   742  C  CA  . PRO A 1 90  ? 7.795   -11.682 2.353   1.00 18.73 ? 90  PRO A CA  1 
ATOM   743  C  C   . PRO A 1 90  ? 7.377   -11.206 0.962   1.00 19.74 ? 90  PRO A C   1 
ATOM   744  O  O   . PRO A 1 90  ? 6.277   -10.664 0.831   1.00 19.19 ? 90  PRO A O   1 
ATOM   745  C  CB  . PRO A 1 90  ? 7.464   -13.184 2.508   1.00 21.17 ? 90  PRO A CB  1 
ATOM   746  C  CG  . PRO A 1 90  ? 6.751   -13.301 3.816   1.00 24.42 ? 90  PRO A CG  1 
ATOM   747  C  CD  . PRO A 1 90  ? 6.048   -12.008 4.026   1.00 21.87 ? 90  PRO A CD  1 
ATOM   748  N  N   . PRO A 1 91  ? 8.242   -11.386 -0.049  1.00 18.76 ? 91  PRO A N   1 
ATOM   749  C  CA  . PRO A 1 91  ? 7.858   -11.008 -1.412  1.00 21.01 ? 91  PRO A CA  1 
ATOM   750  C  C   . PRO A 1 91  ? 6.609   -11.754 -1.848  1.00 20.71 ? 91  PRO A C   1 
ATOM   751  O  O   . PRO A 1 91  ? 6.397   -12.903 -1.417  1.00 19.66 ? 91  PRO A O   1 
ATOM   752  C  CB  . PRO A 1 91  ? 9.049   -11.476 -2.244  1.00 23.66 ? 91  PRO A CB  1 
ATOM   753  C  CG  . PRO A 1 91  ? 10.221  -11.431 -1.282  1.00 23.39 ? 91  PRO A CG  1 
ATOM   754  C  CD  . PRO A 1 91  ? 9.638   -11.857 0.027   1.00 21.31 ? 91  PRO A CD  1 
ATOM   755  N  N   . HIS A 1 92  ? 5.785   -11.075 -2.645  1.00 22.14 ? 92  HIS A N   1 
ATOM   756  C  CA  . HIS A 1 92  ? 4.641   -11.661 -3.354  1.00 20.18 ? 92  HIS A CA  1 
ATOM   757  C  C   . HIS A 1 92  ? 3.420   -12.017 -2.506  1.00 22.35 ? 92  HIS A C   1 
ATOM   758  O  O   . HIS A 1 92  ? 2.409   -12.478 -3.047  1.00 22.01 ? 92  HIS A O   1 
ATOM   759  C  CB  . HIS A 1 92  ? 5.073   -12.867 -4.214  1.00 22.18 ? 92  HIS A CB  1 
ATOM   760  C  CG  . HIS A 1 92  ? 6.088   -12.523 -5.267  1.00 24.07 ? 92  HIS A CG  1 
ATOM   761  N  ND1 . HIS A 1 92  ? 5.866   -11.567 -6.230  1.00 25.89 ? 92  HIS A ND1 1 
ATOM   762  C  CD2 . HIS A 1 92  ? 7.335   -13.008 -5.497  1.00 26.22 ? 92  HIS A CD2 1 
ATOM   763  C  CE1 . HIS A 1 92  ? 6.929   -11.471 -7.012  1.00 24.35 ? 92  HIS A CE1 1 
ATOM   764  N  NE2 . HIS A 1 92  ? 7.829   -12.341 -6.590  1.00 26.22 ? 92  HIS A NE2 1 
ATOM   765  N  N   . VAL A 1 93  ? 3.497   -11.820 -1.191  1.00 18.32 ? 93  VAL A N   1 
ATOM   766  C  CA  . VAL A 1 93  ? 2.314   -12.008 -0.362  1.00 18.86 ? 93  VAL A CA  1 
ATOM   767  C  C   . VAL A 1 93  ? 1.354   -10.856 -0.626  1.00 21.58 ? 93  VAL A C   1 
ATOM   768  O  O   . VAL A 1 93  ? 1.674   -9.697  -0.358  1.00 19.78 ? 93  VAL A O   1 
ATOM   769  C  CB  . VAL A 1 93  ? 2.652   -12.091 1.143   1.00 19.87 ? 93  VAL A CB  1 
ATOM   770  C  CG1 . VAL A 1 93  ? 1.367   -12.188 1.964   1.00 21.22 ? 93  VAL A CG1 1 
ATOM   771  C  CG2 . VAL A 1 93  ? 3.554   -13.297 1.408   1.00 19.54 ? 93  VAL A CG2 1 
ATOM   772  N  N   . ARG A 1 94  ? 0.188   -11.180 -1.180  1.00 18.71 ? 94  ARG A N   1 
ATOM   773  C  CA  . ARG A 1 94  ? -0.808  -10.178 -1.526  1.00 20.00 ? 94  ARG A CA  1 
ATOM   774  C  C   . ARG A 1 94  ? -1.338  -9.486  -0.272  1.00 20.48 ? 94  ARG A C   1 
ATOM   775  O  O   . ARG A 1 94  ? -1.710  -10.149 0.705   1.00 20.57 ? 94  ARG A O   1 
ATOM   776  C  CB  . ARG A 1 94  ? -1.966  -10.823 -2.292  1.00 22.12 ? 94  ARG A CB  1 
ATOM   777  C  CG  . ARG A 1 94  ? -1.818  -10.774 -3.812  1.00 23.95 ? 94  ARG A CG  1 
ATOM   778  C  CD  . ARG A 1 94  ? -0.556  -11.434 -4.292  1.00 26.46 ? 94  ARG A CD  1 
ATOM   779  N  NE  . ARG A 1 94  ? -0.639  -11.853 -5.697  1.00 23.14 ? 94  ARG A NE  1 
ATOM   780  C  CZ  . ARG A 1 94  ? 0.249   -12.659 -6.268  1.00 25.00 ? 94  ARG A CZ  1 
ATOM   781  N  NH1 . ARG A 1 94  ? 1.294   -13.099 -5.561  1.00 22.85 ? 94  ARG A NH1 1 
ATOM   782  N  NH2 . ARG A 1 94  ? 0.105   -13.030 -7.538  1.00 24.35 ? 94  ARG A NH2 1 
ATOM   783  N  N   . HIS A 1 95  ? -1.350  -8.154  -0.287  1.00 18.23 ? 95  HIS A N   1 
ATOM   784  C  CA  . HIS A 1 95  ? -1.736  -7.391  0.898   1.00 17.01 ? 95  HIS A CA  1 
ATOM   785  C  C   . HIS A 1 95  ? -2.506  -6.136  0.528   1.00 19.30 ? 95  HIS A C   1 
ATOM   786  O  O   . HIS A 1 95  ? -2.148  -5.425  -0.416  1.00 20.07 ? 95  HIS A O   1 
ATOM   787  C  CB  . HIS A 1 95  ? -0.507  -7.008  1.749   1.00 16.72 ? 95  HIS A CB  1 
ATOM   788  C  CG  . HIS A 1 95  ? 0.565   -6.301  0.973   1.00 17.74 ? 95  HIS A CG  1 
ATOM   789  N  ND1 . HIS A 1 95  ? 1.385   -6.943  0.080   1.00 17.49 ? 95  HIS A ND1 1 
ATOM   790  C  CD2 . HIS A 1 95  ? 0.945   -4.999  0.952   1.00 20.25 ? 95  HIS A CD2 1 
ATOM   791  C  CE1 . HIS A 1 95  ? 2.217   -6.074  -0.474  1.00 18.75 ? 95  HIS A CE1 1 
ATOM   792  N  NE2 . HIS A 1 95  ? 1.973   -4.885  0.046   1.00 21.59 ? 95  HIS A NE2 1 
ATOM   793  N  N   . SER A 1 96  ? -3.543  -5.856  1.305   1.00 16.25 ? 96  SER A N   1 
ATOM   794  C  CA  . SER A 1 96  ? -4.354  -4.655  1.148   1.00 17.67 ? 96  SER A CA  1 
ATOM   795  C  C   . SER A 1 96  ? -4.396  -3.924  2.489   1.00 22.29 ? 96  SER A C   1 
ATOM   796  O  O   . SER A 1 96  ? -5.179  -4.284  3.372   1.00 20.39 ? 96  SER A O   1 
ATOM   797  C  CB  . SER A 1 96  ? -5.773  -5.057  0.735   1.00 21.19 ? 96  SER A CB  1 
ATOM   798  O  OG  . SER A 1 96  ? -6.543  -3.920  0.391   1.00 22.38 ? 96  SER A OG  1 
ATOM   799  N  N   . PRO A 1 97  ? -3.570  -2.873  2.653   1.00 20.76 ? 97  PRO A N   1 
ATOM   800  C  CA  . PRO A 1 97  ? -3.522  -2.213  3.960   1.00 18.62 ? 97  PRO A CA  1 
ATOM   801  C  C   . PRO A 1 97  ? -4.752  -1.351  4.217   1.00 21.59 ? 97  PRO A C   1 
ATOM   802  O  O   . PRO A 1 97  ? -5.198  -0.603  3.337   1.00 23.09 ? 97  PRO A O   1 
ATOM   803  C  CB  . PRO A 1 97  ? -2.291  -1.302  3.846   1.00 24.78 ? 97  PRO A CB  1 
ATOM   804  C  CG  . PRO A 1 97  ? -2.299  -0.894  2.412   1.00 30.27 ? 97  PRO A CG  1 
ATOM   805  C  CD  . PRO A 1 97  ? -2.809  -2.130  1.637   1.00 24.28 ? 97  PRO A CD  1 
ATOM   806  N  N   . GLN A 1 98  ? -5.286  -1.453  5.430   1.00 18.66 ? 98  GLN A N   1 
ATOM   807  C  CA  . GLN A 1 98  ? -6.409  -0.625  5.840   1.00 20.10 ? 98  GLN A CA  1 
ATOM   808  C  C   . GLN A 1 98  ? -5.985  0.217   7.018   1.00 18.21 ? 98  GLN A C   1 
ATOM   809  O  O   . GLN A 1 98  ? -5.388  -0.288  7.966   1.00 19.58 ? 98  GLN A O   1 
ATOM   810  C  CB  . GLN A 1 98  ? -7.584  -1.515  6.249   1.00 21.48 ? 98  GLN A CB  1 
ATOM   811  C  CG  . GLN A 1 98  ? -7.909  -2.620  5.234   1.00 21.90 ? 98  GLN A CG  1 
ATOM   812  C  CD  . GLN A 1 98  ? -8.258  -2.088  3.856   1.00 22.74 ? 98  GLN A CD  1 
ATOM   813  O  OE1 . GLN A 1 98  ? -8.957  -1.082  3.719   1.00 21.08 ? 98  GLN A OE1 1 
ATOM   814  N  NE2 . GLN A 1 98  ? -7.770  -2.769  2.822   1.00 20.93 ? 98  GLN A NE2 1 
ATOM   815  N  N   . ARG A 1 99  ? -6.279  1.505   6.966   1.00 17.77 ? 99  ARG A N   1 
ATOM   816  C  CA  . ARG A 1 99  ? -5.797  2.408   8.004   1.00 21.81 ? 99  ARG A CA  1 
ATOM   817  C  C   . ARG A 1 99  ? -6.943  3.254   8.517   1.00 18.79 ? 99  ARG A C   1 
ATOM   818  O  O   . ARG A 1 99  ? -7.083  4.412   8.138   1.00 20.23 ? 99  ARG A O   1 
ATOM   819  C  CB  . ARG A 1 99  ? -4.649  3.275   7.463   1.00 20.16 ? 99  ARG A CB  1 
ATOM   820  C  CG  . ARG A 1 99  ? -3.449  2.398   7.063   1.00 20.82 ? 99  ARG A CG  1 
ATOM   821  C  CD  . ARG A 1 99  ? -2.190  3.155   6.663   1.00 22.35 ? 99  ARG A CD  1 
ATOM   822  N  NE  . ARG A 1 99  ? -1.112  2.206   6.362   1.00 23.61 ? 99  ARG A NE  1 
ATOM   823  C  CZ  . ARG A 1 99  ? -0.405  1.569   7.290   1.00 25.23 ? 99  ARG A CZ  1 
ATOM   824  N  NH1 . ARG A 1 99  ? -0.650  1.789   8.586   1.00 18.08 ? 99  ARG A NH1 1 
ATOM   825  N  NH2 . ARG A 1 99  ? 0.542   0.707   6.928   1.00 21.26 ? 99  ARG A NH2 1 
ATOM   826  N  N   . PRO A 1 100 ? -7.760  2.678   9.411   1.00 19.26 ? 100 PRO A N   1 
ATOM   827  C  CA  . PRO A 1 100 ? -9.003  3.378   9.761   1.00 21.91 ? 100 PRO A CA  1 
ATOM   828  C  C   . PRO A 1 100 ? -8.825  4.621   10.630  1.00 22.88 ? 100 PRO A C   1 
ATOM   829  O  O   . PRO A 1 100 ? -9.717  5.472   10.618  1.00 20.92 ? 100 PRO A O   1 
ATOM   830  C  CB  . PRO A 1 100 ? -9.811  2.309   10.509  1.00 25.18 ? 100 PRO A CB  1 
ATOM   831  C  CG  . PRO A 1 100 ? -8.804  1.324   10.999  1.00 26.48 ? 100 PRO A CG  1 
ATOM   832  C  CD  . PRO A 1 100 ? -7.687  1.326   9.996   1.00 22.29 ? 100 PRO A CD  1 
ATOM   833  N  N   . GLU A 1 101 ? -7.712  4.746   11.354  1.00 21.91 ? 101 GLU A N   1 
ATOM   834  C  CA  . GLU A 1 101 ? -7.593  5.813   12.362  1.00 20.66 ? 101 GLU A CA  1 
ATOM   835  C  C   . GLU A 1 101 ? -6.910  7.085   11.862  1.00 23.45 ? 101 GLU A C   1 
ATOM   836  O  O   . GLU A 1 101 ? -5.835  7.019   11.256  1.00 23.90 ? 101 GLU A O   1 
ATOM   837  C  CB  . GLU A 1 101 ? -6.828  5.311   13.598  1.00 22.36 ? 101 GLU A CB  1 
ATOM   838  C  CG  . GLU A 1 101 ? -7.506  4.165   14.322  1.00 24.92 ? 101 GLU A CG  1 
ATOM   839  C  CD  . GLU A 1 101 ? -6.680  3.630   15.468  1.00 23.08 ? 101 GLU A CD  1 
ATOM   840  O  OE1 . GLU A 1 101 ? -7.012  2.536   15.980  1.00 23.48 ? 101 GLU A OE1 1 
ATOM   841  O  OE2 . GLU A 1 101 ? -5.695  4.306   15.861  1.00 26.16 ? 101 GLU A OE2 1 
ATOM   842  N  N   . ALA A 1 102 ? -7.521  8.240   12.139  1.00 20.14 ? 102 ALA A N   1 
ATOM   843  C  CA  . ALA A 1 102 ? -6.871  9.530   11.900  1.00 21.59 ? 102 ALA A CA  1 
ATOM   844  C  C   . ALA A 1 102 ? -5.723  9.665   12.889  1.00 21.80 ? 102 ALA A C   1 
ATOM   845  O  O   . ALA A 1 102 ? -5.758  9.060   13.959  1.00 20.62 ? 102 ALA A O   1 
ATOM   846  C  CB  . ALA A 1 102 ? -7.855  10.669  12.094  1.00 21.97 ? 102 ALA A CB  1 
ATOM   847  N  N   . GLY A 1 103 ? -4.710  10.454  12.537  1.00 21.56 ? 103 GLY A N   1 
ATOM   848  C  CA  . GLY A 1 103 ? -3.571  10.647  13.419  1.00 24.26 ? 103 GLY A CA  1 
ATOM   849  C  C   . GLY A 1 103 ? -2.645  9.444   13.559  1.00 25.24 ? 103 GLY A C   1 
ATOM   850  O  O   . GLY A 1 103 ? -1.690  9.489   14.343  1.00 24.43 ? 103 GLY A O   1 
ATOM   851  N  N   . SER A 1 104 ? -2.909  8.366   12.820  1.00 19.90 ? 104 SER A N   1 
ATOM   852  C  CA  . SER A 1 104 ? -2.063  7.179   12.930  1.00 22.54 ? 104 SER A CA  1 
ATOM   853  C  C   . SER A 1 104 ? -0.829  7.388   12.065  1.00 20.36 ? 104 SER A C   1 
ATOM   854  O  O   . SER A 1 104 ? -0.816  8.262   11.197  1.00 20.29 ? 104 SER A O   1 
ATOM   855  C  CB  . SER A 1 104 ? -2.797  5.897   12.508  1.00 21.28 ? 104 SER A CB  1 
ATOM   856  O  OG  . SER A 1 104 ? -3.159  5.931   11.139  1.00 22.58 ? 104 SER A OG  1 
ATOM   857  N  N   . ALA A 1 105 ? 0.216   6.603   12.304  1.00 17.39 ? 105 ALA A N   1 
ATOM   858  C  CA  . ALA A 1 105 ? 1.438   6.782   11.535  1.00 17.85 ? 105 ALA A CA  1 
ATOM   859  C  C   . ALA A 1 105 ? 2.207   5.490   11.542  1.00 16.46 ? 105 ALA A C   1 
ATOM   860  O  O   . ALA A 1 105 ? 2.478   4.930   12.606  1.00 19.41 ? 105 ALA A O   1 
ATOM   861  C  CB  . ALA A 1 105 ? 2.276   7.899   12.114  1.00 18.27 ? 105 ALA A CB  1 
ATOM   862  N  N   . CYS A 1 106 ? 2.547   5.007   10.355  1.00 17.32 ? 106 CYS A N   1 
ATOM   863  C  CA  . CYS A 1 106 ? 3.301   3.777   10.236  1.00 17.20 ? 106 CYS A CA  1 
ATOM   864  C  C   . CYS A 1 106 ? 4.532   4.008   9.368   1.00 17.55 ? 106 CYS A C   1 
ATOM   865  O  O   . CYS A 1 106 ? 4.419   4.542   8.266   1.00 17.12 ? 106 CYS A O   1 
ATOM   866  C  CB  . CYS A 1 106 ? 2.421   2.706   9.589   1.00 18.25 ? 106 CYS A CB  1 
ATOM   867  S  SG  . CYS A 1 106 ? 3.147   1.069   9.473   1.00 18.98 ? 106 CYS A SG  1 
ATOM   868  N  N   . LEU A 1 107 ? 5.696   3.604   9.878   1.00 17.30 ? 107 LEU A N   1 
ATOM   869  C  CA  . LEU A 1 107 ? 6.931   3.576   9.095   1.00 17.43 ? 107 LEU A CA  1 
ATOM   870  C  C   . LEU A 1 107 ? 6.890   2.359   8.183   1.00 17.14 ? 107 LEU A C   1 
ATOM   871  O  O   . LEU A 1 107 ? 6.736   1.225   8.660   1.00 17.99 ? 107 LEU A O   1 
ATOM   872  C  CB  . LEU A 1 107 ? 8.140   3.470   10.027  1.00 15.91 ? 107 LEU A CB  1 
ATOM   873  C  CG  . LEU A 1 107 ? 9.525   3.300   9.408   1.00 18.08 ? 107 LEU A CG  1 
ATOM   874  C  CD1 . LEU A 1 107 ? 9.898   4.518   8.557   1.00 16.52 ? 107 LEU A CD1 1 
ATOM   875  C  CD2 . LEU A 1 107 ? 10.576  3.053   10.531  1.00 17.71 ? 107 LEU A CD2 1 
ATOM   876  N  N   . VAL A 1 108 ? 6.999   2.592   6.874   1.00 15.91 ? 108 VAL A N   1 
ATOM   877  C  CA  . VAL A 1 108 ? 7.055   1.509   5.906   1.00 16.44 ? 108 VAL A CA  1 
ATOM   878  C  C   . VAL A 1 108 ? 8.343   1.664   5.101   1.00 17.90 ? 108 VAL A C   1 
ATOM   879  O  O   . VAL A 1 108 ? 8.626   2.746   4.566   1.00 18.93 ? 108 VAL A O   1 
ATOM   880  C  CB  . VAL A 1 108 ? 5.841   1.520   4.949   1.00 19.49 ? 108 VAL A CB  1 
ATOM   881  C  CG1 . VAL A 1 108 ? 5.909   0.325   4.004   1.00 21.14 ? 108 VAL A CG1 1 
ATOM   882  C  CG2 . VAL A 1 108 ? 4.514   1.479   5.744   1.00 18.48 ? 108 VAL A CG2 1 
ATOM   883  N  N   . ILE A 1 109 ? 9.120   0.588   5.024   1.00 15.16 ? 109 ILE A N   1 
ATOM   884  C  CA  . ILE A 1 109 ? 10.366  0.621   4.268   1.00 16.32 ? 109 ILE A CA  1 
ATOM   885  C  C   . ILE A 1 109 ? 10.354  -0.458  3.197   1.00 18.38 ? 109 ILE A C   1 
ATOM   886  O  O   . ILE A 1 109 ? 10.075  -1.633  3.484   1.00 16.01 ? 109 ILE A O   1 
ATOM   887  C  CB  . ILE A 1 109 ? 11.606  0.470   5.193   1.00 15.59 ? 109 ILE A CB  1 
ATOM   888  C  CG1 . ILE A 1 109 ? 11.662  1.660   6.153   1.00 17.74 ? 109 ILE A CG1 1 
ATOM   889  C  CG2 . ILE A 1 109 ? 12.904  0.359   4.379   1.00 17.79 ? 109 ILE A CG2 1 
ATOM   890  C  CD1 . ILE A 1 109 ? 12.726  1.546   7.228   1.00 21.16 ? 109 ILE A CD1 1 
ATOM   891  N  N   . GLU A 1 110 ? 10.659  -0.036  1.967   1.00 19.52 ? 110 GLU A N   1 
ATOM   892  C  CA  . GLU A 1 110 ? 10.749  -0.908  0.798   1.00 18.24 ? 110 GLU A CA  1 
ATOM   893  C  C   . GLU A 1 110 ? 12.068  -0.596  0.077   1.00 20.24 ? 110 GLU A C   1 
ATOM   894  O  O   . GLU A 1 110 ? 12.789  0.323   0.479   1.00 19.00 ? 110 GLU A O   1 
ATOM   895  C  CB  . GLU A 1 110 ? 9.575   -0.607  -0.156  1.00 21.70 ? 110 GLU A CB  1 
ATOM   896  C  CG  . GLU A 1 110 ? 8.202   -0.915  0.427   1.00 24.30 ? 110 GLU A CG  1 
ATOM   897  C  CD  . GLU A 1 110 ? 7.065   -0.477  -0.486  1.00 27.85 ? 110 GLU A CD  1 
ATOM   898  O  OE1 . GLU A 1 110 ? 5.950   -0.259  0.041   1.00 35.23 ? 110 GLU A OE1 1 
ATOM   899  O  OE2 . GLU A 1 110 ? 7.280   -0.359  -1.723  1.00 24.30 ? 110 GLU A OE2 1 
ATOM   900  N  N   . ARG A 1 111 ? 12.380  -1.357  -0.974  1.00 20.39 ? 111 ARG A N   1 
ATOM   901  C  CA  . ARG A 1 111 ? 13.562  -1.114  -1.815  1.00 22.95 ? 111 ARG A CA  1 
ATOM   902  C  C   . ARG A 1 111 ? 13.105  -0.665  -3.198  1.00 21.98 ? 111 ARG A C   1 
ATOM   903  O  O   . ARG A 1 111 ? 12.068  -1.117  -3.674  1.00 21.84 ? 111 ARG A O   1 
ATOM   904  C  CB  . ARG A 1 111 ? 14.360  -2.421  -2.043  1.00 24.44 ? 111 ARG A CB  1 
ATOM   905  C  CG  . ARG A 1 111 ? 15.205  -2.936  -0.917  1.00 30.18 ? 111 ARG A CG  1 
ATOM   906  C  CD  . ARG A 1 111 ? 15.748  -4.323  -1.292  1.00 27.96 ? 111 ARG A CD  1 
ATOM   907  N  NE  . ARG A 1 111 ? 16.346  -4.274  -2.616  1.00 29.93 ? 111 ARG A NE  1 
ATOM   908  C  CZ  . ARG A 1 111 ? 16.728  -5.322  -3.338  1.00 27.04 ? 111 ARG A CZ  1 
ATOM   909  N  NH1 . ARG A 1 111 ? 16.598  -6.560  -2.882  1.00 23.90 ? 111 ARG A NH1 1 
ATOM   910  N  NH2 . ARG A 1 111 ? 17.255  -5.114  -4.531  1.00 27.45 ? 111 ARG A NH2 1 
ATOM   911  N  N   . GLN A 1 112 ? 13.892  0.181   -3.865  1.00 19.67 ? 112 GLN A N   1 
ATOM   912  C  CA  . GLN A 1 112 ? 13.653  0.456   -5.286  1.00 22.04 ? 112 GLN A CA  1 
ATOM   913  C  C   . GLN A 1 112 ? 13.705  -0.846  -6.072  1.00 23.53 ? 112 GLN A C   1 
ATOM   914  O  O   . GLN A 1 112 ? 14.563  -1.708  -5.833  1.00 19.57 ? 112 GLN A O   1 
ATOM   915  C  CB  . GLN A 1 112 ? 14.704  1.416   -5.869  1.00 24.43 ? 112 GLN A CB  1 
ATOM   916  C  CG  . GLN A 1 112 ? 14.755  2.780   -5.217  1.00 28.96 ? 112 GLN A CG  1 
ATOM   917  C  CD  . GLN A 1 112 ? 13.825  3.777   -5.865  1.00 39.33 ? 112 GLN A CD  1 
ATOM   918  O  OE1 . GLN A 1 112 ? 13.763  4.942   -5.444  1.00 41.43 ? 112 GLN A OE1 1 
ATOM   919  N  NE2 . GLN A 1 112 ? 13.097  3.336   -6.896  1.00 31.79 ? 112 GLN A NE2 1 
ATOM   920  N  N   . ARG A 1 113 ? 12.778  -1.005  -7.012  1.00 22.88 ? 113 ARG A N   1 
ATOM   921  C  CA  . ARG A 1 113 ? 12.767  -2.200  -7.846  1.00 24.07 ? 113 ARG A CA  1 
ATOM   922  C  C   . ARG A 1 113 ? 13.693  -2.005  -9.049  1.00 25.33 ? 113 ARG A C   1 
ATOM   923  O  O   . ARG A 1 113 ? 13.627  -0.970  -9.725  1.00 25.84 ? 113 ARG A O   1 
ATOM   924  C  CB  . ARG A 1 113 ? 11.340  -2.514  -8.337  1.00 27.88 ? 113 ARG A CB  1 
ATOM   925  C  CG  . ARG A 1 113 ? 10.493  -3.338  -7.379  1.00 27.57 ? 113 ARG A CG  1 
ATOM   926  C  CD  . ARG A 1 113 ? 10.239  -2.586  -6.077  1.00 26.06 ? 113 ARG A CD  1 
ATOM   927  N  NE  . ARG A 1 113 ? 8.821   -2.417  -5.773  1.00 21.22 ? 113 ARG A NE  1 
ATOM   928  C  CZ  . ARG A 1 113 ? 8.356   -1.767  -4.710  1.00 22.56 ? 113 ARG A CZ  1 
ATOM   929  N  NH1 . ARG A 1 113 ? 9.199   -1.223  -3.838  1.00 19.97 ? 113 ARG A NH1 1 
ATOM   930  N  NH2 . ARG A 1 113 ? 7.048   -1.670  -4.510  1.00 24.34 ? 113 ARG A NH2 1 
ATOM   931  N  N   . PRO A 1 114 ? 14.541  -3.008  -9.326  1.00 27.35 ? 114 PRO A N   1 
ATOM   932  C  CA  . PRO A 1 114 ? 15.427  -3.045  -10.498 1.00 30.98 ? 114 PRO A CA  1 
ATOM   933  C  C   . PRO A 1 114 ? 14.601  -3.080  -11.774 1.00 29.59 ? 114 PRO A C   1 
ATOM   934  O  O   . PRO A 1 114 ? 13.441  -3.497  -11.729 1.00 25.16 ? 114 PRO A O   1 
ATOM   935  C  CB  . PRO A 1 114 ? 16.149  -4.390  -10.354 1.00 31.80 ? 114 PRO A CB  1 
ATOM   936  C  CG  . PRO A 1 114 ? 16.007  -4.770  -8.911  1.00 34.40 ? 114 PRO A CG  1 
ATOM   937  C  CD  . PRO A 1 114 ? 14.690  -4.203  -8.477  1.00 27.62 ? 114 PRO A CD  1 
ATOM   938  N  N   . ALA A 1 115 ? 15.177  -2.642  -12.886 1.00 28.68 ? 115 ALA A N   1 
ATOM   939  C  CA  . ALA A 1 115 ? 14.508  -2.762  -14.178 1.00 30.13 ? 115 ALA A CA  1 
ATOM   940  C  C   . ALA A 1 115 ? 14.107  -4.211  -14.411 1.00 31.86 ? 115 ALA A C   1 
ATOM   941  O  O   . ALA A 1 115 ? 14.889  -5.122  -14.155 1.00 32.51 ? 115 ALA A O   1 
ATOM   942  C  CB  . ALA A 1 115 ? 15.430  -2.277  -15.300 1.00 36.29 ? 115 ALA A CB  1 
ATOM   943  N  N   . GLY A 1 116 ? 12.883  -4.436  -14.880 1.00 27.93 ? 116 GLY A N   1 
ATOM   944  C  CA  . GLY A 1 116 ? 12.436  -5.790  -15.167 1.00 28.87 ? 116 GLY A CA  1 
ATOM   945  C  C   . GLY A 1 116 ? 11.720  -6.498  -14.026 1.00 31.56 ? 116 GLY A C   1 
ATOM   946  O  O   . GLY A 1 116 ? 11.044  -7.520  -14.225 1.00 27.64 ? 116 GLY A O   1 
ATOM   947  N  N   . MET A 1 117 ? 11.867  -5.970  -12.817 1.00 25.91 ? 117 MET A N   1 
ATOM   948  C  CA  . MET A 1 117 ? 11.160  -6.533  -11.680 1.00 24.74 ? 117 MET A CA  1 
ATOM   949  C  C   . MET A 1 117 ? 9.893   -5.735  -11.449 1.00 23.33 ? 117 MET A C   1 
ATOM   950  O  O   . MET A 1 117 ? 9.958   -4.569  -11.046 1.00 22.82 ? 117 MET A O   1 
ATOM   951  C  CB  . MET A 1 117 ? 12.042  -6.464  -10.439 1.00 26.63 ? 117 MET A CB  1 
ATOM   952  C  CG  . MET A 1 117 ? 11.441  -7.149  -9.259  1.00 28.56 ? 117 MET A CG  1 
ATOM   953  S  SD  . MET A 1 117 ? 12.590  -7.138  -7.858  1.00 33.51 ? 117 MET A SD  1 
ATOM   954  C  CE  . MET A 1 117 ? 14.006  -7.936  -8.612  1.00 24.06 ? 117 MET A CE  1 
ATOM   955  N  N   . LEU A 1 118 ? 8.738   -6.347  -11.723 1.00 23.00 ? 118 LEU A N   1 
ATOM   956  C  CA  . LEU A 1 118 ? 7.480   -5.607  -11.726 1.00 20.28 ? 118 LEU A CA  1 
ATOM   957  C  C   . LEU A 1 118 ? 6.625   -5.825  -10.480 1.00 20.22 ? 118 LEU A C   1 
ATOM   958  O  O   . LEU A 1 118 ? 6.650   -6.896  -9.863  1.00 23.46 ? 118 LEU A O   1 
ATOM   959  C  CB  . LEU A 1 118 ? 6.643   -5.976  -12.963 1.00 21.75 ? 118 LEU A CB  1 
ATOM   960  C  CG  . LEU A 1 118 ? 7.349   -5.913  -14.319 1.00 20.61 ? 118 LEU A CG  1 
ATOM   961  C  CD1 . LEU A 1 118 ? 6.350   -6.274  -15.451 1.00 23.97 ? 118 LEU A CD1 1 
ATOM   962  C  CD2 . LEU A 1 118 ? 7.928   -4.526  -14.540 1.00 20.31 ? 118 LEU A CD2 1 
ATOM   963  N  N   . ASP A 1 119 ? 5.844   -4.799  -10.144 1.00 19.45 ? 119 ASP A N   1 
ATOM   964  C  CA  . ASP A 1 119 ? 4.848   -4.857  -9.066  1.00 19.24 ? 119 ASP A CA  1 
ATOM   965  C  C   . ASP A 1 119 ? 3.510   -5.230  -9.662  1.00 21.73 ? 119 ASP A C   1 
ATOM   966  O  O   . ASP A 1 119 ? 3.212   -4.850  -10.804 1.00 22.62 ? 119 ASP A O   1 
ATOM   967  C  CB  . ASP A 1 119 ? 4.698   -3.477  -8.425  1.00 19.82 ? 119 ASP A CB  1 
ATOM   968  C  CG  . ASP A 1 119 ? 5.829   -3.160  -7.459  1.00 22.55 ? 119 ASP A CG  1 
ATOM   969  O  OD1 . ASP A 1 119 ? 5.584   -3.176  -6.231  1.00 22.93 ? 119 ASP A OD1 1 
ATOM   970  O  OD2 . ASP A 1 119 ? 6.964   -2.912  -7.929  1.00 22.08 ? 119 ASP A OD2 1 
ATOM   971  N  N   . GLY A 1 120 ? 2.699   -5.961  -8.905  1.00 18.15 ? 120 GLY A N   1 
ATOM   972  C  CA  . GLY A 1 120 ? 1.355   -6.269  -9.366  1.00 21.06 ? 120 GLY A CA  1 
ATOM   973  C  C   . GLY A 1 120 ? 0.329   -5.605  -8.477  1.00 20.99 ? 120 GLY A C   1 
ATOM   974  O  O   . GLY A 1 120 ? 0.528   -5.498  -7.263  1.00 21.06 ? 120 GLY A O   1 
ATOM   975  N  N   . PHE A 1 121 ? -0.777  -5.153  -9.066  1.00 18.61 ? 121 PHE A N   1 
ATOM   976  C  CA  . PHE A 1 121 ? -1.921  -4.717  -8.265  1.00 18.01 ? 121 PHE A CA  1 
ATOM   977  C  C   . PHE A 1 121 ? -3.143  -5.475  -8.737  1.00 23.10 ? 121 PHE A C   1 
ATOM   978  O  O   . PHE A 1 121 ? -3.389  -5.572  -9.939  1.00 20.77 ? 121 PHE A O   1 
ATOM   979  C  CB  . PHE A 1 121 ? -2.112  -3.198  -8.329  1.00 20.67 ? 121 PHE A CB  1 
ATOM   980  C  CG  . PHE A 1 121 ? -1.008  -2.441  -7.648  1.00 21.74 ? 121 PHE A CG  1 
ATOM   981  C  CD1 . PHE A 1 121 ? -1.115  -2.091  -6.302  1.00 22.53 ? 121 PHE A CD1 1 
ATOM   982  C  CD2 . PHE A 1 121 ? 0.155   -2.126  -8.337  1.00 21.07 ? 121 PHE A CD2 1 
ATOM   983  C  CE1 . PHE A 1 121 ? -0.070  -1.410  -5.653  1.00 23.06 ? 121 PHE A CE1 1 
ATOM   984  C  CE2 . PHE A 1 121 ? 1.198   -1.448  -7.707  1.00 25.19 ? 121 PHE A CE2 1 
ATOM   985  C  CZ  . PHE A 1 121 ? 1.084   -1.085  -6.367  1.00 23.09 ? 121 PHE A CZ  1 
ATOM   986  N  N   . GLU A 1 122 ? -3.882  -6.028  -7.780  1.00 21.78 ? 122 GLU A N   1 
ATOM   987  C  CA  . GLU A 1 122 ? -4.913  -7.024  -8.072  1.00 22.04 ? 122 GLU A CA  1 
ATOM   988  C  C   . GLU A 1 122 ? -6.190  -6.724  -7.308  1.00 23.93 ? 122 GLU A C   1 
ATOM   989  O  O   . GLU A 1 122 ? -6.151  -6.176  -6.204  1.00 22.88 ? 122 GLU A O   1 
ATOM   990  C  CB  . GLU A 1 122 ? -4.411  -8.426  -7.681  1.00 23.35 ? 122 GLU A CB  1 
ATOM   991  C  CG  . GLU A 1 122 ? -3.224  -8.946  -8.483  1.00 26.38 ? 122 GLU A CG  1 
ATOM   992  C  CD  . GLU A 1 122 ? -2.755  -10.311 -8.012  1.00 26.22 ? 122 GLU A CD  1 
ATOM   993  O  OE1 . GLU A 1 122 ? -3.034  -10.688 -6.843  1.00 25.11 ? 122 GLU A OE1 1 
ATOM   994  O  OE2 . GLU A 1 122 ? -2.097  -11.020 -8.804  1.00 29.05 ? 122 GLU A OE2 1 
ATOM   995  N  N   . TRP A 1 123 ? -7.326  -7.098  -7.888  1.00 23.35 ? 123 TRP A N   1 
ATOM   996  C  CA  . TRP A 1 123 ? -8.592  -7.008  -7.175  1.00 21.53 ? 123 TRP A CA  1 
ATOM   997  C  C   . TRP A 1 123 ? -9.272  -8.370  -7.243  1.00 24.90 ? 123 TRP A C   1 
ATOM   998  O  O   . TRP A 1 123 ? -9.185  -9.055  -8.267  1.00 23.27 ? 123 TRP A O   1 
ATOM   999  C  CB  . TRP A 1 123 ? -9.500  -5.952  -7.805  1.00 25.82 ? 123 TRP A CB  1 
ATOM   1000 C  CG  . TRP A 1 123 ? -9.064  -4.521  -7.576  1.00 23.89 ? 123 TRP A CG  1 
ATOM   1001 C  CD1 . TRP A 1 123 ? -9.549  -3.653  -6.634  1.00 25.50 ? 123 TRP A CD1 1 
ATOM   1002 C  CD2 . TRP A 1 123 ? -8.070  -3.797  -8.313  1.00 22.39 ? 123 TRP A CD2 1 
ATOM   1003 N  NE1 . TRP A 1 123 ? -8.924  -2.433  -6.747  1.00 27.05 ? 123 TRP A NE1 1 
ATOM   1004 C  CE2 . TRP A 1 123 ? -8.006  -2.496  -7.767  1.00 26.21 ? 123 TRP A CE2 1 
ATOM   1005 C  CE3 . TRP A 1 123 ? -7.223  -4.122  -9.380  1.00 21.35 ? 123 TRP A CE3 1 
ATOM   1006 C  CZ2 . TRP A 1 123 ? -7.130  -1.519  -8.252  1.00 24.75 ? 123 TRP A CZ2 1 
ATOM   1007 C  CZ3 . TRP A 1 123 ? -6.344  -3.147  -9.862  1.00 23.15 ? 123 TRP A CZ3 1 
ATOM   1008 C  CH2 . TRP A 1 123 ? -6.313  -1.863  -9.297  1.00 23.76 ? 123 TRP A CH2 1 
ATOM   1009 N  N   . TYR A 1 124 ? -9.947  -8.754  -6.161  1.00 23.36 ? 124 TYR A N   1 
ATOM   1010 C  CA  . TYR A 1 124 ? -10.598 -10.061 -6.048  1.00 26.84 ? 124 TYR A CA  1 
ATOM   1011 C  C   . TYR A 1 124 ? -12.120 -9.911  -5.859  1.00 24.58 ? 124 TYR A C   1 
ATOM   1012 O  O   . TYR A 1 124 ? -12.583 -8.925  -5.293  1.00 26.70 ? 124 TYR A O   1 
ATOM   1013 C  CB  . TYR A 1 124 ? -9.966  -10.871 -4.897  1.00 24.01 ? 124 TYR A CB  1 
ATOM   1014 C  CG  . TYR A 1 124 ? -8.561  -11.342 -5.219  1.00 27.48 ? 124 TYR A CG  1 
ATOM   1015 C  CD1 . TYR A 1 124 ? -8.335  -12.619 -5.709  1.00 26.56 ? 124 TYR A CD1 1 
ATOM   1016 C  CD2 . TYR A 1 124 ? -7.461  -10.493 -5.069  1.00 24.43 ? 124 TYR A CD2 1 
ATOM   1017 C  CE1 . TYR A 1 124 ? -7.059  -13.055 -6.027  1.00 29.94 ? 124 TYR A CE1 1 
ATOM   1018 C  CE2 . TYR A 1 124 ? -6.178  -10.921 -5.386  1.00 24.04 ? 124 TYR A CE2 1 
ATOM   1019 C  CZ  . TYR A 1 124 ? -5.988  -12.202 -5.861  1.00 27.71 ? 124 TYR A CZ  1 
ATOM   1020 O  OH  . TYR A 1 124 ? -4.728  -12.653 -6.184  1.00 27.02 ? 124 TYR A OH  1 
ATOM   1021 N  N   . CYS A 1 125 ? -12.885 -10.881 -6.357  1.00 30.94 ? 125 CYS A N   1 
ATOM   1022 C  CA  . CYS A 1 125 ? -14.354 -10.834 -6.298  1.00 27.26 ? 125 CYS A CA  1 
ATOM   1023 C  C   . CYS A 1 125 ? -14.849 -11.023 -4.857  1.00 33.06 ? 125 CYS A C   1 
ATOM   1024 O  O   . CYS A 1 125 ? -14.475 -11.989 -4.190  1.00 35.70 ? 125 CYS A O   1 
ATOM   1025 C  CB  . CYS A 1 125 ? -14.946 -11.919 -7.220  1.00 32.62 ? 125 CYS A CB  1 
ATOM   1026 S  SG  . CYS A 1 125 ? -16.764 -11.925 -7.399  1.00 34.87 ? 125 CYS A SG  1 
ATOM   1027 N  N   . ASP A 1 126 ? -15.670 -10.094 -4.372  1.00 31.92 ? 126 ASP A N   1 
ATOM   1028 C  CA  . ASP A 1 126 ? -16.221 -10.204 -3.019  1.00 38.45 ? 126 ASP A CA  1 
ATOM   1029 C  C   . ASP A 1 126 ? -17.145 -11.422 -2.888  1.00 39.58 ? 126 ASP A C   1 
ATOM   1030 O  O   . ASP A 1 126 ? -17.247 -12.024 -1.819  1.00 42.53 ? 126 ASP A O   1 
ATOM   1031 C  CB  . ASP A 1 126 ? -16.985 -8.934  -2.623  1.00 36.40 ? 126 ASP A CB  1 
ATOM   1032 C  CG  . ASP A 1 126 ? -16.096 -7.705  -2.540  1.00 43.96 ? 126 ASP A CG  1 
ATOM   1033 O  OD1 . ASP A 1 126 ? -14.898 -7.838  -2.195  1.00 45.48 ? 126 ASP A OD1 1 
ATOM   1034 O  OD2 . ASP A 1 126 ? -16.602 -6.596  -2.821  1.00 48.11 ? 126 ASP A OD2 1 
ATOM   1035 N  N   . ALA A 1 127 ? -17.806 -11.784 -3.983  1.00 37.49 ? 127 ALA A N   1 
ATOM   1036 C  CA  . ALA A 1 127 ? -18.752 -12.896 -3.976  1.00 40.48 ? 127 ALA A CA  1 
ATOM   1037 C  C   . ALA A 1 127 ? -18.069 -14.261 -4.016  1.00 41.82 ? 127 ALA A C   1 
ATOM   1038 O  O   . ALA A 1 127 ? -18.348 -15.116 -3.176  1.00 48.59 ? 127 ALA A O   1 
ATOM   1039 C  CB  . ALA A 1 127 ? -19.742 -12.765 -5.140  1.00 41.85 ? 127 ALA A CB  1 
ATOM   1040 N  N   . CYS A 1 128 ? -17.183 -14.473 -4.988  1.00 34.83 ? 128 CYS A N   1 
ATOM   1041 C  CA  . CYS A 1 128 ? -16.606 -15.802 -5.205  1.00 37.54 ? 128 CYS A CA  1 
ATOM   1042 C  C   . CYS A 1 128 ? -15.101 -15.923 -4.933  1.00 39.17 ? 128 CYS A C   1 
ATOM   1043 O  O   . CYS A 1 128 ? -14.559 -17.033 -4.910  1.00 37.26 ? 128 CYS A O   1 
ATOM   1044 C  CB  . CYS A 1 128 ? -16.907 -16.296 -6.621  1.00 42.69 ? 128 CYS A CB  1 
ATOM   1045 S  SG  . CYS A 1 128 ? -15.898 -15.526 -7.909  1.00 40.56 ? 128 CYS A SG  1 
ATOM   1046 N  N   . GLY A 1 129 ? -14.417 -14.798 -4.752  1.00 38.48 ? 129 GLY A N   1 
ATOM   1047 C  CA  . GLY A 1 129 ? -13.005 -14.837 -4.406  1.00 36.75 ? 129 GLY A CA  1 
ATOM   1048 C  C   . GLY A 1 129 ? -12.023 -14.973 -5.563  1.00 36.03 ? 129 GLY A C   1 
ATOM   1049 O  O   . GLY A 1 129 ? -10.815 -15.040 -5.345  1.00 33.74 ? 129 GLY A O   1 
ATOM   1050 N  N   . HIS A 1 130 ? -12.524 -15.014 -6.793  1.00 36.06 ? 130 HIS A N   1 
ATOM   1051 C  CA  . HIS A 1 130 ? -11.653 -15.190 -7.959  1.00 35.15 ? 130 HIS A CA  1 
ATOM   1052 C  C   . HIS A 1 130 ? -10.957 -13.869 -8.314  1.00 30.00 ? 130 HIS A C   1 
ATOM   1053 O  O   . HIS A 1 130 ? -11.500 -12.790 -8.054  1.00 29.43 ? 130 HIS A O   1 
ATOM   1054 C  CB  . HIS A 1 130 ? -12.490 -15.676 -9.145  1.00 38.82 ? 130 HIS A CB  1 
ATOM   1055 C  CG  . HIS A 1 130 ? -11.695 -16.282 -10.257 1.00 41.04 ? 130 HIS A CG  1 
ATOM   1056 N  ND1 . HIS A 1 130 ? -11.038 -15.524 -11.210 1.00 43.13 ? 130 HIS A ND1 1 
ATOM   1057 C  CD2 . HIS A 1 130 ? -11.480 -17.576 -10.599 1.00 43.70 ? 130 HIS A CD2 1 
ATOM   1058 C  CE1 . HIS A 1 130 ? -10.440 -16.324 -12.073 1.00 45.27 ? 130 HIS A CE1 1 
ATOM   1059 N  NE2 . HIS A 1 130 ? -10.693 -17.577 -11.725 1.00 48.28 ? 130 HIS A NE2 1 
ATOM   1060 N  N   . LEU A 1 131 ? -9.769  -13.947 -8.908  1.00 28.95 ? 131 LEU A N   1 
ATOM   1061 C  CA  . LEU A 1 131 ? -9.080  -12.738 -9.368  1.00 28.60 ? 131 LEU A CA  1 
ATOM   1062 C  C   . LEU A 1 131 ? -9.924  -12.060 -10.445 1.00 30.92 ? 131 LEU A C   1 
ATOM   1063 O  O   . LEU A 1 131 ? -10.380 -12.711 -11.386 1.00 32.05 ? 131 LEU A O   1 
ATOM   1064 C  CB  . LEU A 1 131 ? -7.694  -13.085 -9.919  1.00 28.11 ? 131 LEU A CB  1 
ATOM   1065 C  CG  . LEU A 1 131 ? -6.900  -11.943 -10.567 1.00 29.00 ? 131 LEU A CG  1 
ATOM   1066 C  CD1 . LEU A 1 131 ? -6.444  -10.906 -9.525  1.00 27.87 ? 131 LEU A CD1 1 
ATOM   1067 C  CD2 . LEU A 1 131 ? -5.708  -12.496 -11.340 1.00 28.81 ? 131 LEU A CD2 1 
ATOM   1068 N  N   . VAL A 1 132 ? -10.130 -10.757 -10.297 1.00 26.46 ? 132 VAL A N   1 
ATOM   1069 C  CA  . VAL A 1 132 ? -10.986 -9.984  -11.193 1.00 29.26 ? 132 VAL A CA  1 
ATOM   1070 C  C   . VAL A 1 132 ? -10.146 -9.196  -12.212 1.00 28.13 ? 132 VAL A C   1 
ATOM   1071 O  O   . VAL A 1 132 ? -10.479 -9.114  -13.404 1.00 25.23 ? 132 VAL A O   1 
ATOM   1072 C  CB  . VAL A 1 132 ? -11.855 -9.027  -10.364 1.00 29.94 ? 132 VAL A CB  1 
ATOM   1073 C  CG1 . VAL A 1 132 ? -12.403 -7.915  -11.215 1.00 28.45 ? 132 VAL A CG1 1 
ATOM   1074 C  CG2 . VAL A 1 132 ? -12.974 -9.802  -9.647  1.00 28.25 ? 132 VAL A CG2 1 
ATOM   1075 N  N   . HIS A 1 133 ? -9.037  -8.627  -11.746 1.00 26.28 ? 133 HIS A N   1 
ATOM   1076 C  CA  . HIS A 1 133 ? -8.192  -7.828  -12.626 1.00 21.25 ? 133 HIS A CA  1 
ATOM   1077 C  C   . HIS A 1 133 ? -6.804  -7.728  -12.007 1.00 26.53 ? 133 HIS A C   1 
ATOM   1078 O  O   . HIS A 1 133 ? -6.684  -7.644  -10.786 1.00 22.12 ? 133 HIS A O   1 
ATOM   1079 C  CB  . HIS A 1 133 ? -8.796  -6.431  -12.774 1.00 21.82 ? 133 HIS A CB  1 
ATOM   1080 C  CG  . HIS A 1 133 ? -8.128  -5.590  -13.818 1.00 26.90 ? 133 HIS A CG  1 
ATOM   1081 N  ND1 . HIS A 1 133 ? -8.210  -5.870  -15.169 1.00 30.83 ? 133 HIS A ND1 1 
ATOM   1082 C  CD2 . HIS A 1 133 ? -7.372  -4.470  -13.711 1.00 28.07 ? 133 HIS A CD2 1 
ATOM   1083 C  CE1 . HIS A 1 133 ? -7.521  -4.965  -15.845 1.00 30.29 ? 133 HIS A CE1 1 
ATOM   1084 N  NE2 . HIS A 1 133 ? -7.002  -4.107  -14.984 1.00 30.90 ? 133 HIS A NE2 1 
ATOM   1085 N  N   . ARG A 1 134 ? -5.770  -7.772  -12.841 1.00 24.40 ? 134 ARG A N   1 
ATOM   1086 C  CA  . ARG A 1 134 ? -4.398  -7.572  -12.375 1.00 23.69 ? 134 ARG A CA  1 
ATOM   1087 C  C   . ARG A 1 134 ? -3.687  -6.633  -13.343 1.00 25.44 ? 134 ARG A C   1 
ATOM   1088 O  O   . ARG A 1 134 ? -3.830  -6.778  -14.566 1.00 23.80 ? 134 ARG A O   1 
ATOM   1089 C  CB  . ARG A 1 134 ? -3.658  -8.909  -12.309 1.00 21.80 ? 134 ARG A CB  1 
ATOM   1090 C  CG  . ARG A 1 134 ? -2.136  -8.812  -12.031 1.00 21.55 ? 134 ARG A CG  1 
ATOM   1091 C  CD  . ARG A 1 134 ? -1.495  -10.194 -11.938 1.00 24.67 ? 134 ARG A CD  1 
ATOM   1092 N  NE  . ARG A 1 134 ? -0.032  -10.123 -11.963 1.00 28.26 ? 134 ARG A NE  1 
ATOM   1093 C  CZ  . ARG A 1 134 ? 0.731   -10.078 -10.870 1.00 29.38 ? 134 ARG A CZ  1 
ATOM   1094 N  NH1 . ARG A 1 134 ? 0.170   -10.110 -9.671  1.00 24.57 ? 134 ARG A NH1 1 
ATOM   1095 N  NH2 . ARG A 1 134 ? 2.054   -10.012 -10.970 1.00 26.83 ? 134 ARG A NH2 1 
ATOM   1096 N  N   . VAL A 1 135 ? -2.954  -5.655  -12.812 1.00 21.64 ? 135 VAL A N   1 
ATOM   1097 C  CA  . VAL A 1 135 ? -2.098  -4.825  -13.652 1.00 20.56 ? 135 VAL A CA  1 
ATOM   1098 C  C   . VAL A 1 135 ? -0.669  -4.973  -13.129 1.00 25.25 ? 135 VAL A C   1 
ATOM   1099 O  O   . VAL A 1 135 ? -0.457  -4.965  -11.909 1.00 21.81 ? 135 VAL A O   1 
ATOM   1100 C  CB  . VAL A 1 135 ? -2.489  -3.339  -13.583 1.00 22.12 ? 135 VAL A CB  1 
ATOM   1101 C  CG1 . VAL A 1 135 ? -1.623  -2.521  -14.554 1.00 21.77 ? 135 VAL A CG1 1 
ATOM   1102 C  CG2 . VAL A 1 135 ? -3.960  -3.142  -13.898 1.00 27.11 ? 135 VAL A CG2 1 
ATOM   1103 N  N   . GLU A 1 136 ? 0.301   -5.124  -14.030 1.00 22.34 ? 136 GLU A N   1 
ATOM   1104 C  CA  . GLU A 1 136 ? 1.710   -5.149  -13.622 1.00 23.30 ? 136 GLU A CA  1 
ATOM   1105 C  C   . GLU A 1 136 ? 2.359   -3.824  -14.019 1.00 25.99 ? 136 GLU A C   1 
ATOM   1106 O  O   . GLU A 1 136 ? 2.064   -3.280  -15.087 1.00 20.33 ? 136 GLU A O   1 
ATOM   1107 C  CB  . GLU A 1 136 ? 2.452   -6.326  -14.258 1.00 26.15 ? 136 GLU A CB  1 
ATOM   1108 C  CG  . GLU A 1 136 ? 1.994   -7.700  -13.774 1.00 26.80 ? 136 GLU A CG  1 
ATOM   1109 C  CD  . GLU A 1 136 ? 2.843   -8.826  -14.335 1.00 33.26 ? 136 GLU A CD  1 
ATOM   1110 O  OE1 . GLU A 1 136 ? 3.576   -8.581  -15.313 1.00 37.29 ? 136 GLU A OE1 1 
ATOM   1111 O  OE2 . GLU A 1 136 ? 2.783   -9.960  -13.802 1.00 35.44 ? 136 GLU A OE2 1 
ATOM   1112 N  N   . VAL A 1 137 ? 3.239   -3.298  -13.171 1.00 20.81 ? 137 VAL A N   1 
ATOM   1113 C  CA  . VAL A 1 137 ? 3.780   -1.967  -13.413 1.00 19.46 ? 137 VAL A CA  1 
ATOM   1114 C  C   . VAL A 1 137 ? 5.255   -1.909  -13.005 1.00 22.82 ? 137 VAL A C   1 
ATOM   1115 O  O   . VAL A 1 137 ? 5.658   -2.541  -12.028 1.00 20.14 ? 137 VAL A O   1 
ATOM   1116 C  CB  . VAL A 1 137 ? 2.922   -0.879  -12.693 1.00 23.68 ? 137 VAL A CB  1 
ATOM   1117 C  CG1 . VAL A 1 137 ? 2.897   -1.111  -11.181 1.00 26.30 ? 137 VAL A CG1 1 
ATOM   1118 C  CG2 . VAL A 1 137 ? 3.400   0.517   -13.009 1.00 27.31 ? 137 VAL A CG2 1 
ATOM   1119 N  N   . GLN A 1 138 ? 6.071   -1.200  -13.783 1.00 22.33 ? 138 GLN A N   1 
ATOM   1120 C  CA  . GLN A 1 138 ? 7.448   -0.927  -13.363 1.00 22.83 ? 138 GLN A CA  1 
ATOM   1121 C  C   . GLN A 1 138 ? 7.385   0.327   -12.512 1.00 23.65 ? 138 GLN A C   1 
ATOM   1122 O  O   . GLN A 1 138 ? 7.175   1.436   -13.019 1.00 21.70 ? 138 GLN A O   1 
ATOM   1123 C  CB  . GLN A 1 138 ? 8.380   -0.709  -14.558 1.00 22.31 ? 138 GLN A CB  1 
ATOM   1124 C  CG  . GLN A 1 138 ? 9.835   -0.429  -14.149 1.00 21.91 ? 138 GLN A CG  1 
ATOM   1125 C  CD  . GLN A 1 138 ? 10.535  -1.689  -13.701 1.00 24.85 ? 138 GLN A CD  1 
ATOM   1126 O  OE1 . GLN A 1 138 ? 10.623  -2.656  -14.457 1.00 25.17 ? 138 GLN A OE1 1 
ATOM   1127 N  NE2 . GLN A 1 138 ? 11.027  -1.695  -12.468 1.00 24.35 ? 138 GLN A NE2 1 
ATOM   1128 N  N   . LEU A 1 139 ? 7.536   0.157   -11.206 1.00 24.54 ? 139 LEU A N   1 
ATOM   1129 C  CA  . LEU A 1 139 ? 7.224   1.242   -10.285 1.00 25.23 ? 139 LEU A CA  1 
ATOM   1130 C  C   . LEU A 1 139 ? 8.444   2.136   -10.088 1.00 30.54 ? 139 LEU A C   1 
ATOM   1131 O  O   . LEU A 1 139 ? 9.380   1.775   -9.381  1.00 28.28 ? 139 LEU A O   1 
ATOM   1132 C  CB  . LEU A 1 139 ? 6.741   0.664   -8.948  1.00 30.32 ? 139 LEU A CB  1 
ATOM   1133 C  CG  . LEU A 1 139 ? 5.906   1.566   -8.042  1.00 36.89 ? 139 LEU A CG  1 
ATOM   1134 C  CD1 . LEU A 1 139 ? 4.911   2.358   -8.864  1.00 34.00 ? 139 LEU A CD1 1 
ATOM   1135 C  CD2 . LEU A 1 139 ? 5.171   0.717   -7.009  1.00 33.96 ? 139 LEU A CD2 1 
ATOM   1136 N  N   . LYS A 1 140 ? 8.427   3.295   -10.734 1.00 27.63 ? 140 LYS A N   1 
ATOM   1137 C  CA  . LYS A 1 140 ? 9.530   4.245   -10.665 1.00 32.44 ? 140 LYS A CA  1 
ATOM   1138 C  C   . LYS A 1 140 ? 9.150   5.375   -9.720  1.00 34.87 ? 140 LYS A C   1 
ATOM   1139 O  O   . LYS A 1 140 ? 9.944   5.797   -8.877  1.00 39.68 ? 140 LYS A O   1 
ATOM   1140 C  CB  . LYS A 1 140 ? 9.831   4.800   -12.061 1.00 31.61 ? 140 LYS A CB  1 
ATOM   1141 C  CG  . LYS A 1 140 ? 10.860  5.920   -12.087 1.00 34.38 ? 140 LYS A CG  1 
ATOM   1142 C  CD  . LYS A 1 140 ? 10.787  6.713   -13.394 1.00 35.87 ? 140 LYS A CD  1 
ATOM   1143 C  CE  . LYS A 1 140 ? 9.582   7.654   -13.441 1.00 35.17 ? 140 LYS A CE  1 
ATOM   1144 N  NZ  . LYS A 1 140 ? 9.432   8.303   -14.789 1.00 35.20 ? 140 LYS A NZ  1 
ATOM   1145 N  N   . SER A 1 141 ? 7.923   5.857   -9.862  1.00 33.57 ? 141 SER A N   1 
ATOM   1146 C  CA  . SER A 1 141 ? 7.416   6.910   -8.996  1.00 38.40 ? 141 SER A CA  1 
ATOM   1147 C  C   . SER A 1 141 ? 5.965   6.632   -8.625  1.00 40.12 ? 141 SER A C   1 
ATOM   1148 O  O   . SER A 1 141 ? 5.081   6.618   -9.482  1.00 37.93 ? 141 SER A O   1 
ATOM   1149 C  CB  . SER A 1 141 ? 7.548   8.286   -9.663  1.00 41.25 ? 141 SER A CB  1 
ATOM   1150 O  OG  . SER A 1 141 ? 6.888   9.288   -8.900  1.00 46.77 ? 141 SER A OG  1 
ATOM   1151 N  N   . ILE A 1 142 ? 5.744   6.413   -7.334  1.00 38.92 ? 142 ILE A N   1 
ATOM   1152 C  CA  . ILE A 1 142 ? 4.433   6.150   -6.759  1.00 39.88 ? 142 ILE A CA  1 
ATOM   1153 C  C   . ILE A 1 142 ? 3.414   7.209   -7.162  1.00 38.35 ? 142 ILE A C   1 
ATOM   1154 O  O   . ILE A 1 142 ? 2.275   6.896   -7.519  1.00 39.14 ? 142 ILE A O   1 
ATOM   1155 C  CB  . ILE A 1 142 ? 4.518   6.128   -5.213  1.00 43.40 ? 142 ILE A CB  1 
ATOM   1156 C  CG1 . ILE A 1 142 ? 5.707   5.278   -4.742  1.00 47.90 ? 142 ILE A CG1 1 
ATOM   1157 C  CG2 . ILE A 1 142 ? 3.206   5.646   -4.606  1.00 41.66 ? 142 ILE A CG2 1 
ATOM   1158 C  CD1 . ILE A 1 142 ? 7.061   6.037   -4.644  1.00 46.04 ? 142 ILE A CD1 1 
ATOM   1159 N  N   . VAL A 1 143 ? 3.838   8.467   -7.110  1.00 37.77 ? 143 VAL A N   1 
ATOM   1160 C  CA  . VAL A 1 143 ? 2.954   9.600   -7.366  1.00 34.60 ? 143 VAL A CA  1 
ATOM   1161 C  C   . VAL A 1 143 ? 2.355   9.610   -8.777  1.00 35.64 ? 143 VAL A C   1 
ATOM   1162 O  O   . VAL A 1 143 ? 1.167   9.892   -8.949  1.00 33.17 ? 143 VAL A O   1 
ATOM   1163 C  CB  . VAL A 1 143 ? 3.689   10.932  -7.088  1.00 41.72 ? 143 VAL A CB  1 
ATOM   1164 C  CG1 . VAL A 1 143 ? 2.833   12.124  -7.499  1.00 40.53 ? 143 VAL A CG1 1 
ATOM   1165 C  CG2 . VAL A 1 143 ? 4.072   11.017  -5.612  1.00 42.84 ? 143 VAL A CG2 1 
ATOM   1166 N  N   . THR A 1 144 ? 3.172   9.298   -9.783  1.00 32.55 ? 144 THR A N   1 
ATOM   1167 C  CA  . THR A 1 144 ? 2.700   9.313   -11.175 1.00 33.79 ? 144 THR A CA  1 
ATOM   1168 C  C   . THR A 1 144 ? 2.308   7.938   -11.739 1.00 33.65 ? 144 THR A C   1 
ATOM   1169 O  O   . THR A 1 144 ? 1.448   7.847   -12.628 1.00 33.17 ? 144 THR A O   1 
ATOM   1170 C  CB  . THR A 1 144 ? 3.750   9.943   -12.125 1.00 31.91 ? 144 THR A CB  1 
ATOM   1171 O  OG1 . THR A 1 144 ? 5.008   9.289   -11.942 1.00 33.08 ? 144 THR A OG1 1 
ATOM   1172 C  CG2 . THR A 1 144 ? 3.902   11.441  -11.863 1.00 33.66 ? 144 THR A CG2 1 
ATOM   1173 N  N   . ASP A 1 145 ? 2.943   6.877   -11.246 1.00 34.60 ? 145 ASP A N   1 
ATOM   1174 C  CA  . ASP A 1 145 ? 2.746   5.545   -11.823 1.00 34.46 ? 145 ASP A CA  1 
ATOM   1175 C  C   . ASP A 1 145 ? 1.531   4.799   -11.273 1.00 38.35 ? 145 ASP A C   1 
ATOM   1176 O  O   . ASP A 1 145 ? 1.056   3.845   -11.896 1.00 38.59 ? 145 ASP A O   1 
ATOM   1177 C  CB  . ASP A 1 145 ? 3.979   4.667   -11.601 1.00 31.83 ? 145 ASP A CB  1 
ATOM   1178 C  CG  . ASP A 1 145 ? 5.230   5.234   -12.220 1.00 35.33 ? 145 ASP A CG  1 
ATOM   1179 O  OD1 . ASP A 1 145 ? 5.134   6.161   -13.061 1.00 34.08 ? 145 ASP A OD1 1 
ATOM   1180 O  OD2 . ASP A 1 145 ? 6.322   4.731   -11.868 1.00 34.80 ? 145 ASP A OD2 1 
ATOM   1181 N  N   . LEU A 1 146 ? 1.037   5.217   -10.110 1.00 34.49 ? 146 LEU A N   1 
ATOM   1182 C  CA  . LEU A 1 146 ? 0.048   4.415   -9.382  1.00 34.62 ? 146 LEU A CA  1 
ATOM   1183 C  C   . LEU A 1 146 ? -1.406  4.921   -9.395  1.00 35.13 ? 146 LEU A C   1 
ATOM   1184 O  O   . LEU A 1 146 ? -2.313  4.150   -9.713  1.00 35.63 ? 146 LEU A O   1 
ATOM   1185 C  CB  . LEU A 1 146 ? 0.531   4.123   -7.952  1.00 36.39 ? 146 LEU A CB  1 
ATOM   1186 C  CG  . LEU A 1 146 ? 0.658   2.656   -7.543  1.00 39.20 ? 146 LEU A CG  1 
ATOM   1187 C  CD1 . LEU A 1 146 ? 1.361   1.843   -8.624  1.00 35.19 ? 146 LEU A CD1 1 
ATOM   1188 C  CD2 . LEU A 1 146 ? 1.389   2.523   -6.201  1.00 37.36 ? 146 LEU A CD2 1 
ATOM   1189 N  N   . PRO A 1 147 ? -1.647  6.202   -9.055  1.00 32.13 ? 147 PRO A N   1 
ATOM   1190 C  CA  . PRO A 1 147 ? -3.054  6.638   -9.084  1.00 31.64 ? 147 PRO A CA  1 
ATOM   1191 C  C   . PRO A 1 147 ? -3.833  6.412   -10.407 1.00 31.81 ? 147 PRO A C   1 
ATOM   1192 O  O   . PRO A 1 147 ? -5.004  6.031   -10.324 1.00 30.70 ? 147 PRO A O   1 
ATOM   1193 C  CB  . PRO A 1 147 ? -2.962  8.133   -8.739  1.00 35.33 ? 147 PRO A CB  1 
ATOM   1194 C  CG  . PRO A 1 147 ? -1.707  8.236   -7.888  1.00 34.70 ? 147 PRO A CG  1 
ATOM   1195 C  CD  . PRO A 1 147 ? -0.754  7.262   -8.537  1.00 37.63 ? 147 PRO A CD  1 
ATOM   1196 N  N   . PRO A 1 148 ? -3.215  6.638   -11.592 1.00 29.34 ? 148 PRO A N   1 
ATOM   1197 C  CA  . PRO A 1 148 ? -4.013  6.419   -12.807 1.00 26.31 ? 148 PRO A CA  1 
ATOM   1198 C  C   . PRO A 1 148 ? -4.398  4.956   -12.963 1.00 25.12 ? 148 PRO A C   1 
ATOM   1199 O  O   . PRO A 1 148 ? -5.455  4.655   -13.517 1.00 27.25 ? 148 PRO A O   1 
ATOM   1200 C  CB  . PRO A 1 148 ? -3.058  6.826   -13.938 1.00 28.83 ? 148 PRO A CB  1 
ATOM   1201 C  CG  . PRO A 1 148 ? -2.050  7.744   -13.288 1.00 31.28 ? 148 PRO A CG  1 
ATOM   1202 C  CD  . PRO A 1 148 ? -1.867  7.152   -11.914 1.00 32.81 ? 148 PRO A CD  1 
ATOM   1203 N  N   . LEU A 1 149 ? -3.538  4.058   -12.484 1.00 26.79 ? 149 LEU A N   1 
ATOM   1204 C  CA  . LEU A 1 149 ? -3.814  2.620   -12.511 1.00 28.08 ? 149 LEU A CA  1 
ATOM   1205 C  C   . LEU A 1 149 ? -5.093  2.328   -11.732 1.00 29.74 ? 149 LEU A C   1 
ATOM   1206 O  O   . LEU A 1 149 ? -5.978  1.601   -12.198 1.00 27.31 ? 149 LEU A O   1 
ATOM   1207 C  CB  . LEU A 1 149 ? -2.632  1.858   -11.906 1.00 27.38 ? 149 LEU A CB  1 
ATOM   1208 C  CG  . LEU A 1 149 ? -2.536  0.328   -11.990 1.00 27.62 ? 149 LEU A CG  1 
ATOM   1209 C  CD1 . LEU A 1 149 ? -1.098  -0.108  -11.767 1.00 27.39 ? 149 LEU A CD1 1 
ATOM   1210 C  CD2 . LEU A 1 149 ? -3.426  -0.334  -10.963 1.00 26.40 ? 149 LEU A CD2 1 
ATOM   1211 N  N   . PHE A 1 150 ? -5.184  2.896   -10.536 1.00 28.86 ? 150 PHE A N   1 
ATOM   1212 C  CA  . PHE A 1 150 ? -6.365  2.703   -9.708  1.00 30.94 ? 150 PHE A CA  1 
ATOM   1213 C  C   . PHE A 1 150 ? -7.604  3.340   -10.338 1.00 30.35 ? 150 PHE A C   1 
ATOM   1214 O  O   . PHE A 1 150 ? -8.678  2.727   -10.347 1.00 28.29 ? 150 PHE A O   1 
ATOM   1215 C  CB  . PHE A 1 150 ? -6.133  3.250   -8.296  1.00 28.47 ? 150 PHE A CB  1 
ATOM   1216 C  CG  . PHE A 1 150 ? -5.029  2.548   -7.553  1.00 29.50 ? 150 PHE A CG  1 
ATOM   1217 C  CD1 . PHE A 1 150 ? -4.825  1.186   -7.708  1.00 33.60 ? 150 PHE A CD1 1 
ATOM   1218 C  CD2 . PHE A 1 150 ? -4.189  3.257   -6.711  1.00 34.47 ? 150 PHE A CD2 1 
ATOM   1219 C  CE1 . PHE A 1 150 ? -3.800  0.532   -7.018  1.00 28.88 ? 150 PHE A CE1 1 
ATOM   1220 C  CE2 . PHE A 1 150 ? -3.163  2.616   -6.019  1.00 35.31 ? 150 PHE A CE2 1 
ATOM   1221 C  CZ  . PHE A 1 150 ? -2.974  1.252   -6.175  1.00 32.27 ? 150 PHE A CZ  1 
ATOM   1222 N  N   . GLU A 1 151 ? -7.459  4.561   -10.854 1.00 26.18 ? 151 GLU A N   1 
ATOM   1223 C  CA  . GLU A 1 151 ? -8.579  5.264   -11.473 1.00 29.85 ? 151 GLU A CA  1 
ATOM   1224 C  C   . GLU A 1 151 ? -9.137  4.486   -12.657 1.00 29.24 ? 151 GLU A C   1 
ATOM   1225 O  O   . GLU A 1 151 ? -10.341 4.442   -12.854 1.00 28.76 ? 151 GLU A O   1 
ATOM   1226 C  CB  . GLU A 1 151 ? -8.162  6.655   -11.959 1.00 29.79 ? 151 GLU A CB  1 
ATOM   1227 C  CG  . GLU A 1 151 ? -7.788  7.659   -10.891 1.00 35.26 ? 151 GLU A CG  1 
ATOM   1228 C  CD  . GLU A 1 151 ? -7.239  8.947   -11.503 1.00 48.55 ? 151 GLU A CD  1 
ATOM   1229 O  OE1 . GLU A 1 151 ? -6.013  9.199   -11.374 1.00 50.26 ? 151 GLU A OE1 1 
ATOM   1230 O  OE2 . GLU A 1 151 ? -8.034  9.698   -12.124 1.00 54.27 ? 151 GLU A OE2 1 
ATOM   1231 N  N   . SER A 1 152 ? -8.250  3.884   -13.447 1.00 26.55 ? 152 SER A N   1 
ATOM   1232 C  CA  . SER A 1 152 ? -8.670  3.175   -14.659 1.00 29.05 ? 152 SER A CA  1 
ATOM   1233 C  C   . SER A 1 152 ? -9.467  1.916   -14.325 1.00 28.71 ? 152 SER A C   1 
ATOM   1234 O  O   . SER A 1 152 ? -10.349 1.518   -15.083 1.00 29.76 ? 152 SER A O   1 
ATOM   1235 C  CB  . SER A 1 152 ? -7.475  2.850   -15.569 1.00 24.14 ? 152 SER A CB  1 
ATOM   1236 O  OG  . SER A 1 152 ? -6.617  1.871   -14.995 1.00 28.82 ? 152 SER A OG  1 
ATOM   1237 N  N   . PHE A 1 153 ? -9.170  1.302   -13.182 1.00 27.83 ? 153 PHE A N   1 
ATOM   1238 C  CA  . PHE A 1 153 ? -9.952  0.162   -12.701 1.00 24.83 ? 153 PHE A CA  1 
ATOM   1239 C  C   . PHE A 1 153 ? -11.348 0.593   -12.255 1.00 29.36 ? 153 PHE A C   1 
ATOM   1240 O  O   . PHE A 1 153 ? -12.347 0.011   -12.685 1.00 27.85 ? 153 PHE A O   1 
ATOM   1241 C  CB  . PHE A 1 153 ? -9.224  -0.543  -11.544 1.00 25.97 ? 153 PHE A CB  1 
ATOM   1242 C  CG  . PHE A 1 153 ? -10.007 -1.687  -10.934 1.00 24.88 ? 153 PHE A CG  1 
ATOM   1243 C  CD1 . PHE A 1 153 ? -10.647 -1.533  -9.706  1.00 29.84 ? 153 PHE A CD1 1 
ATOM   1244 C  CD2 . PHE A 1 153 ? -10.099 -2.912  -11.586 1.00 23.62 ? 153 PHE A CD2 1 
ATOM   1245 C  CE1 . PHE A 1 153 ? -11.370 -2.586  -9.136  1.00 25.91 ? 153 PHE A CE1 1 
ATOM   1246 C  CE2 . PHE A 1 153 ? -10.820 -3.974  -11.025 1.00 24.73 ? 153 PHE A CE2 1 
ATOM   1247 C  CZ  . PHE A 1 153 ? -11.451 -3.809  -9.797  1.00 23.85 ? 153 PHE A CZ  1 
ATOM   1248 N  N   . TYR A 1 154 ? -11.415 1.617   -11.403 1.00 27.95 ? 154 TYR A N   1 
ATOM   1249 C  CA  . TYR A 1 154 ? -12.696 2.143   -10.909 1.00 33.94 ? 154 TYR A CA  1 
ATOM   1250 C  C   . TYR A 1 154 ? -13.609 2.622   -12.033 1.00 35.94 ? 154 TYR A C   1 
ATOM   1251 O  O   . TYR A 1 154 ? -14.833 2.553   -11.910 1.00 38.48 ? 154 TYR A O   1 
ATOM   1252 C  CB  . TYR A 1 154 ? -12.491 3.317   -9.937  1.00 33.32 ? 154 TYR A CB  1 
ATOM   1253 C  CG  . TYR A 1 154 ? -11.532 3.037   -8.808  1.00 34.58 ? 154 TYR A CG  1 
ATOM   1254 C  CD1 . TYR A 1 154 ? -11.433 1.770   -8.259  1.00 35.62 ? 154 TYR A CD1 1 
ATOM   1255 C  CD2 . TYR A 1 154 ? -10.721 4.043   -8.299  1.00 36.92 ? 154 TYR A CD2 1 
ATOM   1256 C  CE1 . TYR A 1 154 ? -10.549 1.503   -7.235  1.00 38.86 ? 154 TYR A CE1 1 
ATOM   1257 C  CE2 . TYR A 1 154 ? -9.833  3.787   -7.267  1.00 40.90 ? 154 TYR A CE2 1 
ATOM   1258 C  CZ  . TYR A 1 154 ? -9.752  2.511   -6.743  1.00 40.15 ? 154 TYR A CZ  1 
ATOM   1259 O  OH  . TYR A 1 154 ? -8.870  2.251   -5.715  1.00 45.54 ? 154 TYR A OH  1 
ATOM   1260 N  N   . ALA A 1 155 ? -13.026 3.132   -13.115 1.00 33.63 ? 155 ALA A N   1 
ATOM   1261 C  CA  . ALA A 1 155 ? -13.842 3.717   -14.184 1.00 32.18 ? 155 ALA A CA  1 
ATOM   1262 C  C   . ALA A 1 155 ? -14.375 2.677   -15.166 1.00 35.97 ? 155 ALA A C   1 
ATOM   1263 O  O   . ALA A 1 155 ? -15.193 3.001   -16.038 1.00 39.08 ? 155 ALA A O   1 
ATOM   1264 C  CB  . ALA A 1 155 ? -13.064 4.802   -14.928 1.00 34.21 ? 155 ALA A CB  1 
ATOM   1265 N  N   . SER A 1 156 ? -13.924 1.432   -15.021 1.00 32.52 ? 156 SER A N   1 
ATOM   1266 C  CA  . SER A 1 156 ? -14.210 0.402   -16.024 1.00 36.14 ? 156 SER A CA  1 
ATOM   1267 C  C   . SER A 1 156 ? -14.973 -0.818  -15.511 1.00 36.29 ? 156 SER A C   1 
ATOM   1268 O  O   . SER A 1 156 ? -14.421 -1.660  -14.797 1.00 34.36 ? 156 SER A O   1 
ATOM   1269 C  CB  . SER A 1 156 ? -12.920 -0.061  -16.705 1.00 32.34 ? 156 SER A CB  1 
ATOM   1270 O  OG  . SER A 1 156 ? -13.201 -1.081  -17.657 1.00 31.55 ? 156 SER A OG  1 
ATOM   1271 N  N   . GLU A 1 157 ? -16.237 -0.933  -15.904 1.00 36.14 ? 157 GLU A N   1 
ATOM   1272 C  CA  . GLU A 1 157 ? -17.012 -2.120  -15.556 1.00 33.55 ? 157 GLU A CA  1 
ATOM   1273 C  C   . GLU A 1 157 ? -16.405 -3.394  -16.136 1.00 33.24 ? 157 GLU A C   1 
ATOM   1274 O  O   . GLU A 1 157 ? -16.457 -4.444  -15.501 1.00 32.37 ? 157 GLU A O   1 
ATOM   1275 C  CB  . GLU A 1 157 ? -18.473 -1.962  -15.978 1.00 37.36 ? 157 GLU A CB  1 
ATOM   1276 C  CG  . GLU A 1 157 ? -19.215 -0.910  -15.185 1.00 40.16 ? 157 GLU A CG  1 
ATOM   1277 C  CD  . GLU A 1 157 ? -20.718 -1.082  -15.279 1.00 54.80 ? 157 GLU A CD  1 
ATOM   1278 O  OE1 . GLU A 1 157 ? -21.428 -0.632  -14.349 1.00 56.87 ? 157 GLU A OE1 1 
ATOM   1279 O  OE2 . GLU A 1 157 ? -21.182 -1.678  -16.283 1.00 48.89 ? 157 GLU A OE2 1 
ATOM   1280 N  N   . ASP A 1 158 ? -15.809 -3.303  -17.328 1.00 35.32 ? 158 ASP A N   1 
ATOM   1281 C  CA  . ASP A 1 158 ? -15.095 -4.450  -17.906 1.00 33.46 ? 158 ASP A CA  1 
ATOM   1282 C  C   . ASP A 1 158 ? -13.970 -4.973  -16.999 1.00 35.16 ? 158 ASP A C   1 
ATOM   1283 O  O   . ASP A 1 158 ? -13.901 -6.171  -16.702 1.00 31.36 ? 158 ASP A O   1 
ATOM   1284 C  CB  . ASP A 1 158 ? -14.521 -4.114  -19.290 1.00 38.21 ? 158 ASP A CB  1 
ATOM   1285 C  CG  . ASP A 1 158 ? -13.854 -5.316  -19.955 1.00 47.95 ? 158 ASP A CG  1 
ATOM   1286 O  OD1 . ASP A 1 158 ? -14.461 -6.412  -19.953 1.00 54.54 ? 158 ASP A OD1 1 
ATOM   1287 O  OD2 . ASP A 1 158 ? -12.719 -5.172  -20.471 1.00 49.97 ? 158 ASP A OD2 1 
ATOM   1288 N  N   . LYS A 1 159 ? -13.086 -4.080  -16.562 1.00 32.28 ? 159 LYS A N   1 
ATOM   1289 C  CA  . LYS A 1 159 ? -11.998 -4.493  -15.679 1.00 26.06 ? 159 LYS A CA  1 
ATOM   1290 C  C   . LYS A 1 159 ? -12.557 -5.049  -14.365 1.00 23.52 ? 159 LYS A C   1 
ATOM   1291 O  O   . LYS A 1 159 ? -12.031 -6.008  -13.816 1.00 25.84 ? 159 LYS A O   1 
ATOM   1292 C  CB  . LYS A 1 159 ? -11.057 -3.314  -15.389 1.00 28.14 ? 159 LYS A CB  1 
ATOM   1293 C  CG  . LYS A 1 159 ? -10.360 -2.731  -16.620 1.00 29.32 ? 159 LYS A CG  1 
ATOM   1294 C  CD  . LYS A 1 159 ? -9.507  -1.525  -16.247 1.00 28.35 ? 159 LYS A CD  1 
ATOM   1295 C  CE  . LYS A 1 159 ? -8.918  -0.829  -17.494 1.00 28.47 ? 159 LYS A CE  1 
ATOM   1296 N  NZ  . LYS A 1 159 ? -7.922  -1.650  -18.238 1.00 27.52 ? 159 LYS A NZ  1 
ATOM   1297 N  N   . ARG A 1 160 ? -13.626 -4.439  -13.876 1.00 26.43 ? 160 ARG A N   1 
ATOM   1298 C  CA  . ARG A 1 160 ? -14.228 -4.828  -12.595 1.00 26.53 ? 160 ARG A CA  1 
ATOM   1299 C  C   . ARG A 1 160 ? -15.084 -6.097  -12.653 1.00 31.25 ? 160 ARG A C   1 
ATOM   1300 O  O   . ARG A 1 160 ? -15.539 -6.587  -11.614 1.00 29.54 ? 160 ARG A O   1 
ATOM   1301 C  CB  . ARG A 1 160 ? -15.042 -3.659  -12.025 1.00 29.00 ? 160 ARG A CB  1 
ATOM   1302 C  CG  . ARG A 1 160 ? -14.177 -2.507  -11.514 1.00 28.84 ? 160 ARG A CG  1 
ATOM   1303 C  CD  . ARG A 1 160 ? -14.915 -1.176  -11.481 1.00 32.94 ? 160 ARG A CD  1 
ATOM   1304 N  NE  . ARG A 1 160 ? -16.227 -1.253  -10.844 1.00 37.82 ? 160 ARG A NE  1 
ATOM   1305 C  CZ  . ARG A 1 160 ? -17.246 -0.463  -11.164 1.00 40.18 ? 160 ARG A CZ  1 
ATOM   1306 N  NH1 . ARG A 1 160 ? -17.093 0.468   -12.099 1.00 39.15 ? 160 ARG A NH1 1 
ATOM   1307 N  NH2 . ARG A 1 160 ? -18.414 -0.593  -10.547 1.00 42.52 ? 160 ARG A NH2 1 
ATOM   1308 N  N   . ARG A 1 161 ? -15.288 -6.642  -13.851 1.00 28.66 ? 161 ARG A N   1 
ATOM   1309 C  CA  . ARG A 1 161 ? -16.169 -7.807  -14.003 1.00 29.55 ? 161 ARG A CA  1 
ATOM   1310 C  C   . ARG A 1 161 ? -15.481 -9.138  -13.731 1.00 28.25 ? 161 ARG A C   1 
ATOM   1311 O  O   . ARG A 1 161 ? -14.479 -9.483  -14.373 1.00 28.39 ? 161 ARG A O   1 
ATOM   1312 C  CB  . ARG A 1 161 ? -16.814 -7.827  -15.395 1.00 32.44 ? 161 ARG A CB  1 
ATOM   1313 C  CG  . ARG A 1 161 ? -17.797 -8.977  -15.603 1.00 32.69 ? 161 ARG A CG  1 
ATOM   1314 C  CD  . ARG A 1 161 ? -18.559 -8.824  -16.913 1.00 37.83 ? 161 ARG A CD  1 
ATOM   1315 N  NE  . ARG A 1 161 ? -19.535 -7.738  -16.818 1.00 40.69 ? 161 ARG A NE  1 
ATOM   1316 C  CZ  . ARG A 1 161 ? -19.432 -6.582  -17.463 1.00 38.48 ? 161 ARG A CZ  1 
ATOM   1317 N  NH1 . ARG A 1 161 ? -18.409 -6.364  -18.275 1.00 40.44 ? 161 ARG A NH1 1 
ATOM   1318 N  NH2 . ARG A 1 161 ? -20.363 -5.650  -17.307 1.00 46.05 ? 161 ARG A NH2 1 
ATOM   1319 N  N   . CYS A 1 162 ? -16.018 -9.889  -12.771 1.00 29.54 ? 162 CYS A N   1 
ATOM   1320 C  CA  . CYS A 1 162 ? -15.474 -11.205 -12.435 1.00 30.85 ? 162 CYS A CA  1 
ATOM   1321 C  C   . CYS A 1 162 ? -15.662 -12.215 -13.575 1.00 36.05 ? 162 CYS A C   1 
ATOM   1322 O  O   . CYS A 1 162 ? -16.783 -12.416 -14.058 1.00 37.82 ? 162 CYS A O   1 
ATOM   1323 C  CB  . CYS A 1 162 ? -16.101 -11.734 -11.129 1.00 29.56 ? 162 CYS A CB  1 
ATOM   1324 S  SG  . CYS A 1 162 ? -15.498 -13.346 -10.611 1.00 34.20 ? 162 CYS A SG  1 
ATOM   1325 N  N   . PRO A 1 163 ? -14.562 -12.857 -14.003 1.00 36.49 ? 163 PRO A N   1 
ATOM   1326 C  CA  . PRO A 1 163 ? -14.563 -13.816 -15.117 1.00 37.93 ? 163 PRO A CA  1 
ATOM   1327 C  C   . PRO A 1 163 ? -15.161 -15.172 -14.733 1.00 42.49 ? 163 PRO A C   1 
ATOM   1328 O  O   . PRO A 1 163 ? -15.421 -16.011 -15.597 1.00 42.93 ? 163 PRO A O   1 
ATOM   1329 C  CB  . PRO A 1 163 ? -13.074 -13.980 -15.429 1.00 38.89 ? 163 PRO A CB  1 
ATOM   1330 C  CG  . PRO A 1 163 ? -12.395 -13.750 -14.113 1.00 40.14 ? 163 PRO A CG  1 
ATOM   1331 C  CD  . PRO A 1 163 ? -13.222 -12.700 -13.407 1.00 33.91 ? 163 PRO A CD  1 
ATOM   1332 N  N   . HIS A 1 164 ? -15.359 -15.384 -13.438 1.00 40.68 ? 164 HIS A N   1 
ATOM   1333 C  CA  . HIS A 1 164 ? -15.912 -16.638 -12.947 1.00 42.99 ? 164 HIS A CA  1 
ATOM   1334 C  C   . HIS A 1 164 ? -17.429 -16.547 -12.768 1.00 43.59 ? 164 HIS A C   1 
ATOM   1335 O  O   . HIS A 1 164 ? -18.169 -17.414 -13.233 1.00 44.57 ? 164 HIS A O   1 
ATOM   1336 C  CB  . HIS A 1 164 ? -15.243 -17.025 -11.624 1.00 42.61 ? 164 HIS A CB  1 
ATOM   1337 C  CG  . HIS A 1 164 ? -15.662 -18.362 -11.104 1.00 45.83 ? 164 HIS A CG  1 
ATOM   1338 N  ND1 . HIS A 1 164 ? -15.112 -19.544 -11.556 1.00 49.85 ? 164 HIS A ND1 1 
ATOM   1339 C  CD2 . HIS A 1 164 ? -16.582 -18.710 -10.169 1.00 47.30 ? 164 HIS A CD2 1 
ATOM   1340 C  CE1 . HIS A 1 164 ? -15.671 -20.560 -10.923 1.00 48.84 ? 164 HIS A CE1 1 
ATOM   1341 N  NE2 . HIS A 1 164 ? -16.568 -20.080 -10.078 1.00 50.95 ? 164 HIS A NE2 1 
ATOM   1342 N  N   . CYS A 1 165 ? -17.892 -15.499 -12.095 1.00 39.03 ? 165 CYS A N   1 
ATOM   1343 C  CA  . CYS A 1 165 ? -19.304 -15.411 -11.732 1.00 39.24 ? 165 CYS A CA  1 
ATOM   1344 C  C   . CYS A 1 165 ? -20.013 -14.198 -12.327 1.00 37.36 ? 165 CYS A C   1 
ATOM   1345 O  O   . CYS A 1 165 ? -21.233 -14.090 -12.239 1.00 41.94 ? 165 CYS A O   1 
ATOM   1346 C  CB  . CYS A 1 165 ? -19.473 -15.428 -10.207 1.00 42.05 ? 165 CYS A CB  1 
ATOM   1347 S  SG  . CYS A 1 165 ? -19.119 -13.848 -9.382  1.00 37.24 ? 165 CYS A SG  1 
ATOM   1348 N  N   . GLY A 1 166 ? -19.255 -13.281 -12.925 1.00 35.91 ? 166 GLY A N   1 
ATOM   1349 C  CA  . GLY A 1 166 ? -19.856 -12.153 -13.622 1.00 35.05 ? 166 GLY A CA  1 
ATOM   1350 C  C   . GLY A 1 166 ? -20.208 -10.942 -12.776 1.00 31.84 ? 166 GLY A C   1 
ATOM   1351 O  O   . GLY A 1 166 ? -20.598 -9.901  -13.308 1.00 33.88 ? 166 GLY A O   1 
ATOM   1352 N  N   . GLN A 1 167 ? -20.084 -11.073 -11.459 1.00 34.23 ? 167 GLN A N   1 
ATOM   1353 C  CA  . GLN A 1 167 ? -20.337 -9.959  -10.553 1.00 30.72 ? 167 GLN A CA  1 
ATOM   1354 C  C   . GLN A 1 167 ? -19.367 -8.806  -10.830 1.00 33.01 ? 167 GLN A C   1 
ATOM   1355 O  O   . GLN A 1 167 ? -18.164 -9.017  -10.952 1.00 33.85 ? 167 GLN A O   1 
ATOM   1356 C  CB  . GLN A 1 167 ? -20.172 -10.424 -9.106  1.00 35.92 ? 167 GLN A CB  1 
ATOM   1357 C  CG  . GLN A 1 167 ? -20.140 -9.306  -8.079  1.00 39.44 ? 167 GLN A CG  1 
ATOM   1358 C  CD  . GLN A 1 167 ? -21.494 -9.025  -7.453  1.00 50.71 ? 167 GLN A CD  1 
ATOM   1359 O  OE1 . GLN A 1 167 ? -22.500 -9.666  -7.781  1.00 53.54 ? 167 GLN A OE1 1 
ATOM   1360 N  NE2 . GLN A 1 167 ? -21.526 -8.056  -6.539  1.00 52.22 ? 167 GLN A NE2 1 
ATOM   1361 N  N   . VAL A 1 168 ? -19.892 -7.591  -10.932 1.00 33.82 ? 168 VAL A N   1 
ATOM   1362 C  CA  . VAL A 1 168 ? -19.054 -6.413  -11.128 1.00 36.53 ? 168 VAL A CA  1 
ATOM   1363 C  C   . VAL A 1 168 ? -18.555 -5.888  -9.775  1.00 33.38 ? 168 VAL A C   1 
ATOM   1364 O  O   . VAL A 1 168 ? -19.343 -5.467  -8.928  1.00 35.01 ? 168 VAL A O   1 
ATOM   1365 C  CB  . VAL A 1 168 ? -19.805 -5.301  -11.878 1.00 34.70 ? 168 VAL A CB  1 
ATOM   1366 C  CG1 . VAL A 1 168 ? -18.938 -4.059  -11.986 1.00 37.75 ? 168 VAL A CG1 1 
ATOM   1367 C  CG2 . VAL A 1 168 ? -20.214 -5.779  -13.267 1.00 34.60 ? 168 VAL A CG2 1 
ATOM   1368 N  N   . HIS A 1 169 ? -17.240 -5.948  -9.580  1.00 31.99 ? 169 HIS A N   1 
ATOM   1369 C  CA  . HIS A 1 169 ? -16.587 -5.433  -8.378  1.00 31.73 ? 169 HIS A CA  1 
ATOM   1370 C  C   . HIS A 1 169 ? -16.983 -3.967  -8.167  1.00 35.95 ? 169 HIS A C   1 
ATOM   1371 O  O   . HIS A 1 169 ? -17.136 -3.222  -9.141  1.00 33.71 ? 169 HIS A O   1 
ATOM   1372 C  CB  . HIS A 1 169 ? -15.061 -5.567  -8.548  1.00 30.91 ? 169 HIS A CB  1 
ATOM   1373 C  CG  . HIS A 1 169 ? -14.274 -5.260  -7.312  1.00 32.55 ? 169 HIS A CG  1 
ATOM   1374 N  ND1 . HIS A 1 169 ? -14.069 -3.977  -6.855  1.00 33.26 ? 169 HIS A ND1 1 
ATOM   1375 C  CD2 . HIS A 1 169 ? -13.633 -6.075  -6.440  1.00 31.11 ? 169 HIS A CD2 1 
ATOM   1376 C  CE1 . HIS A 1 169 ? -13.345 -4.013  -5.751  1.00 33.56 ? 169 HIS A CE1 1 
ATOM   1377 N  NE2 . HIS A 1 169 ? -13.063 -5.275  -5.482  1.00 31.67 ? 169 HIS A NE2 1 
ATOM   1378 N  N   . PRO A 1 170 ? -17.157 -3.548  -6.896  1.00 35.12 ? 170 PRO A N   1 
ATOM   1379 C  CA  . PRO A 1 170 ? -17.613 -2.193  -6.547  1.00 38.71 ? 170 PRO A CA  1 
ATOM   1380 C  C   . PRO A 1 170 ? -16.678 -1.059  -6.977  1.00 39.03 ? 170 PRO A C   1 
ATOM   1381 O  O   . PRO A 1 170 ? -17.122 0.081   -7.129  1.00 37.79 ? 170 PRO A O   1 
ATOM   1382 C  CB  . PRO A 1 170 ? -17.675 -2.228  -5.016  1.00 39.50 ? 170 PRO A CB  1 
ATOM   1383 C  CG  . PRO A 1 170 ? -17.824 -3.660  -4.665  1.00 41.43 ? 170 PRO A CG  1 
ATOM   1384 C  CD  . PRO A 1 170 ? -17.057 -4.416  -5.708  1.00 37.68 ? 170 PRO A CD  1 
ATOM   1385 N  N   . GLY A 1 171 ? -15.395 -1.353  -7.142  1.00 35.93 ? 171 GLY A N   1 
ATOM   1386 C  CA  . GLY A 1 171 ? -14.454 -0.309  -7.503  1.00 40.92 ? 171 GLY A CA  1 
ATOM   1387 C  C   . GLY A 1 171 ? -13.702 0.241   -6.304  1.00 40.93 ? 171 GLY A C   1 
ATOM   1388 O  O   . GLY A 1 171 ? -12.894 -0.477  -5.703  1.00 40.55 ? 171 GLY A O   1 
ATOM   1389 N  N   . ARG A 1 172 ? -13.964 1.501   -5.947  1.00 42.18 ? 172 ARG A N   1 
ATOM   1390 C  CA  . ARG A 1 172 ? -13.172 2.191   -4.916  1.00 48.26 ? 172 ARG A CA  1 
ATOM   1391 C  C   . ARG A 1 172 ? -13.494 1.797   -3.463  1.00 49.54 ? 172 ARG A C   1 
ATOM   1392 O  O   . ARG A 1 172 ? -12.581 1.613   -2.651  1.00 46.96 ? 172 ARG A O   1 
ATOM   1393 C  CB  . ARG A 1 172 ? -13.246 3.717   -5.089  1.00 46.39 ? 172 ARG A CB  1 
ATOM   1394 C  CG  . ARG A 1 172 ? -12.103 4.476   -4.402  1.00 47.89 ? 172 ARG A CG  1 
ATOM   1395 C  CD  . ARG A 1 172 ? -12.262 5.987   -4.551  1.00 49.49 ? 172 ARG A CD  1 
ATOM   1396 N  NE  . ARG A 1 172 ? -12.728 6.353   -5.889  1.00 56.92 ? 172 ARG A NE  1 
ATOM   1397 C  CZ  . ARG A 1 172 ? -11.976 6.938   -6.819  1.00 55.44 ? 172 ARG A CZ  1 
ATOM   1398 N  NH1 . ARG A 1 172 ? -10.711 7.246   -6.560  1.00 56.88 ? 172 ARG A NH1 1 
ATOM   1399 N  NH2 . ARG A 1 172 ? -12.492 7.224   -8.009  1.00 58.95 ? 172 ARG A NH2 1 
ATOM   1400 N  N   . ALA A 1 173 ? -14.779 1.678   -3.134  1.00 54.00 ? 173 ALA A N   1 
ATOM   1401 C  CA  . ALA A 1 173 ? -15.179 1.240   -1.793  1.00 59.22 ? 173 ALA A CA  1 
ATOM   1402 C  C   . ALA A 1 173 ? -15.963 -0.076  -1.839  1.00 61.11 ? 173 ALA A C   1 
ATOM   1403 O  O   . ALA A 1 173 ? -16.816 -0.269  -2.708  1.00 60.92 ? 173 ALA A O   1 
ATOM   1404 C  CB  . ALA A 1 173 ? -15.992 2.324   -1.088  1.00 62.95 ? 173 ALA A CB  1 
ATOM   1405 N  N   . ALA A 1 174 ? -15.675 -0.970  -0.893  1.00 64.96 ? 174 ALA A N   1 
ATOM   1406 C  CA  . ALA A 1 174 ? -16.317 -2.285  -0.837  1.00 67.64 ? 174 ALA A CA  1 
ATOM   1407 C  C   . ALA A 1 174 ? -17.486 -2.318  0.150   1.00 78.15 ? 174 ALA A C   1 
ATOM   1408 O  O   . ALA A 1 174 ? -18.381 -3.161  0.045   1.00 78.90 ? 174 ALA A O   1 
ATOM   1409 C  CB  . ALA A 1 174 ? -15.289 -3.364  -0.486  1.00 60.18 ? 174 ALA A CB  1 
HETATM 1410 FE FE  . FE2 B 2 .   ? 2.794   -3.090  -0.703  1.00 18.64 ? 201 FE2 A FE  1 
HETATM 1411 FE FE  . FE2 C 2 .   ? -16.848 -13.720 -8.789  1.00 31.90 ? 202 FE2 A FE  1 
HETATM 1412 C  C1  . 6PC D 3 .   ? 2.168   -0.931  -0.093  1.00 36.23 ? 203 6PC A C1  1 
HETATM 1413 C  C3  . 6PC D 3 .   ? 0.217   -2.096  0.273   1.00 33.21 ? 203 6PC A C3  1 
HETATM 1414 C  C4  . 6PC D 3 .   ? 0.550   -2.191  1.633   1.00 36.18 ? 203 6PC A C4  1 
HETATM 1415 C  C2  . 6PC D 3 .   ? 3.045   -0.164  -0.991  1.00 38.23 ? 203 6PC A C2  1 
HETATM 1416 C  C5  . 6PC D 3 .   ? 1.706   -1.649  2.164   1.00 32.61 ? 203 6PC A C5  1 
HETATM 1417 C  C6  . 6PC D 3 .   ? 2.511   -0.983  1.258   1.00 37.83 ? 203 6PC A C6  1 
HETATM 1418 O  O1  . 6PC D 3 .   ? 2.787   1.072   -1.147  1.00 46.23 ? 203 6PC A O1  1 
HETATM 1419 O  O2  . 6PC D 3 .   ? 4.003   -0.731  -1.572  1.00 40.33 ? 203 6PC A O2  1 
HETATM 1420 N  N2  . 6PC D 3 .   ? 1.013   -1.444  -0.566  1.00 33.91 ? 203 6PC A N2  1 
HETATM 1421 O  O   . HOH E 4 .   ? -1.072  4.490   9.745   1.00 18.96 ? 301 HOH A O   1 
HETATM 1422 O  O   . HOH E 4 .   ? -4.986  3.488   10.831  1.00 19.71 ? 302 HOH A O   1 
HETATM 1423 O  O   . HOH E 4 .   ? 3.932   -8.483  -1.586  1.00 17.67 ? 303 HOH A O   1 
HETATM 1424 O  O   . HOH E 4 .   ? 10.262  -3.397  -1.442  1.00 22.26 ? 304 HOH A O   1 
HETATM 1425 O  O   . HOH E 4 .   ? -5.630  -2.454  -16.870 1.00 25.77 ? 305 HOH A O   1 
HETATM 1426 O  O   . HOH E 4 .   ? 8.337   -2.463  -10.107 1.00 21.70 ? 306 HOH A O   1 
HETATM 1427 O  O   . HOH E 4 .   ? -8.997  -5.376  1.156   1.00 26.30 ? 307 HOH A O   1 
HETATM 1428 O  O   . HOH E 4 .   ? 3.241   -14.790 -6.806  1.00 35.10 ? 308 HOH A O   1 
HETATM 1429 O  O   . HOH E 4 .   ? 8.081   3.028   1.735   1.00 20.41 ? 309 HOH A O   1 
HETATM 1430 O  O   . HOH E 4 .   ? 6.310   9.140   16.878  1.00 39.51 ? 310 HOH A O   1 
HETATM 1431 O  O   . HOH E 4 .   ? 18.898  11.984  7.403   1.00 27.82 ? 311 HOH A O   1 
HETATM 1432 O  O   . HOH E 4 .   ? -5.515  9.510   1.588   1.00 35.11 ? 312 HOH A O   1 
HETATM 1433 O  O   . HOH E 4 .   ? -5.102  8.898   4.491   1.00 29.07 ? 313 HOH A O   1 
HETATM 1434 O  O   . HOH E 4 .   ? -17.589 1.488   -17.591 1.00 42.46 ? 314 HOH A O   1 
HETATM 1435 O  O   . HOH E 4 .   ? -10.519 -7.807  7.275   1.00 35.22 ? 315 HOH A O   1 
HETATM 1436 O  O   . HOH E 4 .   ? -0.321  -9.492  -15.168 1.00 42.18 ? 316 HOH A O   1 
HETATM 1437 O  O   . HOH E 4 .   ? -16.406 -9.078  -8.615  1.00 32.32 ? 317 HOH A O   1 
HETATM 1438 O  O   . HOH E 4 .   ? 21.365  0.611   -0.903  1.00 23.04 ? 318 HOH A O   1 
HETATM 1439 O  O   . HOH E 4 .   ? -4.284  -2.275  19.432  1.00 31.38 ? 319 HOH A O   1 
HETATM 1440 O  O   . HOH E 4 .   ? 16.863  -1.954  -4.594  1.00 24.24 ? 320 HOH A O   1 
HETATM 1441 O  O   . HOH E 4 .   ? 5.405   -8.582  -8.422  1.00 27.58 ? 321 HOH A O   1 
HETATM 1442 O  O   . HOH E 4 .   ? -2.346  10.471  10.506  1.00 29.10 ? 322 HOH A O   1 
HETATM 1443 O  O   . HOH E 4 .   ? -6.611  -14.142 9.974   1.00 42.68 ? 323 HOH A O   1 
HETATM 1444 O  O   . HOH E 4 .   ? -3.416  15.674  2.911   1.00 36.09 ? 324 HOH A O   1 
HETATM 1445 O  O   . HOH E 4 .   ? 15.818  17.422  14.433  1.00 33.19 ? 325 HOH A O   1 
HETATM 1446 O  O   . HOH E 4 .   ? -8.011  -10.783 2.491   1.00 32.58 ? 326 HOH A O   1 
HETATM 1447 O  O   . HOH E 4 .   ? -10.629 2.733   -17.561 1.00 31.10 ? 327 HOH A O   1 
HETATM 1448 O  O   . HOH E 4 .   ? 5.873   11.617  -0.639  1.00 29.63 ? 328 HOH A O   1 
HETATM 1449 O  O   . HOH E 4 .   ? -0.520  -5.348  -16.706 1.00 23.85 ? 329 HOH A O   1 
HETATM 1450 O  O   . HOH E 4 .   ? -4.544  6.923   15.607  1.00 22.66 ? 330 HOH A O   1 
HETATM 1451 O  O   . HOH E 4 .   ? -4.994  12.032  10.262  1.00 26.95 ? 331 HOH A O   1 
HETATM 1452 O  O   . HOH E 4 .   ? 11.932  12.504  20.707  1.00 35.22 ? 332 HOH A O   1 
HETATM 1453 O  O   . HOH E 4 .   ? 6.610   6.360   -0.763  1.00 30.61 ? 333 HOH A O   1 
HETATM 1454 O  O   . HOH E 4 .   ? -0.579  -1.118  21.393  1.00 29.16 ? 334 HOH A O   1 
HETATM 1455 O  O   . HOH E 4 .   ? 20.796  17.936  6.967   1.00 36.10 ? 335 HOH A O   1 
HETATM 1456 O  O   . HOH E 4 .   ? 21.902  16.003  13.372  1.00 32.73 ? 336 HOH A O   1 
HETATM 1457 O  O   . HOH E 4 .   ? 25.146  9.088   -2.562  1.00 37.19 ? 337 HOH A O   1 
HETATM 1458 O  O   . HOH E 4 .   ? -0.605  -13.984 -1.249  1.00 24.40 ? 338 HOH A O   1 
HETATM 1459 O  O   . HOH E 4 .   ? -8.252  -16.629 -9.067  1.00 40.13 ? 339 HOH A O   1 
HETATM 1460 O  O   . HOH E 4 .   ? 12.800  16.958  12.845  1.00 26.26 ? 340 HOH A O   1 
HETATM 1461 O  O   . HOH E 4 .   ? 11.426  0.310   -10.932 1.00 28.57 ? 341 HOH A O   1 
HETATM 1462 O  O   . HOH E 4 .   ? -2.226  -2.565  -1.625  1.00 26.95 ? 342 HOH A O   1 
HETATM 1463 O  O   . HOH E 4 .   ? -11.338 -4.524  5.381   1.00 29.97 ? 343 HOH A O   1 
HETATM 1464 O  O   . HOH E 4 .   ? -3.340  6.934   4.523   1.00 30.96 ? 344 HOH A O   1 
HETATM 1465 O  O   . HOH E 4 .   ? -3.160  -5.811  -17.104 1.00 27.31 ? 345 HOH A O   1 
HETATM 1466 O  O   . HOH E 4 .   ? 0.332   10.115  -13.306 1.00 34.33 ? 346 HOH A O   1 
HETATM 1467 O  O   . HOH E 4 .   ? 13.381  -12.140 0.240   1.00 27.64 ? 347 HOH A O   1 
HETATM 1468 O  O   . HOH E 4 .   ? 0.937   18.312  14.329  1.00 42.35 ? 348 HOH A O   1 
HETATM 1469 O  O   . HOH E 4 .   ? -5.294  -3.067  13.974  1.00 27.36 ? 349 HOH A O   1 
HETATM 1470 O  O   . HOH E 4 .   ? 16.197  13.605  18.438  1.00 27.67 ? 350 HOH A O   1 
HETATM 1471 O  O   . HOH E 4 .   ? -1.269  -25.294 1.778   1.00 52.71 ? 351 HOH A O   1 
HETATM 1472 O  O   . HOH E 4 .   ? -7.493  13.528  9.944   1.00 38.65 ? 352 HOH A O   1 
HETATM 1473 O  O   . HOH E 4 .   ? -1.982  -10.477 13.476  1.00 39.43 ? 353 HOH A O   1 
HETATM 1474 O  O   . HOH E 4 .   ? 4.728   -15.322 -1.338  1.00 37.77 ? 354 HOH A O   1 
HETATM 1475 O  O   . HOH E 4 .   ? 17.552  -0.830  -12.833 1.00 42.10 ? 355 HOH A O   1 
HETATM 1476 O  O   . HOH E 4 .   ? -17.484 -12.491 -16.953 1.00 37.30 ? 356 HOH A O   1 
HETATM 1477 O  O   . HOH E 4 .   ? -21.518 -9.285  -15.606 1.00 37.15 ? 357 HOH A O   1 
HETATM 1478 O  O   . HOH E 4 .   ? 18.407  -2.474  -6.964  1.00 42.22 ? 358 HOH A O   1 
HETATM 1479 O  O   . HOH E 4 .   ? 0.154   3.931   -14.420 1.00 26.88 ? 359 HOH A O   1 
HETATM 1480 O  O   . HOH E 4 .   ? 10.290  -3.254  -17.210 1.00 28.01 ? 360 HOH A O   1 
HETATM 1481 O  O   . HOH E 4 .   ? -2.257  -13.330 -9.758  1.00 38.37 ? 361 HOH A O   1 
HETATM 1482 O  O   . HOH E 4 .   ? 12.519  -11.151 -3.886  1.00 34.01 ? 362 HOH A O   1 
HETATM 1483 O  O   . HOH E 4 .   ? 18.469  -6.368  -6.622  1.00 43.62 ? 363 HOH A O   1 
HETATM 1484 O  O   . HOH E 4 .   ? -16.931 -7.957  -5.804  1.00 37.70 ? 364 HOH A O   1 
HETATM 1485 O  O   . HOH E 4 .   ? -4.558  1.998   3.483   1.00 29.68 ? 365 HOH A O   1 
HETATM 1486 O  O   . HOH E 4 .   ? -8.956  13.600  8.078   1.00 37.58 ? 366 HOH A O   1 
HETATM 1487 O  O   . HOH E 4 .   ? 12.230  7.633   -4.924  1.00 42.04 ? 367 HOH A O   1 
HETATM 1488 O  O   . HOH E 4 .   ? 12.416  -14.543 -0.420  1.00 40.79 ? 368 HOH A O   1 
HETATM 1489 O  O   . HOH E 4 .   ? -20.462 -2.751  -9.283  1.00 42.89 ? 369 HOH A O   1 
HETATM 1490 O  O   . HOH E 4 .   ? 18.465  1.687   -6.001  1.00 32.99 ? 370 HOH A O   1 
HETATM 1491 O  O   . HOH E 4 .   ? 9.752   -8.265  -16.475 1.00 36.89 ? 371 HOH A O   1 
HETATM 1492 O  O   . HOH E 4 .   ? -10.596 5.861   2.260   1.00 36.80 ? 372 HOH A O   1 
HETATM 1493 O  O   . HOH E 4 .   ? 3.313   12.738  -0.501  1.00 37.29 ? 373 HOH A O   1 
HETATM 1494 O  O   . HOH E 4 .   ? -2.803  13.756  10.484  1.00 34.01 ? 374 HOH A O   1 
HETATM 1495 O  O   . HOH E 4 .   ? -2.864  18.115  1.641   1.00 48.47 ? 375 HOH A O   1 
HETATM 1496 O  O   . HOH E 4 .   ? -10.788 -17.327 2.631   1.00 43.56 ? 376 HOH A O   1 
HETATM 1497 O  O   . HOH E 4 .   ? 7.798   -15.206 -1.140  1.00 39.29 ? 377 HOH A O   1 
HETATM 1498 O  O   . HOH E 4 .   ? -22.996 -7.269  -11.021 1.00 41.35 ? 378 HOH A O   1 
HETATM 1499 O  O   . HOH E 4 .   ? -7.875  8.275   2.252   1.00 36.06 ? 379 HOH A O   1 
HETATM 1500 O  O   . HOH E 4 .   ? -0.566  -7.849  15.911  1.00 31.72 ? 380 HOH A O   1 
HETATM 1501 O  O   . HOH E 4 .   ? -9.184  -10.401 4.936   1.00 35.97 ? 381 HOH A O   1 
HETATM 1502 O  O   . HOH E 4 .   ? -4.403  -0.108  -16.095 1.00 28.16 ? 382 HOH A O   1 
HETATM 1503 O  O   . HOH E 4 .   ? 10.698  14.597  3.364   1.00 37.27 ? 383 HOH A O   1 
HETATM 1504 O  O   . HOH E 4 .   ? -8.558  3.775   -1.536  1.00 44.08 ? 384 HOH A O   1 
HETATM 1505 O  O   . HOH E 4 .   ? 22.464  1.329   -3.535  1.00 34.16 ? 385 HOH A O   1 
HETATM 1506 O  O   . HOH E 4 .   ? 0.018   2.534   -2.854  1.00 41.05 ? 386 HOH A O   1 
HETATM 1507 O  O   . HOH E 4 .   ? -20.095 -12.831 -17.435 1.00 46.13 ? 387 HOH A O   1 
HETATM 1508 O  O   . HOH E 4 .   ? -8.397  15.230  5.867   1.00 40.37 ? 388 HOH A O   1 
HETATM 1509 O  O   . HOH E 4 .   ? 17.849  -4.763  -14.395 1.00 41.63 ? 389 HOH A O   1 
HETATM 1510 O  O   . HOH E 4 .   ? -1.161  -12.874 11.267  1.00 47.34 ? 390 HOH A O   1 
HETATM 1511 O  O   . HOH E 4 .   ? -0.946  10.551  -11.335 1.00 42.15 ? 391 HOH A O   1 
HETATM 1512 O  O   . HOH E 4 .   ? -6.017  -16.598 -7.926  1.00 50.59 ? 392 HOH A O   1 
HETATM 1513 O  O   . HOH E 4 .   ? -2.106  6.758   1.654   1.00 41.23 ? 393 HOH A O   1 
HETATM 1514 O  O   . HOH E 4 .   ? -2.766  -2.805  21.448  1.00 35.13 ? 394 HOH A O   1 
HETATM 1515 O  O   . HOH E 4 .   ? -13.457 -15.883 2.822   1.00 54.36 ? 395 HOH A O   1 
HETATM 1516 O  O   . HOH E 4 .   ? 0.418   15.668  15.414  1.00 43.70 ? 396 HOH A O   1 
HETATM 1517 O  O   . HOH E 4 .   ? 28.179  9.738   -0.812  1.00 38.43 ? 397 HOH A O   1 
HETATM 1518 O  O   . HOH E 4 .   ? 4.112   22.082  9.071   1.00 44.29 ? 398 HOH A O   1 
HETATM 1519 O  O   . HOH E 4 .   ? 11.244  -10.532 -13.095 1.00 46.61 ? 399 HOH A O   1 
HETATM 1520 O  O   . HOH E 4 .   ? 3.482   6.450   19.776  1.00 37.19 ? 400 HOH A O   1 
HETATM 1521 O  O   . HOH E 4 .   ? 19.014  17.842  11.427  1.00 35.05 ? 401 HOH A O   1 
HETATM 1522 O  O   . HOH E 4 .   ? -12.836 -6.092  -2.702  1.00 36.80 ? 402 HOH A O   1 
HETATM 1523 O  O   . HOH E 4 .   ? 3.619   -8.617  -17.949 1.00 42.26 ? 403 HOH A O   1 
HETATM 1524 O  O   . HOH E 4 .   ? 24.635  10.850  -5.469  1.00 51.45 ? 404 HOH A O   1 
HETATM 1525 O  O   . HOH E 4 .   ? -12.290 1.882   -0.151  1.00 45.80 ? 405 HOH A O   1 
HETATM 1526 O  O   . HOH E 4 .   ? 17.591  15.812  16.637  1.00 33.81 ? 406 HOH A O   1 
HETATM 1527 O  O   . HOH E 4 .   ? 0.551   6.379   -15.485 1.00 31.97 ? 407 HOH A O   1 
HETATM 1528 O  O   . HOH E 4 .   ? -12.327 5.483   3.869   1.00 43.54 ? 408 HOH A O   1 
HETATM 1529 O  O   . HOH E 4 .   ? 10.249  -15.190 -2.513  1.00 45.09 ? 409 HOH A O   1 
HETATM 1530 O  O   . HOH E 4 .   ? 0.460   -8.046  -17.540 1.00 37.49 ? 410 HOH A O   1 
HETATM 1531 O  O   . HOH E 4 .   ? 5.713   -10.666 -18.814 1.00 50.80 ? 411 HOH A O   1 
HETATM 1532 O  O   . HOH E 4 .   ? 3.422   -12.792 -8.660  1.00 36.62 ? 412 HOH A O   1 
HETATM 1533 O  O   . HOH E 4 .   ? 1.887   4.987   0.489   1.00 46.38 ? 413 HOH A O   1 
HETATM 1534 O  O   . HOH E 4 .   ? 17.561  3.785   -6.476  1.00 43.06 ? 414 HOH A O   1 
HETATM 1535 O  O   . HOH E 4 .   ? 1.324   19.992  9.850   1.00 41.61 ? 415 HOH A O   1 
HETATM 1536 O  O   . HOH E 4 .   ? -9.950  -3.396  -20.034 1.00 38.57 ? 416 HOH A O   1 
HETATM 1537 O  O   . HOH E 4 .   ? -10.894 -9.667  8.901   1.00 35.78 ? 417 HOH A O   1 
HETATM 1538 O  O   . HOH E 4 .   ? -15.929 -8.255  -19.453 1.00 47.52 ? 418 HOH A O   1 
HETATM 1539 O  O   . HOH E 4 .   ? -16.314 -0.854  -19.322 1.00 42.77 ? 419 HOH A O   1 
HETATM 1540 O  O   . HOH E 4 .   ? -8.210  -16.773 -4.910  1.00 50.99 ? 420 HOH A O   1 
HETATM 1541 O  O   . HOH E 4 .   ? 3.010   -12.500 -14.346 1.00 46.91 ? 421 HOH A O   1 
HETATM 1542 O  O   . HOH E 4 .   ? -8.172  0.257   -4.742  1.00 38.67 ? 422 HOH A O   1 
HETATM 1543 O  O   . HOH E 4 .   ? 10.485  0.327   20.021  1.00 34.33 ? 423 HOH A O   1 
HETATM 1544 O  O   . HOH E 4 .   ? -9.856  1.377   -3.085  1.00 40.95 ? 424 HOH A O   1 
HETATM 1545 O  O   . HOH E 4 .   ? -2.417  -17.473 -1.706  1.00 45.23 ? 425 HOH A O   1 
HETATM 1546 O  O   . HOH E 4 .   ? -1.215  19.926  11.169  1.00 46.80 ? 426 HOH A O   1 
HETATM 1547 O  O   . HOH E 4 .   ? 7.119   -10.456 10.166  1.00 31.18 ? 427 HOH A O   1 
HETATM 1548 O  O   . HOH E 4 .   ? -0.683  5.038   -3.208  1.00 48.29 ? 428 HOH A O   1 
HETATM 1549 O  O   . HOH E 4 .   ? -10.407 7.890   3.781   1.00 37.50 ? 429 HOH A O   1 
HETATM 1550 O  O   . HOH E 4 .   ? 7.593   10.233  -3.807  1.00 45.49 ? 430 HOH A O   1 
HETATM 1551 O  O   . HOH E 4 .   ? 15.115  -7.762  -13.076 1.00 46.80 ? 431 HOH A O   1 
HETATM 1552 O  O   . HOH E 4 .   ? 10.691  -11.671 -6.471  1.00 42.40 ? 432 HOH A O   1 
HETATM 1553 O  O   . HOH E 4 .   ? -1.436  14.311  14.947  1.00 50.90 ? 433 HOH A O   1 
HETATM 1554 O  O   . HOH E 4 .   ? 21.200  9.627   -4.920  1.00 46.90 ? 434 HOH A O   1 
HETATM 1555 O  O   . HOH E 4 .   ? 17.435  19.018  12.642  1.00 46.43 ? 435 HOH A O   1 
HETATM 1556 O  O   . HOH E 4 .   ? 18.531  16.754  7.428   1.00 40.27 ? 436 HOH A O   1 
HETATM 1557 O  O   . HOH E 4 .   ? -3.838  -25.677 2.087   1.00 50.30 ? 437 HOH A O   1 
HETATM 1558 O  O   . HOH E 4 .   ? 0.010   -8.092  18.137  1.00 44.72 ? 438 HOH A O   1 
HETATM 1559 O  O   . HOH E 4 .   ? -18.770 2.739   -15.700 1.00 54.82 ? 439 HOH A O   1 
# 
loop_
_pdbx_poly_seq_scheme.asym_id 
_pdbx_poly_seq_scheme.entity_id 
_pdbx_poly_seq_scheme.seq_id 
_pdbx_poly_seq_scheme.mon_id 
_pdbx_poly_seq_scheme.ndb_seq_num 
_pdbx_poly_seq_scheme.pdb_seq_num 
_pdbx_poly_seq_scheme.auth_seq_num 
_pdbx_poly_seq_scheme.pdb_mon_id 
_pdbx_poly_seq_scheme.auth_mon_id 
_pdbx_poly_seq_scheme.pdb_strand_id 
_pdbx_poly_seq_scheme.pdb_ins_code 
_pdbx_poly_seq_scheme.hetero 
A 1 1   MET 1   1   1   MET MET A . n 
A 1 2   LEU 2   2   2   LEU LEU A . n 
A 1 3   THR 3   3   3   THR THR A . n 
A 1 4   TYR 4   4   4   TYR TYR A . n 
A 1 5   GLY 5   5   5   GLY GLY A . n 
A 1 6   ALA 6   6   6   ALA ALA A . n 
A 1 7   PRO 7   7   7   PRO PRO A . n 
A 1 8   PHE 8   8   8   PHE PHE A . n 
A 1 9   ASN 9   9   9   ASN ASN A . n 
A 1 10  PHE 10  10  10  PHE PHE A . n 
A 1 11  PRO 11  11  11  PRO PRO A . n 
A 1 12  ARG 12  12  12  ARG ARG A . n 
A 1 13  TRP 13  13  13  TRP TRP A . n 
A 1 14  ILE 14  14  14  ILE ILE A . n 
A 1 15  ASP 15  15  15  ASP ASP A . n 
A 1 16  GLU 16  16  16  GLU GLU A . n 
A 1 17  HIS 17  17  17  HIS HIS A . n 
A 1 18  ALA 18  18  18  ALA ALA A . n 
A 1 19  HIS 19  19  19  HIS HIS A . n 
A 1 20  LEU 20  20  20  LEU LEU A . n 
A 1 21  LEU 21  21  21  LEU LEU A . n 
A 1 22  LYS 22  22  22  LYS LYS A . n 
A 1 23  PRO 23  23  23  PRO PRO A . n 
A 1 24  PRO 24  24  24  PRO PRO A . n 
A 1 25  VAL 25  25  25  VAL VAL A . n 
A 1 26  GLY 26  26  26  GLY GLY A . n 
A 1 27  ASN 27  27  27  ASN ASN A . n 
A 1 28  ARG 28  28  28  ARG ARG A . n 
A 1 29  GLN 29  29  29  GLN GLN A . n 
A 1 30  VAL 30  30  30  VAL VAL A . n 
A 1 31  TRP 31  31  31  TRP TRP A . n 
A 1 32  GLN 32  32  32  GLN GLN A . n 
A 1 33  ASP 33  33  33  ASP ASP A . n 
A 1 34  SER 34  34  34  SER SER A . n 
A 1 35  ASP 35  35  35  ASP ASP A . n 
A 1 36  PHE 36  36  36  PHE PHE A . n 
A 1 37  ILE 37  37  37  ILE ILE A . n 
A 1 38  VAL 38  38  38  VAL VAL A . n 
A 1 39  THR 39  39  39  THR THR A . n 
A 1 40  VAL 40  40  40  VAL VAL A . n 
A 1 41  VAL 41  41  41  VAL VAL A . n 
A 1 42  GLY 42  42  42  GLY GLY A . n 
A 1 43  GLY 43  43  43  GLY GLY A . n 
A 1 44  PRO 44  44  44  PRO PRO A . n 
A 1 45  ASN 45  45  45  ASN ASN A . n 
A 1 46  HIS 46  46  46  HIS HIS A . n 
A 1 47  ARG 47  47  47  ARG ARG A . n 
A 1 48  THR 48  48  48  THR THR A . n 
A 1 49  ASP 49  49  49  ASP ASP A . n 
A 1 50  TYR 50  50  50  TYR TYR A . n 
A 1 51  HIS 51  51  51  HIS HIS A . n 
A 1 52  ASP 52  52  52  ASP ASP A . n 
A 1 53  ASP 53  53  53  ASP ASP A . n 
A 1 54  PRO 54  54  54  PRO PRO A . n 
A 1 55  LEU 55  55  55  LEU LEU A . n 
A 1 56  GLU 56  56  56  GLU GLU A . n 
A 1 57  GLU 57  57  57  GLU GLU A . n 
A 1 58  PHE 58  58  58  PHE PHE A . n 
A 1 59  PHE 59  59  59  PHE PHE A . n 
A 1 60  TYR 60  60  60  TYR TYR A . n 
A 1 61  GLN 61  61  61  GLN GLN A . n 
A 1 62  LEU 62  62  62  LEU LEU A . n 
A 1 63  ARG 63  63  63  ARG ARG A . n 
A 1 64  GLY 64  64  64  GLY GLY A . n 
A 1 65  ASN 65  65  65  ASN ASN A . n 
A 1 66  ALA 66  66  66  ALA ALA A . n 
A 1 67  TYR 67  67  67  TYR TYR A . n 
A 1 68  LEU 68  68  68  LEU LEU A . n 
A 1 69  ASN 69  69  69  ASN ASN A . n 
A 1 70  LEU 70  70  70  LEU LEU A . n 
A 1 71  TRP 71  71  71  TRP TRP A . n 
A 1 72  VAL 72  72  72  VAL VAL A . n 
A 1 73  ASP 73  73  73  ASP ASP A . n 
A 1 74  GLY 74  74  74  GLY GLY A . n 
A 1 75  ARG 75  75  75  ARG ARG A . n 
A 1 76  ARG 76  76  76  ARG ARG A . n 
A 1 77  GLU 77  77  77  GLU GLU A . n 
A 1 78  ARG 78  78  78  ARG ARG A . n 
A 1 79  ALA 79  79  79  ALA ALA A . n 
A 1 80  ASP 80  80  80  ASP ASP A . n 
A 1 81  LEU 81  81  81  LEU LEU A . n 
A 1 82  LYS 82  82  82  LYS LYS A . n 
A 1 83  GLU 83  83  83  GLU GLU A . n 
A 1 84  GLY 84  84  84  GLY GLY A . n 
A 1 85  ASP 85  85  85  ASP ASP A . n 
A 1 86  ILE 86  86  86  ILE ILE A . n 
A 1 87  PHE 87  87  87  PHE PHE A . n 
A 1 88  LEU 88  88  88  LEU LEU A . n 
A 1 89  LEU 89  89  89  LEU LEU A . n 
A 1 90  PRO 90  90  90  PRO PRO A . n 
A 1 91  PRO 91  91  91  PRO PRO A . n 
A 1 92  HIS 92  92  92  HIS HIS A . n 
A 1 93  VAL 93  93  93  VAL VAL A . n 
A 1 94  ARG 94  94  94  ARG ARG A . n 
A 1 95  HIS 95  95  95  HIS HIS A . n 
A 1 96  SER 96  96  96  SER SER A . n 
A 1 97  PRO 97  97  97  PRO PRO A . n 
A 1 98  GLN 98  98  98  GLN GLN A . n 
A 1 99  ARG 99  99  99  ARG ARG A . n 
A 1 100 PRO 100 100 100 PRO PRO A . n 
A 1 101 GLU 101 101 101 GLU GLU A . n 
A 1 102 ALA 102 102 102 ALA ALA A . n 
A 1 103 GLY 103 103 103 GLY GLY A . n 
A 1 104 SER 104 104 104 SER SER A . n 
A 1 105 ALA 105 105 105 ALA ALA A . n 
A 1 106 CYS 106 106 106 CYS CYS A . n 
A 1 107 LEU 107 107 107 LEU LEU A . n 
A 1 108 VAL 108 108 108 VAL VAL A . n 
A 1 109 ILE 109 109 109 ILE ILE A . n 
A 1 110 GLU 110 110 110 GLU GLU A . n 
A 1 111 ARG 111 111 111 ARG ARG A . n 
A 1 112 GLN 112 112 112 GLN GLN A . n 
A 1 113 ARG 113 113 113 ARG ARG A . n 
A 1 114 PRO 114 114 114 PRO PRO A . n 
A 1 115 ALA 115 115 115 ALA ALA A . n 
A 1 116 GLY 116 116 116 GLY GLY A . n 
A 1 117 MET 117 117 117 MET MET A . n 
A 1 118 LEU 118 118 118 LEU LEU A . n 
A 1 119 ASP 119 119 119 ASP ASP A . n 
A 1 120 GLY 120 120 120 GLY GLY A . n 
A 1 121 PHE 121 121 121 PHE PHE A . n 
A 1 122 GLU 122 122 122 GLU GLU A . n 
A 1 123 TRP 123 123 123 TRP TRP A . n 
A 1 124 TYR 124 124 124 TYR TYR A . n 
A 1 125 CYS 125 125 125 CYS CYS A . n 
A 1 126 ASP 126 126 126 ASP ASP A . n 
A 1 127 ALA 127 127 127 ALA ALA A . n 
A 1 128 CYS 128 128 128 CYS CYS A . n 
A 1 129 GLY 129 129 129 GLY GLY A . n 
A 1 130 HIS 130 130 130 HIS HIS A . n 
A 1 131 LEU 131 131 131 LEU LEU A . n 
A 1 132 VAL 132 132 132 VAL VAL A . n 
A 1 133 HIS 133 133 133 HIS HIS A . n 
A 1 134 ARG 134 134 134 ARG ARG A . n 
A 1 135 VAL 135 135 135 VAL VAL A . n 
A 1 136 GLU 136 136 136 GLU GLU A . n 
A 1 137 VAL 137 137 137 VAL VAL A . n 
A 1 138 GLN 138 138 138 GLN GLN A . n 
A 1 139 LEU 139 139 139 LEU LEU A . n 
A 1 140 LYS 140 140 140 LYS LYS A . n 
A 1 141 SER 141 141 141 SER SER A . n 
A 1 142 ILE 142 142 142 ILE ILE A . n 
A 1 143 VAL 143 143 143 VAL VAL A . n 
A 1 144 THR 144 144 144 THR THR A . n 
A 1 145 ASP 145 145 145 ASP ASP A . n 
A 1 146 LEU 146 146 146 LEU LEU A . n 
A 1 147 PRO 147 147 147 PRO PRO A . n 
A 1 148 PRO 148 148 148 PRO PRO A . n 
A 1 149 LEU 149 149 149 LEU LEU A . n 
A 1 150 PHE 150 150 150 PHE PHE A . n 
A 1 151 GLU 151 151 151 GLU GLU A . n 
A 1 152 SER 152 152 152 SER SER A . n 
A 1 153 PHE 153 153 153 PHE PHE A . n 
A 1 154 TYR 154 154 154 TYR TYR A . n 
A 1 155 ALA 155 155 155 ALA ALA A . n 
A 1 156 SER 156 156 156 SER SER A . n 
A 1 157 GLU 157 157 157 GLU GLU A . n 
A 1 158 ASP 158 158 158 ASP ASP A . n 
A 1 159 LYS 159 159 159 LYS LYS A . n 
A 1 160 ARG 160 160 160 ARG ARG A . n 
A 1 161 ARG 161 161 161 ARG ARG A . n 
A 1 162 CYS 162 162 162 CYS CYS A . n 
A 1 163 PRO 163 163 163 PRO PRO A . n 
A 1 164 HIS 164 164 164 HIS HIS A . n 
A 1 165 CYS 165 165 165 CYS CYS A . n 
A 1 166 GLY 166 166 166 GLY GLY A . n 
A 1 167 GLN 167 167 167 GLN GLN A . n 
A 1 168 VAL 168 168 168 VAL VAL A . n 
A 1 169 HIS 169 169 169 HIS HIS A . n 
A 1 170 PRO 170 170 170 PRO PRO A . n 
A 1 171 GLY 171 171 171 GLY GLY A . n 
A 1 172 ARG 172 172 172 ARG ARG A . n 
A 1 173 ALA 173 173 173 ALA ALA A . n 
A 1 174 ALA 174 174 174 ALA ALA A . n 
# 
loop_
_pdbx_nonpoly_scheme.asym_id 
_pdbx_nonpoly_scheme.entity_id 
_pdbx_nonpoly_scheme.mon_id 
_pdbx_nonpoly_scheme.ndb_seq_num 
_pdbx_nonpoly_scheme.pdb_seq_num 
_pdbx_nonpoly_scheme.auth_seq_num 
_pdbx_nonpoly_scheme.pdb_mon_id 
_pdbx_nonpoly_scheme.auth_mon_id 
_pdbx_nonpoly_scheme.pdb_strand_id 
_pdbx_nonpoly_scheme.pdb_ins_code 
B 2 FE2 1   201 300 FE2 FE  A . 
C 2 FE2 1   202 301 FE2 FE  A . 
D 3 6PC 1   203 1   6PC 6PC A . 
E 4 HOH 1   301 1   HOH HOH A . 
E 4 HOH 2   302 2   HOH HOH A . 
E 4 HOH 3   303 3   HOH HOH A . 
E 4 HOH 4   304 4   HOH HOH A . 
E 4 HOH 5   305 6   HOH HOH A . 
E 4 HOH 6   306 8   HOH HOH A . 
E 4 HOH 7   307 10  HOH HOH A . 
E 4 HOH 8   308 11  HOH HOH A . 
E 4 HOH 9   309 12  HOH HOH A . 
E 4 HOH 10  310 14  HOH HOH A . 
E 4 HOH 11  311 15  HOH HOH A . 
E 4 HOH 12  312 16  HOH HOH A . 
E 4 HOH 13  313 18  HOH HOH A . 
E 4 HOH 14  314 19  HOH HOH A . 
E 4 HOH 15  315 20  HOH HOH A . 
E 4 HOH 16  316 21  HOH HOH A . 
E 4 HOH 17  317 22  HOH HOH A . 
E 4 HOH 18  318 23  HOH HOH A . 
E 4 HOH 19  319 24  HOH HOH A . 
E 4 HOH 20  320 25  HOH HOH A . 
E 4 HOH 21  321 26  HOH HOH A . 
E 4 HOH 22  322 27  HOH HOH A . 
E 4 HOH 23  323 28  HOH HOH A . 
E 4 HOH 24  324 29  HOH HOH A . 
E 4 HOH 25  325 30  HOH HOH A . 
E 4 HOH 26  326 31  HOH HOH A . 
E 4 HOH 27  327 32  HOH HOH A . 
E 4 HOH 28  328 33  HOH HOH A . 
E 4 HOH 29  329 34  HOH HOH A . 
E 4 HOH 30  330 35  HOH HOH A . 
E 4 HOH 31  331 36  HOH HOH A . 
E 4 HOH 32  332 37  HOH HOH A . 
E 4 HOH 33  333 41  HOH HOH A . 
E 4 HOH 34  334 42  HOH HOH A . 
E 4 HOH 35  335 43  HOH HOH A . 
E 4 HOH 36  336 44  HOH HOH A . 
E 4 HOH 37  337 45  HOH HOH A . 
E 4 HOH 38  338 46  HOH HOH A . 
E 4 HOH 39  339 49  HOH HOH A . 
E 4 HOH 40  340 50  HOH HOH A . 
E 4 HOH 41  341 51  HOH HOH A . 
E 4 HOH 42  342 52  HOH HOH A . 
E 4 HOH 43  343 54  HOH HOH A . 
E 4 HOH 44  344 55  HOH HOH A . 
E 4 HOH 45  345 57  HOH HOH A . 
E 4 HOH 46  346 58  HOH HOH A . 
E 4 HOH 47  347 59  HOH HOH A . 
E 4 HOH 48  348 60  HOH HOH A . 
E 4 HOH 49  349 61  HOH HOH A . 
E 4 HOH 50  350 62  HOH HOH A . 
E 4 HOH 51  351 63  HOH HOH A . 
E 4 HOH 52  352 64  HOH HOH A . 
E 4 HOH 53  353 65  HOH HOH A . 
E 4 HOH 54  354 69  HOH HOH A . 
E 4 HOH 55  355 70  HOH HOH A . 
E 4 HOH 56  356 73  HOH HOH A . 
E 4 HOH 57  357 74  HOH HOH A . 
E 4 HOH 58  358 76  HOH HOH A . 
E 4 HOH 59  359 77  HOH HOH A . 
E 4 HOH 60  360 78  HOH HOH A . 
E 4 HOH 61  361 79  HOH HOH A . 
E 4 HOH 62  362 80  HOH HOH A . 
E 4 HOH 63  363 81  HOH HOH A . 
E 4 HOH 64  364 82  HOH HOH A . 
E 4 HOH 65  365 83  HOH HOH A . 
E 4 HOH 66  366 87  HOH HOH A . 
E 4 HOH 67  367 89  HOH HOH A . 
E 4 HOH 68  368 90  HOH HOH A . 
E 4 HOH 69  369 91  HOH HOH A . 
E 4 HOH 70  370 92  HOH HOH A . 
E 4 HOH 71  371 93  HOH HOH A . 
E 4 HOH 72  372 95  HOH HOH A . 
E 4 HOH 73  373 96  HOH HOH A . 
E 4 HOH 74  374 99  HOH HOH A . 
E 4 HOH 75  375 100 HOH HOH A . 
E 4 HOH 76  376 102 HOH HOH A . 
E 4 HOH 77  377 103 HOH HOH A . 
E 4 HOH 78  378 104 HOH HOH A . 
E 4 HOH 79  379 106 HOH HOH A . 
E 4 HOH 80  380 107 HOH HOH A . 
E 4 HOH 81  381 108 HOH HOH A . 
E 4 HOH 82  382 110 HOH HOH A . 
E 4 HOH 83  383 112 HOH HOH A . 
E 4 HOH 84  384 113 HOH HOH A . 
E 4 HOH 85  385 114 HOH HOH A . 
E 4 HOH 86  386 116 HOH HOH A . 
E 4 HOH 87  387 118 HOH HOH A . 
E 4 HOH 88  388 119 HOH HOH A . 
E 4 HOH 89  389 120 HOH HOH A . 
E 4 HOH 90  390 124 HOH HOH A . 
E 4 HOH 91  391 127 HOH HOH A . 
E 4 HOH 92  392 128 HOH HOH A . 
E 4 HOH 93  393 133 HOH HOH A . 
E 4 HOH 94  394 137 HOH HOH A . 
E 4 HOH 95  395 139 HOH HOH A . 
E 4 HOH 96  396 141 HOH HOH A . 
E 4 HOH 97  397 144 HOH HOH A . 
E 4 HOH 98  398 153 HOH HOH A . 
E 4 HOH 99  399 155 HOH HOH A . 
E 4 HOH 100 400 159 HOH HOH A . 
E 4 HOH 101 401 161 HOH HOH A . 
E 4 HOH 102 402 163 HOH HOH A . 
E 4 HOH 103 403 164 HOH HOH A . 
E 4 HOH 104 404 167 HOH HOH A . 
E 4 HOH 105 405 169 HOH HOH A . 
E 4 HOH 106 406 181 HOH HOH A . 
E 4 HOH 107 407 183 HOH HOH A . 
E 4 HOH 108 408 185 HOH HOH A . 
E 4 HOH 109 409 186 HOH HOH A . 
E 4 HOH 110 410 191 HOH HOH A . 
E 4 HOH 111 411 192 HOH HOH A . 
E 4 HOH 112 412 5   HOH HOH A . 
E 4 HOH 113 413 6   HOH HOH A . 
E 4 HOH 114 414 7   HOH HOH A . 
E 4 HOH 115 415 8   HOH HOH A . 
E 4 HOH 116 416 9   HOH HOH A . 
E 4 HOH 117 417 10  HOH HOH A . 
E 4 HOH 118 418 13  HOH HOH A . 
E 4 HOH 119 419 14  HOH HOH A . 
E 4 HOH 120 420 15  HOH HOH A . 
E 4 HOH 121 421 23  HOH HOH A . 
E 4 HOH 122 422 25  HOH HOH A . 
E 4 HOH 123 423 32  HOH HOH A . 
E 4 HOH 124 424 40  HOH HOH A . 
E 4 HOH 125 425 41  HOH HOH A . 
E 4 HOH 126 426 43  HOH HOH A . 
E 4 HOH 127 427 52  HOH HOH A . 
E 4 HOH 128 428 55  HOH HOH A . 
E 4 HOH 129 429 68  HOH HOH A . 
E 4 HOH 130 430 70  HOH HOH A . 
E 4 HOH 131 431 108 HOH HOH A . 
E 4 HOH 132 432 16  HOH HOH A . 
E 4 HOH 133 433 31  HOH HOH A . 
E 4 HOH 134 434 54  HOH HOH A . 
E 4 HOH 135 435 96  HOH HOH A . 
E 4 HOH 136 436 102 HOH HOH A . 
E 4 HOH 137 437 44  HOH HOH A . 
E 4 HOH 138 438 26  HOH HOH A . 
E 4 HOH 139 439 63  HOH HOH A . 
# 
_pdbx_struct_assembly.id                   1 
_pdbx_struct_assembly.details              author_and_software_defined_assembly 
_pdbx_struct_assembly.method_details       PISA 
_pdbx_struct_assembly.oligomeric_details   dimeric 
_pdbx_struct_assembly.oligomeric_count     2 
# 
_pdbx_struct_assembly_gen.assembly_id       1 
_pdbx_struct_assembly_gen.oper_expression   1,2 
_pdbx_struct_assembly_gen.asym_id_list      A,B,C,D,E 
# 
loop_
_pdbx_struct_assembly_prop.biol_id 
_pdbx_struct_assembly_prop.type 
_pdbx_struct_assembly_prop.value 
_pdbx_struct_assembly_prop.details 
1 'ABSA (A^2)' 4420  ? 
1 MORE         -50   ? 
1 'SSA (A^2)'  16010 ? 
# 
loop_
_pdbx_struct_oper_list.id 
_pdbx_struct_oper_list.type 
_pdbx_struct_oper_list.name 
_pdbx_struct_oper_list.symmetry_operation 
_pdbx_struct_oper_list.matrix[1][1] 
_pdbx_struct_oper_list.matrix[1][2] 
_pdbx_struct_oper_list.matrix[1][3] 
_pdbx_struct_oper_list.vector[1] 
_pdbx_struct_oper_list.matrix[2][1] 
_pdbx_struct_oper_list.matrix[2][2] 
_pdbx_struct_oper_list.matrix[2][3] 
_pdbx_struct_oper_list.vector[2] 
_pdbx_struct_oper_list.matrix[3][1] 
_pdbx_struct_oper_list.matrix[3][2] 
_pdbx_struct_oper_list.matrix[3][3] 
_pdbx_struct_oper_list.vector[3] 
1 'identity operation'         1_555  x,y,z            1.0000000000  0.0000000000  0.0000000000  0.0000000000  0.0000000000  1.0000000000  0.0000000000 0.0000000000  0.0000000000  0.0000000000 1.0000000000 0.0000000000  
2 'crystal symmetry operation' 10_445 -y-1,-x-1,-z+1/6 -0.7351458705 -0.2682310401 -0.6225854625 28.6608950547 -0.2682310401 -0.7283489934 0.6305234753 -1.2174966558 -0.6225854625 0.6305234753 0.4634948640 12.7171726295 
# 
loop_
_pdbx_struct_conn_angle.id 
_pdbx_struct_conn_angle.ptnr1_label_atom_id 
_pdbx_struct_conn_angle.ptnr1_label_alt_id 
_pdbx_struct_conn_angle.ptnr1_label_asym_id 
_pdbx_struct_conn_angle.ptnr1_label_comp_id 
_pdbx_struct_conn_angle.ptnr1_label_seq_id 
_pdbx_struct_conn_angle.ptnr1_auth_atom_id 
_pdbx_struct_conn_angle.ptnr1_auth_asym_id 
_pdbx_struct_conn_angle.ptnr1_auth_comp_id 
_pdbx_struct_conn_angle.ptnr1_auth_seq_id 
_pdbx_struct_conn_angle.ptnr1_PDB_ins_code 
_pdbx_struct_conn_angle.ptnr1_symmetry 
_pdbx_struct_conn_angle.ptnr2_label_atom_id 
_pdbx_struct_conn_angle.ptnr2_label_alt_id 
_pdbx_struct_conn_angle.ptnr2_label_asym_id 
_pdbx_struct_conn_angle.ptnr2_label_comp_id 
_pdbx_struct_conn_angle.ptnr2_label_seq_id 
_pdbx_struct_conn_angle.ptnr2_auth_atom_id 
_pdbx_struct_conn_angle.ptnr2_auth_asym_id 
_pdbx_struct_conn_angle.ptnr2_auth_comp_id 
_pdbx_struct_conn_angle.ptnr2_auth_seq_id 
_pdbx_struct_conn_angle.ptnr2_PDB_ins_code 
_pdbx_struct_conn_angle.ptnr2_symmetry 
_pdbx_struct_conn_angle.ptnr3_label_atom_id 
_pdbx_struct_conn_angle.ptnr3_label_alt_id 
_pdbx_struct_conn_angle.ptnr3_label_asym_id 
_pdbx_struct_conn_angle.ptnr3_label_comp_id 
_pdbx_struct_conn_angle.ptnr3_label_seq_id 
_pdbx_struct_conn_angle.ptnr3_auth_atom_id 
_pdbx_struct_conn_angle.ptnr3_auth_asym_id 
_pdbx_struct_conn_angle.ptnr3_auth_comp_id 
_pdbx_struct_conn_angle.ptnr3_auth_seq_id 
_pdbx_struct_conn_angle.ptnr3_PDB_ins_code 
_pdbx_struct_conn_angle.ptnr3_symmetry 
_pdbx_struct_conn_angle.value 
_pdbx_struct_conn_angle.value_esd 
1  ND1 ? A HIS 51  ? A HIS 51  ? 1_555 FE ? B FE2 . ? A FE2 201 ? 1_555 OE2 ? A GLU 57  ? A GLU 57  ? 1_555 94.0  ? 
2  ND1 ? A HIS 51  ? A HIS 51  ? 1_555 FE ? B FE2 . ? A FE2 201 ? 1_555 OE1 ? A GLU 57  ? A GLU 57  ? 1_555 146.6 ? 
3  OE2 ? A GLU 57  ? A GLU 57  ? 1_555 FE ? B FE2 . ? A FE2 201 ? 1_555 OE1 ? A GLU 57  ? A GLU 57  ? 1_555 52.6  ? 
4  ND1 ? A HIS 51  ? A HIS 51  ? 1_555 FE ? B FE2 . ? A FE2 201 ? 1_555 NE2 ? A HIS 95  ? A HIS 95  ? 1_555 105.2 ? 
5  OE2 ? A GLU 57  ? A GLU 57  ? 1_555 FE ? B FE2 . ? A FE2 201 ? 1_555 NE2 ? A HIS 95  ? A HIS 95  ? 1_555 98.2  ? 
6  OE1 ? A GLU 57  ? A GLU 57  ? 1_555 FE ? B FE2 . ? A FE2 201 ? 1_555 NE2 ? A HIS 95  ? A HIS 95  ? 1_555 83.3  ? 
7  ND1 ? A HIS 51  ? A HIS 51  ? 1_555 FE ? B FE2 . ? A FE2 201 ? 1_555 N2  ? D 6PC .   ? A 6PC 203 ? 1_555 95.1  ? 
8  OE2 ? A GLU 57  ? A GLU 57  ? 1_555 FE ? B FE2 . ? A FE2 201 ? 1_555 N2  ? D 6PC .   ? A 6PC 203 ? 1_555 151.2 ? 
9  OE1 ? A GLU 57  ? A GLU 57  ? 1_555 FE ? B FE2 . ? A FE2 201 ? 1_555 N2  ? D 6PC .   ? A 6PC 203 ? 1_555 114.0 ? 
10 NE2 ? A HIS 95  ? A HIS 95  ? 1_555 FE ? B FE2 . ? A FE2 201 ? 1_555 N2  ? D 6PC .   ? A 6PC 203 ? 1_555 105.7 ? 
11 ND1 ? A HIS 51  ? A HIS 51  ? 1_555 FE ? B FE2 . ? A FE2 201 ? 1_555 O2  ? D 6PC .   ? A 6PC 203 ? 1_555 77.4  ? 
12 OE2 ? A GLU 57  ? A GLU 57  ? 1_555 FE ? B FE2 . ? A FE2 201 ? 1_555 O2  ? D 6PC .   ? A 6PC 203 ? 1_555 79.2  ? 
13 OE1 ? A GLU 57  ? A GLU 57  ? 1_555 FE ? B FE2 . ? A FE2 201 ? 1_555 O2  ? D 6PC .   ? A 6PC 203 ? 1_555 93.2  ? 
14 NE2 ? A HIS 95  ? A HIS 95  ? 1_555 FE ? B FE2 . ? A FE2 201 ? 1_555 O2  ? D 6PC .   ? A 6PC 203 ? 1_555 176.5 ? 
15 N2  ? D 6PC .   ? A 6PC 203 ? 1_555 FE ? B FE2 . ? A FE2 201 ? 1_555 O2  ? D 6PC .   ? A 6PC 203 ? 1_555 76.2  ? 
16 SG  ? A CYS 125 ? A CYS 125 ? 1_555 FE ? C FE2 . ? A FE2 202 ? 1_555 SG  ? A CYS 128 ? A CYS 128 ? 1_555 112.6 ? 
17 SG  ? A CYS 125 ? A CYS 125 ? 1_555 FE ? C FE2 . ? A FE2 202 ? 1_555 SG  ? A CYS 162 ? A CYS 162 ? 1_555 109.6 ? 
18 SG  ? A CYS 128 ? A CYS 128 ? 1_555 FE ? C FE2 . ? A FE2 202 ? 1_555 SG  ? A CYS 162 ? A CYS 162 ? 1_555 101.2 ? 
19 SG  ? A CYS 125 ? A CYS 125 ? 1_555 FE ? C FE2 . ? A FE2 202 ? 1_555 SG  ? A CYS 165 ? A CYS 165 ? 1_555 103.5 ? 
20 SG  ? A CYS 128 ? A CYS 128 ? 1_555 FE ? C FE2 . ? A FE2 202 ? 1_555 SG  ? A CYS 165 ? A CYS 165 ? 1_555 117.9 ? 
21 SG  ? A CYS 162 ? A CYS 162 ? 1_555 FE ? C FE2 . ? A FE2 202 ? 1_555 SG  ? A CYS 165 ? A CYS 165 ? 1_555 112.1 ? 
# 
loop_
_pdbx_audit_revision_history.ordinal 
_pdbx_audit_revision_history.data_content_type 
_pdbx_audit_revision_history.major_revision 
_pdbx_audit_revision_history.minor_revision 
_pdbx_audit_revision_history.revision_date 
1 'Structure model' 1 0 2015-05-06 
2 'Structure model' 1 1 2015-07-15 
3 'Structure model' 1 2 2017-11-15 
4 'Structure model' 1 3 2019-07-17 
5 'Structure model' 1 4 2023-09-20 
# 
_pdbx_audit_revision_details.ordinal             1 
_pdbx_audit_revision_details.revision_ordinal    1 
_pdbx_audit_revision_details.data_content_type   'Structure model' 
_pdbx_audit_revision_details.provider            repository 
_pdbx_audit_revision_details.type                'Initial release' 
_pdbx_audit_revision_details.description         ? 
_pdbx_audit_revision_details.details             ? 
# 
loop_
_pdbx_audit_revision_group.ordinal 
_pdbx_audit_revision_group.revision_ordinal 
_pdbx_audit_revision_group.data_content_type 
_pdbx_audit_revision_group.group 
1 2 'Structure model' 'Database references'    
2 3 'Structure model' 'Refinement description' 
3 4 'Structure model' 'Data collection'        
4 4 'Structure model' 'Refinement description' 
5 5 'Structure model' 'Data collection'        
6 5 'Structure model' 'Database references'    
7 5 'Structure model' 'Derived calculations'   
8 5 'Structure model' 'Refinement description' 
# 
loop_
_pdbx_audit_revision_category.ordinal 
_pdbx_audit_revision_category.revision_ordinal 
_pdbx_audit_revision_category.data_content_type 
_pdbx_audit_revision_category.category 
1 3 'Structure model' software                      
2 4 'Structure model' software                      
3 5 'Structure model' chem_comp_atom                
4 5 'Structure model' chem_comp_bond                
5 5 'Structure model' database_2                    
6 5 'Structure model' pdbx_initial_refinement_model 
7 5 'Structure model' pdbx_struct_conn_angle        
8 5 'Structure model' struct_conn                   
9 5 'Structure model' struct_site                   
# 
loop_
_pdbx_audit_revision_item.ordinal 
_pdbx_audit_revision_item.revision_ordinal 
_pdbx_audit_revision_item.data_content_type 
_pdbx_audit_revision_item.item 
1  3 'Structure model' '_software.name'                              
2  4 'Structure model' '_software.contact_author'                    
3  4 'Structure model' '_software.contact_author_email'              
4  4 'Structure model' '_software.language'                          
5  4 'Structure model' '_software.location'                          
6  4 'Structure model' '_software.name'                              
7  4 'Structure model' '_software.type'                              
8  4 'Structure model' '_software.version'                           
9  5 'Structure model' '_database_2.pdbx_DOI'                        
10 5 'Structure model' '_database_2.pdbx_database_accession'         
11 5 'Structure model' '_pdbx_struct_conn_angle.ptnr1_auth_comp_id'  
12 5 'Structure model' '_pdbx_struct_conn_angle.ptnr1_auth_seq_id'   
13 5 'Structure model' '_pdbx_struct_conn_angle.ptnr1_label_asym_id' 
14 5 'Structure model' '_pdbx_struct_conn_angle.ptnr1_label_atom_id' 
15 5 'Structure model' '_pdbx_struct_conn_angle.ptnr1_label_comp_id' 
16 5 'Structure model' '_pdbx_struct_conn_angle.ptnr1_label_seq_id'  
17 5 'Structure model' '_pdbx_struct_conn_angle.ptnr3_auth_comp_id'  
18 5 'Structure model' '_pdbx_struct_conn_angle.ptnr3_auth_seq_id'   
19 5 'Structure model' '_pdbx_struct_conn_angle.ptnr3_label_asym_id' 
20 5 'Structure model' '_pdbx_struct_conn_angle.ptnr3_label_atom_id' 
21 5 'Structure model' '_pdbx_struct_conn_angle.ptnr3_label_comp_id' 
22 5 'Structure model' '_pdbx_struct_conn_angle.ptnr3_label_seq_id'  
23 5 'Structure model' '_pdbx_struct_conn_angle.value'               
24 5 'Structure model' '_struct_conn.pdbx_dist_value'                
25 5 'Structure model' '_struct_conn.ptnr1_auth_comp_id'             
26 5 'Structure model' '_struct_conn.ptnr1_auth_seq_id'              
27 5 'Structure model' '_struct_conn.ptnr1_label_asym_id'            
28 5 'Structure model' '_struct_conn.ptnr1_label_atom_id'            
29 5 'Structure model' '_struct_conn.ptnr1_label_comp_id'            
30 5 'Structure model' '_struct_conn.ptnr1_label_seq_id'             
31 5 'Structure model' '_struct_conn.ptnr2_auth_comp_id'             
32 5 'Structure model' '_struct_conn.ptnr2_auth_seq_id'              
33 5 'Structure model' '_struct_conn.ptnr2_label_asym_id'            
34 5 'Structure model' '_struct_conn.ptnr2_label_atom_id'            
35 5 'Structure model' '_struct_conn.ptnr2_label_comp_id'            
36 5 'Structure model' '_struct_site.pdbx_auth_asym_id'              
37 5 'Structure model' '_struct_site.pdbx_auth_comp_id'              
38 5 'Structure model' '_struct_site.pdbx_auth_seq_id'               
# 
loop_
_software.pdbx_ordinal 
_software.name 
_software.version 
_software.date 
_software.type 
_software.contact_author 
_software.contact_author_email 
_software.classification 
_software.location 
_software.language 
_software.citation_id 
1 PHENIX      1.7.3_928 ?                ?       ?                    ?                        refinement        ? ?          ? 
2 PDB_EXTRACT 3.11      'April 22, 2011' package PDB                  deposit@deposit.rcsb.org 'data extraction' 
http://sw-tools.pdb.org/apps/PDB_EXTRACT/    C++        ? 
3 SERGUI      .         ?                ?       ?                    ?                        'data collection' ? ?          ? 
4 HKL-2000    .         ?                ?       ?                    ?                        'data reduction'  ? ?          ? 
5 HKL-2000    .         ?                ?       ?                    ?                        'data scaling'    ? ?          ? 
6 MOLREP      .         ?                ?       ?                    ?                        phasing           ? ?          ? 
7 REFMAC      .         ?                program 'Garib N. Murshudov' garib@ysbl.york.ac.uk    refinement        
http://www.ccp4.ac.uk/dist/html/refmac5.html Fortran_77 ? 
# 
loop_
_pdbx_validate_symm_contact.id 
_pdbx_validate_symm_contact.PDB_model_num 
_pdbx_validate_symm_contact.auth_atom_id_1 
_pdbx_validate_symm_contact.auth_asym_id_1 
_pdbx_validate_symm_contact.auth_comp_id_1 
_pdbx_validate_symm_contact.auth_seq_id_1 
_pdbx_validate_symm_contact.PDB_ins_code_1 
_pdbx_validate_symm_contact.label_alt_id_1 
_pdbx_validate_symm_contact.site_symmetry_1 
_pdbx_validate_symm_contact.auth_atom_id_2 
_pdbx_validate_symm_contact.auth_asym_id_2 
_pdbx_validate_symm_contact.auth_comp_id_2 
_pdbx_validate_symm_contact.auth_seq_id_2 
_pdbx_validate_symm_contact.PDB_ins_code_2 
_pdbx_validate_symm_contact.label_alt_id_2 
_pdbx_validate_symm_contact.site_symmetry_2 
_pdbx_validate_symm_contact.dist 
1 1 O A HOH 311 ? ? 1_555 O A HOH 427 ? ? 10_445 1.78 
2 1 O A HOH 406 ? ? 1_555 O A HOH 438 ? ? 10_445 2.06 
# 
loop_
_pdbx_validate_torsion.id 
_pdbx_validate_torsion.PDB_model_num 
_pdbx_validate_torsion.auth_comp_id 
_pdbx_validate_torsion.auth_asym_id 
_pdbx_validate_torsion.auth_seq_id 
_pdbx_validate_torsion.PDB_ins_code 
_pdbx_validate_torsion.label_alt_id 
_pdbx_validate_torsion.phi 
_pdbx_validate_torsion.psi 
1 1 LEU A 21 ? ? -96.96 44.17 
2 1 HIS A 92 ? ? 73.45  -2.45 
# 
loop_
_pdbx_unobs_or_zero_occ_atoms.id 
_pdbx_unobs_or_zero_occ_atoms.PDB_model_num 
_pdbx_unobs_or_zero_occ_atoms.polymer_flag 
_pdbx_unobs_or_zero_occ_atoms.occupancy_flag 
_pdbx_unobs_or_zero_occ_atoms.auth_asym_id 
_pdbx_unobs_or_zero_occ_atoms.auth_comp_id 
_pdbx_unobs_or_zero_occ_atoms.auth_seq_id 
_pdbx_unobs_or_zero_occ_atoms.PDB_ins_code 
_pdbx_unobs_or_zero_occ_atoms.auth_atom_id 
_pdbx_unobs_or_zero_occ_atoms.label_alt_id 
_pdbx_unobs_or_zero_occ_atoms.label_asym_id 
_pdbx_unobs_or_zero_occ_atoms.label_comp_id 
_pdbx_unobs_or_zero_occ_atoms.label_seq_id 
_pdbx_unobs_or_zero_occ_atoms.label_atom_id 
1 1 Y 1 A ARG 75 ? CG  ? A ARG 75 CG  
2 1 Y 1 A ARG 75 ? CD  ? A ARG 75 CD  
3 1 Y 1 A ARG 75 ? NE  ? A ARG 75 NE  
4 1 Y 1 A ARG 75 ? CZ  ? A ARG 75 CZ  
5 1 Y 1 A ARG 75 ? NH1 ? A ARG 75 NH1 
6 1 Y 1 A ARG 75 ? NH2 ? A ARG 75 NH2 
# 
loop_
_chem_comp_atom.comp_id 
_chem_comp_atom.atom_id 
_chem_comp_atom.type_symbol 
_chem_comp_atom.pdbx_aromatic_flag 
_chem_comp_atom.pdbx_stereo_config 
_chem_comp_atom.pdbx_ordinal 
6PC C1   C  Y N 1   
6PC C3   C  Y N 2   
6PC C4   C  Y N 3   
6PC C2   C  N N 4   
6PC C5   C  Y N 5   
6PC C6   C  Y N 6   
6PC O1   O  N N 7   
6PC O2   O  N N 8   
6PC N2   N  Y N 9   
6PC H3   H  N N 10  
6PC H4   H  N N 11  
6PC H5   H  N N 12  
6PC H6   H  N N 13  
6PC HO2  H  N N 14  
ALA N    N  N N 15  
ALA CA   C  N S 16  
ALA C    C  N N 17  
ALA O    O  N N 18  
ALA CB   C  N N 19  
ALA OXT  O  N N 20  
ALA H    H  N N 21  
ALA H2   H  N N 22  
ALA HA   H  N N 23  
ALA HB1  H  N N 24  
ALA HB2  H  N N 25  
ALA HB3  H  N N 26  
ALA HXT  H  N N 27  
ARG N    N  N N 28  
ARG CA   C  N S 29  
ARG C    C  N N 30  
ARG O    O  N N 31  
ARG CB   C  N N 32  
ARG CG   C  N N 33  
ARG CD   C  N N 34  
ARG NE   N  N N 35  
ARG CZ   C  N N 36  
ARG NH1  N  N N 37  
ARG NH2  N  N N 38  
ARG OXT  O  N N 39  
ARG H    H  N N 40  
ARG H2   H  N N 41  
ARG HA   H  N N 42  
ARG HB2  H  N N 43  
ARG HB3  H  N N 44  
ARG HG2  H  N N 45  
ARG HG3  H  N N 46  
ARG HD2  H  N N 47  
ARG HD3  H  N N 48  
ARG HE   H  N N 49  
ARG HH11 H  N N 50  
ARG HH12 H  N N 51  
ARG HH21 H  N N 52  
ARG HH22 H  N N 53  
ARG HXT  H  N N 54  
ASN N    N  N N 55  
ASN CA   C  N S 56  
ASN C    C  N N 57  
ASN O    O  N N 58  
ASN CB   C  N N 59  
ASN CG   C  N N 60  
ASN OD1  O  N N 61  
ASN ND2  N  N N 62  
ASN OXT  O  N N 63  
ASN H    H  N N 64  
ASN H2   H  N N 65  
ASN HA   H  N N 66  
ASN HB2  H  N N 67  
ASN HB3  H  N N 68  
ASN HD21 H  N N 69  
ASN HD22 H  N N 70  
ASN HXT  H  N N 71  
ASP N    N  N N 72  
ASP CA   C  N S 73  
ASP C    C  N N 74  
ASP O    O  N N 75  
ASP CB   C  N N 76  
ASP CG   C  N N 77  
ASP OD1  O  N N 78  
ASP OD2  O  N N 79  
ASP OXT  O  N N 80  
ASP H    H  N N 81  
ASP H2   H  N N 82  
ASP HA   H  N N 83  
ASP HB2  H  N N 84  
ASP HB3  H  N N 85  
ASP HD2  H  N N 86  
ASP HXT  H  N N 87  
CYS N    N  N N 88  
CYS CA   C  N R 89  
CYS C    C  N N 90  
CYS O    O  N N 91  
CYS CB   C  N N 92  
CYS SG   S  N N 93  
CYS OXT  O  N N 94  
CYS H    H  N N 95  
CYS H2   H  N N 96  
CYS HA   H  N N 97  
CYS HB2  H  N N 98  
CYS HB3  H  N N 99  
CYS HG   H  N N 100 
CYS HXT  H  N N 101 
FE2 FE   FE N N 102 
GLN N    N  N N 103 
GLN CA   C  N S 104 
GLN C    C  N N 105 
GLN O    O  N N 106 
GLN CB   C  N N 107 
GLN CG   C  N N 108 
GLN CD   C  N N 109 
GLN OE1  O  N N 110 
GLN NE2  N  N N 111 
GLN OXT  O  N N 112 
GLN H    H  N N 113 
GLN H2   H  N N 114 
GLN HA   H  N N 115 
GLN HB2  H  N N 116 
GLN HB3  H  N N 117 
GLN HG2  H  N N 118 
GLN HG3  H  N N 119 
GLN HE21 H  N N 120 
GLN HE22 H  N N 121 
GLN HXT  H  N N 122 
GLU N    N  N N 123 
GLU CA   C  N S 124 
GLU C    C  N N 125 
GLU O    O  N N 126 
GLU CB   C  N N 127 
GLU CG   C  N N 128 
GLU CD   C  N N 129 
GLU OE1  O  N N 130 
GLU OE2  O  N N 131 
GLU OXT  O  N N 132 
GLU H    H  N N 133 
GLU H2   H  N N 134 
GLU HA   H  N N 135 
GLU HB2  H  N N 136 
GLU HB3  H  N N 137 
GLU HG2  H  N N 138 
GLU HG3  H  N N 139 
GLU HE2  H  N N 140 
GLU HXT  H  N N 141 
GLY N    N  N N 142 
GLY CA   C  N N 143 
GLY C    C  N N 144 
GLY O    O  N N 145 
GLY OXT  O  N N 146 
GLY H    H  N N 147 
GLY H2   H  N N 148 
GLY HA2  H  N N 149 
GLY HA3  H  N N 150 
GLY HXT  H  N N 151 
HIS N    N  N N 152 
HIS CA   C  N S 153 
HIS C    C  N N 154 
HIS O    O  N N 155 
HIS CB   C  N N 156 
HIS CG   C  Y N 157 
HIS ND1  N  Y N 158 
HIS CD2  C  Y N 159 
HIS CE1  C  Y N 160 
HIS NE2  N  Y N 161 
HIS OXT  O  N N 162 
HIS H    H  N N 163 
HIS H2   H  N N 164 
HIS HA   H  N N 165 
HIS HB2  H  N N 166 
HIS HB3  H  N N 167 
HIS HD1  H  N N 168 
HIS HD2  H  N N 169 
HIS HE1  H  N N 170 
HIS HE2  H  N N 171 
HIS HXT  H  N N 172 
HOH O    O  N N 173 
HOH H1   H  N N 174 
HOH H2   H  N N 175 
ILE N    N  N N 176 
ILE CA   C  N S 177 
ILE C    C  N N 178 
ILE O    O  N N 179 
ILE CB   C  N S 180 
ILE CG1  C  N N 181 
ILE CG2  C  N N 182 
ILE CD1  C  N N 183 
ILE OXT  O  N N 184 
ILE H    H  N N 185 
ILE H2   H  N N 186 
ILE HA   H  N N 187 
ILE HB   H  N N 188 
ILE HG12 H  N N 189 
ILE HG13 H  N N 190 
ILE HG21 H  N N 191 
ILE HG22 H  N N 192 
ILE HG23 H  N N 193 
ILE HD11 H  N N 194 
ILE HD12 H  N N 195 
ILE HD13 H  N N 196 
ILE HXT  H  N N 197 
LEU N    N  N N 198 
LEU CA   C  N S 199 
LEU C    C  N N 200 
LEU O    O  N N 201 
LEU CB   C  N N 202 
LEU CG   C  N N 203 
LEU CD1  C  N N 204 
LEU CD2  C  N N 205 
LEU OXT  O  N N 206 
LEU H    H  N N 207 
LEU H2   H  N N 208 
LEU HA   H  N N 209 
LEU HB2  H  N N 210 
LEU HB3  H  N N 211 
LEU HG   H  N N 212 
LEU HD11 H  N N 213 
LEU HD12 H  N N 214 
LEU HD13 H  N N 215 
LEU HD21 H  N N 216 
LEU HD22 H  N N 217 
LEU HD23 H  N N 218 
LEU HXT  H  N N 219 
LYS N    N  N N 220 
LYS CA   C  N S 221 
LYS C    C  N N 222 
LYS O    O  N N 223 
LYS CB   C  N N 224 
LYS CG   C  N N 225 
LYS CD   C  N N 226 
LYS CE   C  N N 227 
LYS NZ   N  N N 228 
LYS OXT  O  N N 229 
LYS H    H  N N 230 
LYS H2   H  N N 231 
LYS HA   H  N N 232 
LYS HB2  H  N N 233 
LYS HB3  H  N N 234 
LYS HG2  H  N N 235 
LYS HG3  H  N N 236 
LYS HD2  H  N N 237 
LYS HD3  H  N N 238 
LYS HE2  H  N N 239 
LYS HE3  H  N N 240 
LYS HZ1  H  N N 241 
LYS HZ2  H  N N 242 
LYS HZ3  H  N N 243 
LYS HXT  H  N N 244 
MET N    N  N N 245 
MET CA   C  N S 246 
MET C    C  N N 247 
MET O    O  N N 248 
MET CB   C  N N 249 
MET CG   C  N N 250 
MET SD   S  N N 251 
MET CE   C  N N 252 
MET OXT  O  N N 253 
MET H    H  N N 254 
MET H2   H  N N 255 
MET HA   H  N N 256 
MET HB2  H  N N 257 
MET HB3  H  N N 258 
MET HG2  H  N N 259 
MET HG3  H  N N 260 
MET HE1  H  N N 261 
MET HE2  H  N N 262 
MET HE3  H  N N 263 
MET HXT  H  N N 264 
PHE N    N  N N 265 
PHE CA   C  N S 266 
PHE C    C  N N 267 
PHE O    O  N N 268 
PHE CB   C  N N 269 
PHE CG   C  Y N 270 
PHE CD1  C  Y N 271 
PHE CD2  C  Y N 272 
PHE CE1  C  Y N 273 
PHE CE2  C  Y N 274 
PHE CZ   C  Y N 275 
PHE OXT  O  N N 276 
PHE H    H  N N 277 
PHE H2   H  N N 278 
PHE HA   H  N N 279 
PHE HB2  H  N N 280 
PHE HB3  H  N N 281 
PHE HD1  H  N N 282 
PHE HD2  H  N N 283 
PHE HE1  H  N N 284 
PHE HE2  H  N N 285 
PHE HZ   H  N N 286 
PHE HXT  H  N N 287 
PRO N    N  N N 288 
PRO CA   C  N S 289 
PRO C    C  N N 290 
PRO O    O  N N 291 
PRO CB   C  N N 292 
PRO CG   C  N N 293 
PRO CD   C  N N 294 
PRO OXT  O  N N 295 
PRO H    H  N N 296 
PRO HA   H  N N 297 
PRO HB2  H  N N 298 
PRO HB3  H  N N 299 
PRO HG2  H  N N 300 
PRO HG3  H  N N 301 
PRO HD2  H  N N 302 
PRO HD3  H  N N 303 
PRO HXT  H  N N 304 
SER N    N  N N 305 
SER CA   C  N S 306 
SER C    C  N N 307 
SER O    O  N N 308 
SER CB   C  N N 309 
SER OG   O  N N 310 
SER OXT  O  N N 311 
SER H    H  N N 312 
SER H2   H  N N 313 
SER HA   H  N N 314 
SER HB2  H  N N 315 
SER HB3  H  N N 316 
SER HG   H  N N 317 
SER HXT  H  N N 318 
THR N    N  N N 319 
THR CA   C  N S 320 
THR C    C  N N 321 
THR O    O  N N 322 
THR CB   C  N R 323 
THR OG1  O  N N 324 
THR CG2  C  N N 325 
THR OXT  O  N N 326 
THR H    H  N N 327 
THR H2   H  N N 328 
THR HA   H  N N 329 
THR HB   H  N N 330 
THR HG1  H  N N 331 
THR HG21 H  N N 332 
THR HG22 H  N N 333 
THR HG23 H  N N 334 
THR HXT  H  N N 335 
TRP N    N  N N 336 
TRP CA   C  N S 337 
TRP C    C  N N 338 
TRP O    O  N N 339 
TRP CB   C  N N 340 
TRP CG   C  Y N 341 
TRP CD1  C  Y N 342 
TRP CD2  C  Y N 343 
TRP NE1  N  Y N 344 
TRP CE2  C  Y N 345 
TRP CE3  C  Y N 346 
TRP CZ2  C  Y N 347 
TRP CZ3  C  Y N 348 
TRP CH2  C  Y N 349 
TRP OXT  O  N N 350 
TRP H    H  N N 351 
TRP H2   H  N N 352 
TRP HA   H  N N 353 
TRP HB2  H  N N 354 
TRP HB3  H  N N 355 
TRP HD1  H  N N 356 
TRP HE1  H  N N 357 
TRP HE3  H  N N 358 
TRP HZ2  H  N N 359 
TRP HZ3  H  N N 360 
TRP HH2  H  N N 361 
TRP HXT  H  N N 362 
TYR N    N  N N 363 
TYR CA   C  N S 364 
TYR C    C  N N 365 
TYR O    O  N N 366 
TYR CB   C  N N 367 
TYR CG   C  Y N 368 
TYR CD1  C  Y N 369 
TYR CD2  C  Y N 370 
TYR CE1  C  Y N 371 
TYR CE2  C  Y N 372 
TYR CZ   C  Y N 373 
TYR OH   O  N N 374 
TYR OXT  O  N N 375 
TYR H    H  N N 376 
TYR H2   H  N N 377 
TYR HA   H  N N 378 
TYR HB2  H  N N 379 
TYR HB3  H  N N 380 
TYR HD1  H  N N 381 
TYR HD2  H  N N 382 
TYR HE1  H  N N 383 
TYR HE2  H  N N 384 
TYR HH   H  N N 385 
TYR HXT  H  N N 386 
VAL N    N  N N 387 
VAL CA   C  N S 388 
VAL C    C  N N 389 
VAL O    O  N N 390 
VAL CB   C  N N 391 
VAL CG1  C  N N 392 
VAL CG2  C  N N 393 
VAL OXT  O  N N 394 
VAL H    H  N N 395 
VAL H2   H  N N 396 
VAL HA   H  N N 397 
VAL HB   H  N N 398 
VAL HG11 H  N N 399 
VAL HG12 H  N N 400 
VAL HG13 H  N N 401 
VAL HG21 H  N N 402 
VAL HG22 H  N N 403 
VAL HG23 H  N N 404 
VAL HXT  H  N N 405 
# 
loop_
_chem_comp_bond.comp_id 
_chem_comp_bond.atom_id_1 
_chem_comp_bond.atom_id_2 
_chem_comp_bond.value_order 
_chem_comp_bond.pdbx_aromatic_flag 
_chem_comp_bond.pdbx_stereo_config 
_chem_comp_bond.pdbx_ordinal 
6PC C1  C2   sing N N 1   
6PC C1  C6   doub Y N 2   
6PC C1  N2   sing Y N 3   
6PC C3  C4   sing Y N 4   
6PC C3  N2   doub Y N 5   
6PC C3  H3   sing N N 6   
6PC C4  C5   doub Y N 7   
6PC C4  H4   sing N N 8   
6PC C2  O1   doub N N 9   
6PC C2  O2   sing N N 10  
6PC C5  C6   sing Y N 11  
6PC C5  H5   sing N N 12  
6PC C6  H6   sing N N 13  
6PC O2  HO2  sing N N 14  
ALA N   CA   sing N N 15  
ALA N   H    sing N N 16  
ALA N   H2   sing N N 17  
ALA CA  C    sing N N 18  
ALA CA  CB   sing N N 19  
ALA CA  HA   sing N N 20  
ALA C   O    doub N N 21  
ALA C   OXT  sing N N 22  
ALA CB  HB1  sing N N 23  
ALA CB  HB2  sing N N 24  
ALA CB  HB3  sing N N 25  
ALA OXT HXT  sing N N 26  
ARG N   CA   sing N N 27  
ARG N   H    sing N N 28  
ARG N   H2   sing N N 29  
ARG CA  C    sing N N 30  
ARG CA  CB   sing N N 31  
ARG CA  HA   sing N N 32  
ARG C   O    doub N N 33  
ARG C   OXT  sing N N 34  
ARG CB  CG   sing N N 35  
ARG CB  HB2  sing N N 36  
ARG CB  HB3  sing N N 37  
ARG CG  CD   sing N N 38  
ARG CG  HG2  sing N N 39  
ARG CG  HG3  sing N N 40  
ARG CD  NE   sing N N 41  
ARG CD  HD2  sing N N 42  
ARG CD  HD3  sing N N 43  
ARG NE  CZ   sing N N 44  
ARG NE  HE   sing N N 45  
ARG CZ  NH1  sing N N 46  
ARG CZ  NH2  doub N N 47  
ARG NH1 HH11 sing N N 48  
ARG NH1 HH12 sing N N 49  
ARG NH2 HH21 sing N N 50  
ARG NH2 HH22 sing N N 51  
ARG OXT HXT  sing N N 52  
ASN N   CA   sing N N 53  
ASN N   H    sing N N 54  
ASN N   H2   sing N N 55  
ASN CA  C    sing N N 56  
ASN CA  CB   sing N N 57  
ASN CA  HA   sing N N 58  
ASN C   O    doub N N 59  
ASN C   OXT  sing N N 60  
ASN CB  CG   sing N N 61  
ASN CB  HB2  sing N N 62  
ASN CB  HB3  sing N N 63  
ASN CG  OD1  doub N N 64  
ASN CG  ND2  sing N N 65  
ASN ND2 HD21 sing N N 66  
ASN ND2 HD22 sing N N 67  
ASN OXT HXT  sing N N 68  
ASP N   CA   sing N N 69  
ASP N   H    sing N N 70  
ASP N   H2   sing N N 71  
ASP CA  C    sing N N 72  
ASP CA  CB   sing N N 73  
ASP CA  HA   sing N N 74  
ASP C   O    doub N N 75  
ASP C   OXT  sing N N 76  
ASP CB  CG   sing N N 77  
ASP CB  HB2  sing N N 78  
ASP CB  HB3  sing N N 79  
ASP CG  OD1  doub N N 80  
ASP CG  OD2  sing N N 81  
ASP OD2 HD2  sing N N 82  
ASP OXT HXT  sing N N 83  
CYS N   CA   sing N N 84  
CYS N   H    sing N N 85  
CYS N   H2   sing N N 86  
CYS CA  C    sing N N 87  
CYS CA  CB   sing N N 88  
CYS CA  HA   sing N N 89  
CYS C   O    doub N N 90  
CYS C   OXT  sing N N 91  
CYS CB  SG   sing N N 92  
CYS CB  HB2  sing N N 93  
CYS CB  HB3  sing N N 94  
CYS SG  HG   sing N N 95  
CYS OXT HXT  sing N N 96  
GLN N   CA   sing N N 97  
GLN N   H    sing N N 98  
GLN N   H2   sing N N 99  
GLN CA  C    sing N N 100 
GLN CA  CB   sing N N 101 
GLN CA  HA   sing N N 102 
GLN C   O    doub N N 103 
GLN C   OXT  sing N N 104 
GLN CB  CG   sing N N 105 
GLN CB  HB2  sing N N 106 
GLN CB  HB3  sing N N 107 
GLN CG  CD   sing N N 108 
GLN CG  HG2  sing N N 109 
GLN CG  HG3  sing N N 110 
GLN CD  OE1  doub N N 111 
GLN CD  NE2  sing N N 112 
GLN NE2 HE21 sing N N 113 
GLN NE2 HE22 sing N N 114 
GLN OXT HXT  sing N N 115 
GLU N   CA   sing N N 116 
GLU N   H    sing N N 117 
GLU N   H2   sing N N 118 
GLU CA  C    sing N N 119 
GLU CA  CB   sing N N 120 
GLU CA  HA   sing N N 121 
GLU C   O    doub N N 122 
GLU C   OXT  sing N N 123 
GLU CB  CG   sing N N 124 
GLU CB  HB2  sing N N 125 
GLU CB  HB3  sing N N 126 
GLU CG  CD   sing N N 127 
GLU CG  HG2  sing N N 128 
GLU CG  HG3  sing N N 129 
GLU CD  OE1  doub N N 130 
GLU CD  OE2  sing N N 131 
GLU OE2 HE2  sing N N 132 
GLU OXT HXT  sing N N 133 
GLY N   CA   sing N N 134 
GLY N   H    sing N N 135 
GLY N   H2   sing N N 136 
GLY CA  C    sing N N 137 
GLY CA  HA2  sing N N 138 
GLY CA  HA3  sing N N 139 
GLY C   O    doub N N 140 
GLY C   OXT  sing N N 141 
GLY OXT HXT  sing N N 142 
HIS N   CA   sing N N 143 
HIS N   H    sing N N 144 
HIS N   H2   sing N N 145 
HIS CA  C    sing N N 146 
HIS CA  CB   sing N N 147 
HIS CA  HA   sing N N 148 
HIS C   O    doub N N 149 
HIS C   OXT  sing N N 150 
HIS CB  CG   sing N N 151 
HIS CB  HB2  sing N N 152 
HIS CB  HB3  sing N N 153 
HIS CG  ND1  sing Y N 154 
HIS CG  CD2  doub Y N 155 
HIS ND1 CE1  doub Y N 156 
HIS ND1 HD1  sing N N 157 
HIS CD2 NE2  sing Y N 158 
HIS CD2 HD2  sing N N 159 
HIS CE1 NE2  sing Y N 160 
HIS CE1 HE1  sing N N 161 
HIS NE2 HE2  sing N N 162 
HIS OXT HXT  sing N N 163 
HOH O   H1   sing N N 164 
HOH O   H2   sing N N 165 
ILE N   CA   sing N N 166 
ILE N   H    sing N N 167 
ILE N   H2   sing N N 168 
ILE CA  C    sing N N 169 
ILE CA  CB   sing N N 170 
ILE CA  HA   sing N N 171 
ILE C   O    doub N N 172 
ILE C   OXT  sing N N 173 
ILE CB  CG1  sing N N 174 
ILE CB  CG2  sing N N 175 
ILE CB  HB   sing N N 176 
ILE CG1 CD1  sing N N 177 
ILE CG1 HG12 sing N N 178 
ILE CG1 HG13 sing N N 179 
ILE CG2 HG21 sing N N 180 
ILE CG2 HG22 sing N N 181 
ILE CG2 HG23 sing N N 182 
ILE CD1 HD11 sing N N 183 
ILE CD1 HD12 sing N N 184 
ILE CD1 HD13 sing N N 185 
ILE OXT HXT  sing N N 186 
LEU N   CA   sing N N 187 
LEU N   H    sing N N 188 
LEU N   H2   sing N N 189 
LEU CA  C    sing N N 190 
LEU CA  CB   sing N N 191 
LEU CA  HA   sing N N 192 
LEU C   O    doub N N 193 
LEU C   OXT  sing N N 194 
LEU CB  CG   sing N N 195 
LEU CB  HB2  sing N N 196 
LEU CB  HB3  sing N N 197 
LEU CG  CD1  sing N N 198 
LEU CG  CD2  sing N N 199 
LEU CG  HG   sing N N 200 
LEU CD1 HD11 sing N N 201 
LEU CD1 HD12 sing N N 202 
LEU CD1 HD13 sing N N 203 
LEU CD2 HD21 sing N N 204 
LEU CD2 HD22 sing N N 205 
LEU CD2 HD23 sing N N 206 
LEU OXT HXT  sing N N 207 
LYS N   CA   sing N N 208 
LYS N   H    sing N N 209 
LYS N   H2   sing N N 210 
LYS CA  C    sing N N 211 
LYS CA  CB   sing N N 212 
LYS CA  HA   sing N N 213 
LYS C   O    doub N N 214 
LYS C   OXT  sing N N 215 
LYS CB  CG   sing N N 216 
LYS CB  HB2  sing N N 217 
LYS CB  HB3  sing N N 218 
LYS CG  CD   sing N N 219 
LYS CG  HG2  sing N N 220 
LYS CG  HG3  sing N N 221 
LYS CD  CE   sing N N 222 
LYS CD  HD2  sing N N 223 
LYS CD  HD3  sing N N 224 
LYS CE  NZ   sing N N 225 
LYS CE  HE2  sing N N 226 
LYS CE  HE3  sing N N 227 
LYS NZ  HZ1  sing N N 228 
LYS NZ  HZ2  sing N N 229 
LYS NZ  HZ3  sing N N 230 
LYS OXT HXT  sing N N 231 
MET N   CA   sing N N 232 
MET N   H    sing N N 233 
MET N   H2   sing N N 234 
MET CA  C    sing N N 235 
MET CA  CB   sing N N 236 
MET CA  HA   sing N N 237 
MET C   O    doub N N 238 
MET C   OXT  sing N N 239 
MET CB  CG   sing N N 240 
MET CB  HB2  sing N N 241 
MET CB  HB3  sing N N 242 
MET CG  SD   sing N N 243 
MET CG  HG2  sing N N 244 
MET CG  HG3  sing N N 245 
MET SD  CE   sing N N 246 
MET CE  HE1  sing N N 247 
MET CE  HE2  sing N N 248 
MET CE  HE3  sing N N 249 
MET OXT HXT  sing N N 250 
PHE N   CA   sing N N 251 
PHE N   H    sing N N 252 
PHE N   H2   sing N N 253 
PHE CA  C    sing N N 254 
PHE CA  CB   sing N N 255 
PHE CA  HA   sing N N 256 
PHE C   O    doub N N 257 
PHE C   OXT  sing N N 258 
PHE CB  CG   sing N N 259 
PHE CB  HB2  sing N N 260 
PHE CB  HB3  sing N N 261 
PHE CG  CD1  doub Y N 262 
PHE CG  CD2  sing Y N 263 
PHE CD1 CE1  sing Y N 264 
PHE CD1 HD1  sing N N 265 
PHE CD2 CE2  doub Y N 266 
PHE CD2 HD2  sing N N 267 
PHE CE1 CZ   doub Y N 268 
PHE CE1 HE1  sing N N 269 
PHE CE2 CZ   sing Y N 270 
PHE CE2 HE2  sing N N 271 
PHE CZ  HZ   sing N N 272 
PHE OXT HXT  sing N N 273 
PRO N   CA   sing N N 274 
PRO N   CD   sing N N 275 
PRO N   H    sing N N 276 
PRO CA  C    sing N N 277 
PRO CA  CB   sing N N 278 
PRO CA  HA   sing N N 279 
PRO C   O    doub N N 280 
PRO C   OXT  sing N N 281 
PRO CB  CG   sing N N 282 
PRO CB  HB2  sing N N 283 
PRO CB  HB3  sing N N 284 
PRO CG  CD   sing N N 285 
PRO CG  HG2  sing N N 286 
PRO CG  HG3  sing N N 287 
PRO CD  HD2  sing N N 288 
PRO CD  HD3  sing N N 289 
PRO OXT HXT  sing N N 290 
SER N   CA   sing N N 291 
SER N   H    sing N N 292 
SER N   H2   sing N N 293 
SER CA  C    sing N N 294 
SER CA  CB   sing N N 295 
SER CA  HA   sing N N 296 
SER C   O    doub N N 297 
SER C   OXT  sing N N 298 
SER CB  OG   sing N N 299 
SER CB  HB2  sing N N 300 
SER CB  HB3  sing N N 301 
SER OG  HG   sing N N 302 
SER OXT HXT  sing N N 303 
THR N   CA   sing N N 304 
THR N   H    sing N N 305 
THR N   H2   sing N N 306 
THR CA  C    sing N N 307 
THR CA  CB   sing N N 308 
THR CA  HA   sing N N 309 
THR C   O    doub N N 310 
THR C   OXT  sing N N 311 
THR CB  OG1  sing N N 312 
THR CB  CG2  sing N N 313 
THR CB  HB   sing N N 314 
THR OG1 HG1  sing N N 315 
THR CG2 HG21 sing N N 316 
THR CG2 HG22 sing N N 317 
THR CG2 HG23 sing N N 318 
THR OXT HXT  sing N N 319 
TRP N   CA   sing N N 320 
TRP N   H    sing N N 321 
TRP N   H2   sing N N 322 
TRP CA  C    sing N N 323 
TRP CA  CB   sing N N 324 
TRP CA  HA   sing N N 325 
TRP C   O    doub N N 326 
TRP C   OXT  sing N N 327 
TRP CB  CG   sing N N 328 
TRP CB  HB2  sing N N 329 
TRP CB  HB3  sing N N 330 
TRP CG  CD1  doub Y N 331 
TRP CG  CD2  sing Y N 332 
TRP CD1 NE1  sing Y N 333 
TRP CD1 HD1  sing N N 334 
TRP CD2 CE2  doub Y N 335 
TRP CD2 CE3  sing Y N 336 
TRP NE1 CE2  sing Y N 337 
TRP NE1 HE1  sing N N 338 
TRP CE2 CZ2  sing Y N 339 
TRP CE3 CZ3  doub Y N 340 
TRP CE3 HE3  sing N N 341 
TRP CZ2 CH2  doub Y N 342 
TRP CZ2 HZ2  sing N N 343 
TRP CZ3 CH2  sing Y N 344 
TRP CZ3 HZ3  sing N N 345 
TRP CH2 HH2  sing N N 346 
TRP OXT HXT  sing N N 347 
TYR N   CA   sing N N 348 
TYR N   H    sing N N 349 
TYR N   H2   sing N N 350 
TYR CA  C    sing N N 351 
TYR CA  CB   sing N N 352 
TYR CA  HA   sing N N 353 
TYR C   O    doub N N 354 
TYR C   OXT  sing N N 355 
TYR CB  CG   sing N N 356 
TYR CB  HB2  sing N N 357 
TYR CB  HB3  sing N N 358 
TYR CG  CD1  doub Y N 359 
TYR CG  CD2  sing Y N 360 
TYR CD1 CE1  sing Y N 361 
TYR CD1 HD1  sing N N 362 
TYR CD2 CE2  doub Y N 363 
TYR CD2 HD2  sing N N 364 
TYR CE1 CZ   doub Y N 365 
TYR CE1 HE1  sing N N 366 
TYR CE2 CZ   sing Y N 367 
TYR CE2 HE2  sing N N 368 
TYR CZ  OH   sing N N 369 
TYR OH  HH   sing N N 370 
TYR OXT HXT  sing N N 371 
VAL N   CA   sing N N 372 
VAL N   H    sing N N 373 
VAL N   H2   sing N N 374 
VAL CA  C    sing N N 375 
VAL CA  CB   sing N N 376 
VAL CA  HA   sing N N 377 
VAL C   O    doub N N 378 
VAL C   OXT  sing N N 379 
VAL CB  CG1  sing N N 380 
VAL CB  CG2  sing N N 381 
VAL CB  HB   sing N N 382 
VAL CG1 HG11 sing N N 383 
VAL CG1 HG12 sing N N 384 
VAL CG1 HG13 sing N N 385 
VAL CG2 HG21 sing N N 386 
VAL CG2 HG22 sing N N 387 
VAL CG2 HG23 sing N N 388 
VAL OXT HXT  sing N N 389 
# 
loop_
_pdbx_entity_nonpoly.entity_id 
_pdbx_entity_nonpoly.name 
_pdbx_entity_nonpoly.comp_id 
2 'FE (II) ION'                FE2 
3 'PYRIDINE-2-CARBOXYLIC ACID' 6PC 
4 water                        HOH 
# 
_pdbx_initial_refinement_model.id               1 
_pdbx_initial_refinement_model.entity_id_list   ? 
_pdbx_initial_refinement_model.type             'experimental model' 
_pdbx_initial_refinement_model.source_name      PDB 
_pdbx_initial_refinement_model.accession_code   1YFU 
_pdbx_initial_refinement_model.details          ? 
# 
